data_4L9E
# 
_entry.id   4L9E 
# 
_audit_conform.dict_name       mmcif_pdbx.dic 
_audit_conform.dict_version    5.379 
_audit_conform.dict_location   http://mmcif.pdb.org/dictionaries/ascii/mmcif_pdbx.dic 
# 
loop_
_database_2.database_id 
_database_2.database_code 
_database_2.pdbx_database_accession 
_database_2.pdbx_DOI 
PDB   4L9E         pdb_00004l9e 10.2210/pdb4l9e/pdb 
RCSB  RCSB080346   ?            ?                   
WWPDB D_1000080346 ?            ?                   
# 
loop_
_pdbx_database_related.db_name 
_pdbx_database_related.db_id 
_pdbx_database_related.details 
_pdbx_database_related.content_type 
PDB 4HH2 . unspecified 
PDB 4HH3 . unspecified 
PDB 4HH0 . unspecified 
PDB 4L9F . unspecified 
PDB 4L9G . unspecified 
# 
_pdbx_database_status.entry_id                        4L9E 
_pdbx_database_status.deposit_site                    RCSB 
_pdbx_database_status.process_site                    RCSB 
_pdbx_database_status.recvd_initial_deposition_date   2013-06-18 
_pdbx_database_status.status_code                     REL 
_pdbx_database_status.status_code_sf                  REL 
_pdbx_database_status.status_code_mr                  ? 
_pdbx_database_status.SG_entry                        ? 
_pdbx_database_status.status_code_cs                  ? 
_pdbx_database_status.methods_development_category    ? 
_pdbx_database_status.pdb_format_compatible           Y 
_pdbx_database_status.status_code_nmr_data            ? 
# 
loop_
_audit_author.name 
_audit_author.pdbx_ordinal 
'Heintz, U.'      1 
'Meinhart, A.'    2 
'Schlichting, I.' 3 
'Winkler, A.'     4 
# 
_citation.id                        primary 
_citation.title                     'Multi-PAS domain-mediated protein oligomerization of PpsR from Rhodobacter sphaeroides.' 
_citation.journal_abbrev            'Acta Crystallogr.,Sect.D' 
_citation.journal_volume            70 
_citation.page_first                863 
_citation.page_last                 876 
_citation.year                      2014 
_citation.journal_id_ASTM           ABCRE6 
_citation.country                   DK 
_citation.journal_id_ISSN           0907-4449 
_citation.journal_id_CSD            0766 
_citation.book_publisher            ? 
_citation.pdbx_database_id_PubMed   24598755 
_citation.pdbx_database_id_DOI      10.1107/S1399004713033634 
# 
loop_
_citation_author.citation_id 
_citation_author.name 
_citation_author.ordinal 
_citation_author.identifier_ORCID 
primary 'Heintz, U.'   1 ? 
primary 'Meinhart, A.' 2 ? 
primary 'Winkler, A.'  3 ? 
# 
_cell.length_a           50.380 
_cell.length_b           50.380 
_cell.length_c           163.310 
_cell.angle_alpha        90.000 
_cell.angle_beta         90.000 
_cell.angle_gamma        120.000 
_cell.entry_id           4L9E 
_cell.pdbx_unique_axis   ? 
_cell.Z_PDB              12 
_cell.length_a_esd       ? 
_cell.length_b_esd       ? 
_cell.length_c_esd       ? 
_cell.angle_alpha_esd    ? 
_cell.angle_beta_esd     ? 
_cell.angle_gamma_esd    ? 
# 
_symmetry.space_group_name_H-M             'P 61 2 2' 
_symmetry.entry_id                         4L9E 
_symmetry.Int_Tables_number                178 
_symmetry.pdbx_full_space_group_name_H-M   ? 
_symmetry.cell_setting                     ? 
_symmetry.space_group_name_Hall            ? 
# 
loop_
_entity.id 
_entity.type 
_entity.src_method 
_entity.pdbx_description 
_entity.formula_weight 
_entity.pdbx_number_of_molecules 
_entity.pdbx_ec 
_entity.pdbx_mutation 
_entity.pdbx_fragment 
_entity.details 
1 polymer man 'Transcriptional regulator, PpsR' 15319.641 1  ? ? 'UNP residues 123-257' ? 
2 water   nat water                             18.015    82 ? ? ?                      ? 
# 
_entity_poly.entity_id                      1 
_entity_poly.type                           'polypeptide(L)' 
_entity_poly.nstd_linkage                   no 
_entity_poly.nstd_monomer                   no 
_entity_poly.pdbx_seq_one_letter_code       
;GAMGIAEVQQQLVAAQLAMERDYETQREMETRYRVVLDVSRDPMVLVSMSTGRIVDLNSAAGLLLGGVRQDLLGAAIAQE
FEGRRRGEFMETMTNLAATESAAPVEVLARRSQKRLLVVPRVFRAAGERLLLCQIDPAD
;
_entity_poly.pdbx_seq_one_letter_code_can   
;GAMGIAEVQQQLVAAQLAMERDYETQREMETRYRVVLDVSRDPMVLVSMSTGRIVDLNSAAGLLLGGVRQDLLGAAIAQE
FEGRRRGEFMETMTNLAATESAAPVEVLARRSQKRLLVVPRVFRAAGERLLLCQIDPAD
;
_entity_poly.pdbx_strand_id                 A 
_entity_poly.pdbx_target_identifier         ? 
# 
loop_
_entity_poly_seq.entity_id 
_entity_poly_seq.num 
_entity_poly_seq.mon_id 
_entity_poly_seq.hetero 
1 1   GLY n 
1 2   ALA n 
1 3   MET n 
1 4   GLY n 
1 5   ILE n 
1 6   ALA n 
1 7   GLU n 
1 8   VAL n 
1 9   GLN n 
1 10  GLN n 
1 11  GLN n 
1 12  LEU n 
1 13  VAL n 
1 14  ALA n 
1 15  ALA n 
1 16  GLN n 
1 17  LEU n 
1 18  ALA n 
1 19  MET n 
1 20  GLU n 
1 21  ARG n 
1 22  ASP n 
1 23  TYR n 
1 24  GLU n 
1 25  THR n 
1 26  GLN n 
1 27  ARG n 
1 28  GLU n 
1 29  MET n 
1 30  GLU n 
1 31  THR n 
1 32  ARG n 
1 33  TYR n 
1 34  ARG n 
1 35  VAL n 
1 36  VAL n 
1 37  LEU n 
1 38  ASP n 
1 39  VAL n 
1 40  SER n 
1 41  ARG n 
1 42  ASP n 
1 43  PRO n 
1 44  MET n 
1 45  VAL n 
1 46  LEU n 
1 47  VAL n 
1 48  SER n 
1 49  MET n 
1 50  SER n 
1 51  THR n 
1 52  GLY n 
1 53  ARG n 
1 54  ILE n 
1 55  VAL n 
1 56  ASP n 
1 57  LEU n 
1 58  ASN n 
1 59  SER n 
1 60  ALA n 
1 61  ALA n 
1 62  GLY n 
1 63  LEU n 
1 64  LEU n 
1 65  LEU n 
1 66  GLY n 
1 67  GLY n 
1 68  VAL n 
1 69  ARG n 
1 70  GLN n 
1 71  ASP n 
1 72  LEU n 
1 73  LEU n 
1 74  GLY n 
1 75  ALA n 
1 76  ALA n 
1 77  ILE n 
1 78  ALA n 
1 79  GLN n 
1 80  GLU n 
1 81  PHE n 
1 82  GLU n 
1 83  GLY n 
1 84  ARG n 
1 85  ARG n 
1 86  ARG n 
1 87  GLY n 
1 88  GLU n 
1 89  PHE n 
1 90  MET n 
1 91  GLU n 
1 92  THR n 
1 93  MET n 
1 94  THR n 
1 95  ASN n 
1 96  LEU n 
1 97  ALA n 
1 98  ALA n 
1 99  THR n 
1 100 GLU n 
1 101 SER n 
1 102 ALA n 
1 103 ALA n 
1 104 PRO n 
1 105 VAL n 
1 106 GLU n 
1 107 VAL n 
1 108 LEU n 
1 109 ALA n 
1 110 ARG n 
1 111 ARG n 
1 112 SER n 
1 113 GLN n 
1 114 LYS n 
1 115 ARG n 
1 116 LEU n 
1 117 LEU n 
1 118 VAL n 
1 119 VAL n 
1 120 PRO n 
1 121 ARG n 
1 122 VAL n 
1 123 PHE n 
1 124 ARG n 
1 125 ALA n 
1 126 ALA n 
1 127 GLY n 
1 128 GLU n 
1 129 ARG n 
1 130 LEU n 
1 131 LEU n 
1 132 LEU n 
1 133 CYS n 
1 134 GLN n 
1 135 ILE n 
1 136 ASP n 
1 137 PRO n 
1 138 ALA n 
1 139 ASP n 
# 
_entity_src_gen.entity_id                          1 
_entity_src_gen.pdbx_src_id                        1 
_entity_src_gen.pdbx_alt_source_flag               sample 
_entity_src_gen.pdbx_seq_type                      ? 
_entity_src_gen.pdbx_beg_seq_num                   ? 
_entity_src_gen.pdbx_end_seq_num                   ? 
_entity_src_gen.gene_src_common_name               ? 
_entity_src_gen.gene_src_genus                     ? 
_entity_src_gen.pdbx_gene_src_gene                 'ppsR, RHOS4_18870, RSP_0282' 
_entity_src_gen.gene_src_species                   ? 
_entity_src_gen.gene_src_strain                    'ATCC 17023 / 2.4.1 / NCIB 8253 / DSM 158' 
_entity_src_gen.gene_src_tissue                    ? 
_entity_src_gen.gene_src_tissue_fraction           ? 
_entity_src_gen.gene_src_details                   ? 
_entity_src_gen.pdbx_gene_src_fragment             ? 
_entity_src_gen.pdbx_gene_src_scientific_name      'Rhodobacter sphaeroides' 
_entity_src_gen.pdbx_gene_src_ncbi_taxonomy_id     272943 
_entity_src_gen.pdbx_gene_src_variant              ? 
_entity_src_gen.pdbx_gene_src_cell_line            ? 
_entity_src_gen.pdbx_gene_src_atcc                 ? 
_entity_src_gen.pdbx_gene_src_organ                ? 
_entity_src_gen.pdbx_gene_src_organelle            ? 
_entity_src_gen.pdbx_gene_src_cell                 ? 
_entity_src_gen.pdbx_gene_src_cellular_location    ? 
_entity_src_gen.host_org_common_name               ? 
_entity_src_gen.pdbx_host_org_scientific_name      'Escherichia coli' 
_entity_src_gen.pdbx_host_org_ncbi_taxonomy_id     469008 
_entity_src_gen.host_org_genus                     ? 
_entity_src_gen.pdbx_host_org_gene                 ? 
_entity_src_gen.pdbx_host_org_organ                ? 
_entity_src_gen.host_org_species                   ? 
_entity_src_gen.pdbx_host_org_tissue               ? 
_entity_src_gen.pdbx_host_org_tissue_fraction      ? 
_entity_src_gen.pdbx_host_org_strain               'BL21 (DE3)' 
_entity_src_gen.pdbx_host_org_variant              ? 
_entity_src_gen.pdbx_host_org_cell_line            ? 
_entity_src_gen.pdbx_host_org_atcc                 ? 
_entity_src_gen.pdbx_host_org_culture_collection   ? 
_entity_src_gen.pdbx_host_org_cell                 ? 
_entity_src_gen.pdbx_host_org_organelle            ? 
_entity_src_gen.pdbx_host_org_cellular_location    ? 
_entity_src_gen.pdbx_host_org_vector_type          plasmid 
_entity_src_gen.pdbx_host_org_vector               ? 
_entity_src_gen.host_org_details                   ? 
_entity_src_gen.expression_system_id               ? 
_entity_src_gen.plasmid_name                       pETM11 
_entity_src_gen.plasmid_details                    ? 
_entity_src_gen.pdbx_description                   ? 
# 
_struct_ref.id                         1 
_struct_ref.db_name                    UNP 
_struct_ref.db_code                    Q3J179_RHOS4 
_struct_ref.pdbx_db_accession          Q3J179 
_struct_ref.entity_id                  1 
_struct_ref.pdbx_seq_one_letter_code   
;IAEVQQQLVAAQLAMERDYETQREMETRYRVVLDVSRDPMVLVSMSTGRIVDLNSAAGLLLGGVRQDLLGAAIAQEFEGR
RRGEFMETMTNLAATESAAPVEVLARRSQKRLLVVPRVFRAAGERLLLCQIDPAD
;
_struct_ref.pdbx_align_begin           123 
_struct_ref.pdbx_db_isoform            ? 
# 
_struct_ref_seq.align_id                      1 
_struct_ref_seq.ref_id                        1 
_struct_ref_seq.pdbx_PDB_id_code              4L9E 
_struct_ref_seq.pdbx_strand_id                A 
_struct_ref_seq.seq_align_beg                 5 
_struct_ref_seq.pdbx_seq_align_beg_ins_code   ? 
_struct_ref_seq.seq_align_end                 139 
_struct_ref_seq.pdbx_seq_align_end_ins_code   ? 
_struct_ref_seq.pdbx_db_accession             Q3J179 
_struct_ref_seq.db_align_beg                  123 
_struct_ref_seq.pdbx_db_align_beg_ins_code    ? 
_struct_ref_seq.db_align_end                  257 
_struct_ref_seq.pdbx_db_align_end_ins_code    ? 
_struct_ref_seq.pdbx_auth_seq_align_beg       123 
_struct_ref_seq.pdbx_auth_seq_align_end       257 
# 
loop_
_struct_ref_seq_dif.align_id 
_struct_ref_seq_dif.pdbx_pdb_id_code 
_struct_ref_seq_dif.mon_id 
_struct_ref_seq_dif.pdbx_pdb_strand_id 
_struct_ref_seq_dif.seq_num 
_struct_ref_seq_dif.pdbx_pdb_ins_code 
_struct_ref_seq_dif.pdbx_seq_db_name 
_struct_ref_seq_dif.pdbx_seq_db_accession_code 
_struct_ref_seq_dif.db_mon_id 
_struct_ref_seq_dif.pdbx_seq_db_seq_num 
_struct_ref_seq_dif.details 
_struct_ref_seq_dif.pdbx_auth_seq_num 
_struct_ref_seq_dif.pdbx_ordinal 
1 4L9E GLY A 1 ? UNP Q3J179 ? ? 'expression tag' 119 1 
1 4L9E ALA A 2 ? UNP Q3J179 ? ? 'expression tag' 120 2 
1 4L9E MET A 3 ? UNP Q3J179 ? ? 'expression tag' 121 3 
1 4L9E GLY A 4 ? UNP Q3J179 ? ? 'expression tag' 122 4 
# 
loop_
_chem_comp.id 
_chem_comp.type 
_chem_comp.mon_nstd_flag 
_chem_comp.name 
_chem_comp.pdbx_synonyms 
_chem_comp.formula 
_chem_comp.formula_weight 
ALA 'L-peptide linking' y ALANINE         ? 'C3 H7 N O2'     89.093  
ARG 'L-peptide linking' y ARGININE        ? 'C6 H15 N4 O2 1' 175.209 
ASN 'L-peptide linking' y ASPARAGINE      ? 'C4 H8 N2 O3'    132.118 
ASP 'L-peptide linking' y 'ASPARTIC ACID' ? 'C4 H7 N O4'     133.103 
CYS 'L-peptide linking' y CYSTEINE        ? 'C3 H7 N O2 S'   121.158 
GLN 'L-peptide linking' y GLUTAMINE       ? 'C5 H10 N2 O3'   146.144 
GLU 'L-peptide linking' y 'GLUTAMIC ACID' ? 'C5 H9 N O4'     147.129 
GLY 'peptide linking'   y GLYCINE         ? 'C2 H5 N O2'     75.067  
HOH non-polymer         . WATER           ? 'H2 O'           18.015  
ILE 'L-peptide linking' y ISOLEUCINE      ? 'C6 H13 N O2'    131.173 
LEU 'L-peptide linking' y LEUCINE         ? 'C6 H13 N O2'    131.173 
LYS 'L-peptide linking' y LYSINE          ? 'C6 H15 N2 O2 1' 147.195 
MET 'L-peptide linking' y METHIONINE      ? 'C5 H11 N O2 S'  149.211 
PHE 'L-peptide linking' y PHENYLALANINE   ? 'C9 H11 N O2'    165.189 
PRO 'L-peptide linking' y PROLINE         ? 'C5 H9 N O2'     115.130 
SER 'L-peptide linking' y SERINE          ? 'C3 H7 N O3'     105.093 
THR 'L-peptide linking' y THREONINE       ? 'C4 H9 N O3'     119.119 
TYR 'L-peptide linking' y TYROSINE        ? 'C9 H11 N O3'    181.189 
VAL 'L-peptide linking' y VALINE          ? 'C5 H11 N O2'    117.146 
# 
_exptl.crystals_number   1 
_exptl.entry_id          4L9E 
_exptl.method            'X-RAY DIFFRACTION' 
# 
_exptl_crystal.id                    1 
_exptl_crystal.density_Matthews      1.95 
_exptl_crystal.density_meas          ? 
_exptl_crystal.density_percent_sol   37.01 
_exptl_crystal.description           ? 
_exptl_crystal.F_000                 ? 
_exptl_crystal.preparation           ? 
# 
_exptl_crystal_grow.crystal_id      1 
_exptl_crystal_grow.method          'VAPOR DIFFUSION, HANGING DROP' 
_exptl_crystal_grow.pH              6.5 
_exptl_crystal_grow.temp            293 
_exptl_crystal_grow.temp_details    ? 
_exptl_crystal_grow.pdbx_details    
'1.9% (w/v) PEG 3000, 0.2 M magnesium chloride, 0.1 M sodium cacodylate, pH 6.5, VAPOR DIFFUSION, HANGING DROP, temperature 293K' 
_exptl_crystal_grow.pdbx_pH_range   ? 
# 
_diffrn.id                     1 
_diffrn.ambient_temp           100 
_diffrn.ambient_temp_details   ? 
_diffrn.crystal_id             1 
# 
_diffrn_detector.diffrn_id              1 
_diffrn_detector.detector               PIXEL 
_diffrn_detector.type                   'PSI PILATUS 6M' 
_diffrn_detector.pdbx_collection_date   2012-05-04 
_diffrn_detector.details                'Dynamically bendable mirror' 
# 
_diffrn_radiation.diffrn_id                        1 
_diffrn_radiation.wavelength_id                    1 
_diffrn_radiation.pdbx_diffrn_protocol             'SINGLE WAVELENGTH' 
_diffrn_radiation.monochromator                    'SAGITALLY FOCUSED Si(111)' 
_diffrn_radiation.pdbx_monochromatic_or_laue_m_l   M 
_diffrn_radiation.pdbx_scattering_type             x-ray 
# 
_diffrn_radiation_wavelength.id           1 
_diffrn_radiation_wavelength.wavelength   0.9765 
_diffrn_radiation_wavelength.wt           1.0 
# 
_diffrn_source.diffrn_id                   1 
_diffrn_source.source                      SYNCHROTRON 
_diffrn_source.type                        'SLS BEAMLINE X10SA' 
_diffrn_source.pdbx_wavelength             ? 
_diffrn_source.pdbx_wavelength_list        0.9765 
_diffrn_source.pdbx_synchrotron_site       SLS 
_diffrn_source.pdbx_synchrotron_beamline   X10SA 
# 
_reflns.entry_id                     4L9E 
_reflns.d_resolution_high            1.650 
_reflns.number_obs                   15633 
_reflns.pdbx_netI_over_sigmaI        21.060 
_reflns.percent_possible_obs         99.900 
_reflns.B_iso_Wilson_estimate        41.368 
_reflns.observed_criterion_sigma_I   0 
_reflns.observed_criterion_sigma_F   0 
_reflns.d_resolution_low             50 
_reflns.number_all                   15633 
_reflns.pdbx_redundancy              12.6 
_reflns.R_free_details               ? 
_reflns.limit_h_max                  ? 
_reflns.limit_h_min                  ? 
_reflns.limit_k_max                  ? 
_reflns.limit_k_min                  ? 
_reflns.limit_l_max                  ? 
_reflns.limit_l_min                  ? 
_reflns.observed_criterion_F_max     ? 
_reflns.observed_criterion_F_min     ? 
_reflns.pdbx_chi_squared             ? 
_reflns.pdbx_scaling_rejects         ? 
_reflns.pdbx_Rmerge_I_obs            ? 
_reflns.pdbx_Rsym_value              ? 
_reflns.pdbx_ordinal                 1 
_reflns.pdbx_diffrn_id               1 
# 
loop_
_reflns_shell.d_res_high 
_reflns_shell.d_res_low 
_reflns_shell.number_measured_obs 
_reflns_shell.number_measured_all 
_reflns_shell.number_unique_obs 
_reflns_shell.Rmerge_I_obs 
_reflns_shell.meanI_over_sigI_obs 
_reflns_shell.pdbx_Rsym_value 
_reflns_shell.pdbx_chi_squared 
_reflns_shell.pdbx_redundancy 
_reflns_shell.percent_possible_obs 
_reflns_shell.number_unique_all 
_reflns_shell.percent_possible_all 
_reflns_shell.pdbx_ordinal 
_reflns_shell.pdbx_diffrn_id 
1.650  1.700  16497 ? 1299 0.558 4.420  ? ? ? ? ? 100.000 1  1 
1.700  1.800  27285 ? 2203 0.379 6.140  ? ? ? ? ? 100.000 2  1 
1.800  1.900  22390 ? 1735 0.256 8.770  ? ? ? ? ? 99.800  3  1 
1.900  2.000  18895 ? 1420 0.186 12.230 ? ? ? ? ? 99.700  4  1 
2.000  2.500  54428 ? 4235 0.102 19.880 ? ? ? ? ? 99.900  5  1 
2.500  3.000  24780 ? 1915 0.065 30.880 ? ? ? ? ? 99.900  6  1 
3.000  4.000  18670 ? 1566 0.044 42.940 ? ? ? ? ? 99.900  7  1 
4.000  6.000  9914  ? 847  0.038 52.550 ? ? ? ? ? 100.000 8  1 
6.000  10.000 3388  ? 312  0.034 54.280 ? ? ? ? ? 99.700  9  1 
10.000 50     908   ? 101  0.028 52.890 ? ? ? ? ? 100.000 10 1 
# 
_refine.entry_id                                 4L9E 
_refine.ls_d_res_high                            1.6500 
_refine.ls_d_res_low                             43.6300 
_refine.pdbx_ls_sigma_F                          0 
_refine.pdbx_data_cutoff_high_absF               ? 
_refine.pdbx_data_cutoff_low_absF                ? 
_refine.ls_percent_reflns_obs                    99.9000 
_refine.ls_number_reflns_obs                     15633 
_refine.ls_number_reflns_all                     15633 
_refine.pdbx_ls_cross_valid_method               ? 
_refine.pdbx_R_Free_selection_details            random 
_refine.details                                  ? 
_refine.ls_R_factor_obs                          0.1980 
_refine.ls_R_factor_R_work                       0.1967 
_refine.ls_wR_factor_R_work                      ? 
_refine.ls_R_factor_R_free                       0.2190 
_refine.ls_wR_factor_R_free                      ? 
_refine.ls_percent_reflns_R_free                 5.1100 
_refine.ls_number_reflns_R_free                  798 
_refine.ls_R_factor_R_free_error                 ? 
_refine.B_iso_mean                               42.3920 
_refine.solvent_model_param_bsol                 ? 
_refine.solvent_model_param_ksol                 ? 
_refine.pdbx_isotropic_thermal_model             ? 
_refine.aniso_B[1][1]                            ? 
_refine.aniso_B[2][2]                            ? 
_refine.aniso_B[3][3]                            ? 
_refine.aniso_B[1][2]                            ? 
_refine.aniso_B[1][3]                            ? 
_refine.aniso_B[2][3]                            ? 
_refine.correlation_coeff_Fo_to_Fc               ? 
_refine.correlation_coeff_Fo_to_Fc_free          ? 
_refine.overall_SU_R_Cruickshank_DPI             ? 
_refine.overall_SU_R_free                        ? 
_refine.pdbx_overall_ESU_R                       ? 
_refine.pdbx_overall_ESU_R_Free                  ? 
_refine.overall_SU_ML                            0.1800 
_refine.overall_SU_B                             ? 
_refine.solvent_model_details                    'FLAT BULK SOLVENT MODEL' 
_refine.pdbx_solvent_vdw_probe_radii             1.1100 
_refine.pdbx_solvent_ion_probe_radii             ? 
_refine.pdbx_solvent_shrinkage_radii             0.9000 
_refine.ls_number_parameters                     ? 
_refine.ls_number_restraints                     ? 
_refine.pdbx_starting_model                      'PDB entry 4L9F' 
_refine.pdbx_method_to_determine_struct          'MOLECULAR REPLACEMENT' 
_refine.pdbx_stereochemistry_target_values       ML 
_refine.pdbx_stereochem_target_val_spec_case     ? 
_refine.overall_FOM_work_R_set                   0.7682 
_refine.B_iso_max                                146.590 
_refine.B_iso_min                                24.110 
_refine.pdbx_overall_phase_error                 28.0100 
_refine.occupancy_max                            1.000 
_refine.occupancy_min                            0.230 
_refine.pdbx_ls_sigma_I                          ? 
_refine.ls_redundancy_reflns_obs                 ? 
_refine.ls_R_factor_R_free_error_details         ? 
_refine.pdbx_data_cutoff_high_rms_absF           ? 
_refine.overall_FOM_free_R_set                   ? 
_refine.ls_R_factor_all                          ? 
_refine.pdbx_diffrn_id                           1 
_refine.pdbx_refine_id                           'X-RAY DIFFRACTION' 
_refine.pdbx_TLS_residual_ADP_flag               ? 
_refine.pdbx_overall_SU_R_free_Cruickshank_DPI   ? 
_refine.pdbx_overall_SU_R_Blow_DPI               ? 
_refine.pdbx_overall_SU_R_free_Blow_DPI          ? 
# 
_refine_hist.pdbx_refine_id                   'X-RAY DIFFRACTION' 
_refine_hist.cycle_id                         LAST 
_refine_hist.pdbx_number_atoms_protein        886 
_refine_hist.pdbx_number_atoms_nucleic_acid   0 
_refine_hist.pdbx_number_atoms_ligand         0 
_refine_hist.number_atoms_solvent             82 
_refine_hist.number_atoms_total               968 
_refine_hist.d_res_high                       1.6500 
_refine_hist.d_res_low                        43.6300 
# 
loop_
_refine_ls_restr.type 
_refine_ls_restr.number 
_refine_ls_restr.dev_ideal 
_refine_ls_restr.dev_ideal_target 
_refine_ls_restr.weight 
_refine_ls_restr.pdbx_restraint_function 
_refine_ls_restr.pdbx_refine_id 
f_bond_d           903  0.006  ? ? ? 'X-RAY DIFFRACTION' 
f_angle_d          1220 0.966  ? ? ? 'X-RAY DIFFRACTION' 
f_chiral_restr     145  0.068  ? ? ? 'X-RAY DIFFRACTION' 
f_plane_restr      162  0.006  ? ? ? 'X-RAY DIFFRACTION' 
f_dihedral_angle_d 355  10.749 ? ? ? 'X-RAY DIFFRACTION' 
# 
loop_
_refine_ls_shell.d_res_high 
_refine_ls_shell.d_res_low 
_refine_ls_shell.pdbx_total_number_of_bins_used 
_refine_ls_shell.percent_reflns_obs 
_refine_ls_shell.number_reflns_R_work 
_refine_ls_shell.R_factor_all 
_refine_ls_shell.R_factor_R_work 
_refine_ls_shell.R_factor_R_free 
_refine_ls_shell.percent_reflns_R_free 
_refine_ls_shell.number_reflns_R_free 
_refine_ls_shell.R_factor_R_free_error 
_refine_ls_shell.number_reflns_all 
_refine_ls_shell.number_reflns_obs 
_refine_ls_shell.redundancy_reflns_obs 
_refine_ls_shell.pdbx_refine_id 
1.650  1.7535 6 100.0000 2409 . 0.2490 0.3157 . 116 . 2525 . . 'X-RAY DIFFRACTION' 
1.7535 1.8889 6 100.0000 2386 . 0.2319 0.2822 . 133 . 2519 . . 'X-RAY DIFFRACTION' 
1.8889 2.0789 6 100.0000 2428 . 0.2093 0.2787 . 136 . 2564 . . 'X-RAY DIFFRACTION' 
2.0789 2.3797 6 100.0000 2428 . 0.1972 0.2365 . 141 . 2569 . . 'X-RAY DIFFRACTION' 
2.3797 2.9981 6 100.0000 2493 . 0.2144 0.2019 . 130 . 2623 . . 'X-RAY DIFFRACTION' 
2.9981 43.63  6 100.0000 2688 . 0.1845 0.2058 . 142 . 2830 . . 'X-RAY DIFFRACTION' 
# 
_struct.entry_id                  4L9E 
_struct.title                     'Structure of PpsR Q-PAS1 from Rb. sphaeroides' 
_struct.pdbx_model_details        ? 
_struct.pdbx_CASP_flag            ? 
_struct.pdbx_model_type_details   ? 
# 
_struct_keywords.entry_id        4L9E 
_struct_keywords.pdbx_keywords   TRANSCRIPTION 
_struct_keywords.text            'PAS domain, Per-Arnt-Sim, Oligomerization, TRANSCRIPTION' 
# 
loop_
_struct_asym.id 
_struct_asym.pdbx_blank_PDB_chainid_flag 
_struct_asym.pdbx_modified 
_struct_asym.entity_id 
_struct_asym.details 
A N N 1 ? 
B N N 2 ? 
# 
_struct_biol.id        1 
_struct_biol.details   ? 
# 
loop_
_struct_conf.conf_type_id 
_struct_conf.id 
_struct_conf.pdbx_PDB_helix_id 
_struct_conf.beg_label_comp_id 
_struct_conf.beg_label_asym_id 
_struct_conf.beg_label_seq_id 
_struct_conf.pdbx_beg_PDB_ins_code 
_struct_conf.end_label_comp_id 
_struct_conf.end_label_asym_id 
_struct_conf.end_label_seq_id 
_struct_conf.pdbx_end_PDB_ins_code 
_struct_conf.beg_auth_comp_id 
_struct_conf.beg_auth_asym_id 
_struct_conf.beg_auth_seq_id 
_struct_conf.end_auth_comp_id 
_struct_conf.end_auth_asym_id 
_struct_conf.end_auth_seq_id 
_struct_conf.pdbx_PDB_helix_class 
_struct_conf.details 
_struct_conf.pdbx_PDB_helix_length 
HELX_P HELX_P1 1 THR A 25 ? SER A 40 ? THR A 143 SER A 158 1 ? 16 
HELX_P HELX_P2 2 ASN A 58 ? GLY A 66 ? ASN A 176 GLY A 184 1 ? 9  
HELX_P HELX_P3 3 VAL A 68 ? LEU A 73 ? VAL A 186 LEU A 191 1 ? 6  
HELX_P HELX_P4 4 ALA A 76 ? PHE A 81 ? ALA A 194 PHE A 199 5 ? 6  
HELX_P HELX_P5 5 ARG A 85 ? ALA A 98 ? ARG A 203 ALA A 216 1 ? 14 
# 
_struct_conf_type.id          HELX_P 
_struct_conf_type.criteria    ? 
_struct_conf_type.reference   ? 
# 
_struct_sheet.id               A 
_struct_sheet.type             ? 
_struct_sheet.number_strands   5 
_struct_sheet.details          ? 
# 
loop_
_struct_sheet_order.sheet_id 
_struct_sheet_order.range_id_1 
_struct_sheet_order.range_id_2 
_struct_sheet_order.offset 
_struct_sheet_order.sense 
A 1 2 ? anti-parallel 
A 2 3 ? anti-parallel 
A 3 4 ? anti-parallel 
A 4 5 ? anti-parallel 
# 
loop_
_struct_sheet_range.sheet_id 
_struct_sheet_range.id 
_struct_sheet_range.beg_label_comp_id 
_struct_sheet_range.beg_label_asym_id 
_struct_sheet_range.beg_label_seq_id 
_struct_sheet_range.pdbx_beg_PDB_ins_code 
_struct_sheet_range.end_label_comp_id 
_struct_sheet_range.end_label_asym_id 
_struct_sheet_range.end_label_seq_id 
_struct_sheet_range.pdbx_end_PDB_ins_code 
_struct_sheet_range.beg_auth_comp_id 
_struct_sheet_range.beg_auth_asym_id 
_struct_sheet_range.beg_auth_seq_id 
_struct_sheet_range.end_auth_comp_id 
_struct_sheet_range.end_auth_asym_id 
_struct_sheet_range.end_auth_seq_id 
A 1 ILE A 54  ? LEU A 57  ? ILE A 172 LEU A 175 
A 2 MET A 44  ? SER A 48  ? MET A 162 SER A 166 
A 3 GLU A 128 ? PRO A 137 ? GLU A 246 PRO A 255 
A 4 ARG A 115 ? ALA A 125 ? ARG A 233 ALA A 243 
A 5 VAL A 105 ? LEU A 108 ? VAL A 223 LEU A 226 
# 
loop_
_pdbx_struct_sheet_hbond.sheet_id 
_pdbx_struct_sheet_hbond.range_id_1 
_pdbx_struct_sheet_hbond.range_id_2 
_pdbx_struct_sheet_hbond.range_1_label_atom_id 
_pdbx_struct_sheet_hbond.range_1_label_comp_id 
_pdbx_struct_sheet_hbond.range_1_label_asym_id 
_pdbx_struct_sheet_hbond.range_1_label_seq_id 
_pdbx_struct_sheet_hbond.range_1_PDB_ins_code 
_pdbx_struct_sheet_hbond.range_1_auth_atom_id 
_pdbx_struct_sheet_hbond.range_1_auth_comp_id 
_pdbx_struct_sheet_hbond.range_1_auth_asym_id 
_pdbx_struct_sheet_hbond.range_1_auth_seq_id 
_pdbx_struct_sheet_hbond.range_2_label_atom_id 
_pdbx_struct_sheet_hbond.range_2_label_comp_id 
_pdbx_struct_sheet_hbond.range_2_label_asym_id 
_pdbx_struct_sheet_hbond.range_2_label_seq_id 
_pdbx_struct_sheet_hbond.range_2_PDB_ins_code 
_pdbx_struct_sheet_hbond.range_2_auth_atom_id 
_pdbx_struct_sheet_hbond.range_2_auth_comp_id 
_pdbx_struct_sheet_hbond.range_2_auth_asym_id 
_pdbx_struct_sheet_hbond.range_2_auth_seq_id 
A 1 2 O ASP A 56  ? O ASP A 174 N LEU A 46  ? N LEU A 164 
A 2 3 N VAL A 45  ? N VAL A 163 O CYS A 133 ? O CYS A 251 
A 3 4 O LEU A 130 ? O LEU A 248 N PHE A 123 ? N PHE A 241 
A 4 5 O LEU A 116 ? O LEU A 234 N VAL A 107 ? N VAL A 225 
# 
_atom_sites.entry_id                    4L9E 
_atom_sites.fract_transf_matrix[1][1]   -0.01836066 
_atom_sites.fract_transf_matrix[1][2]   -0.01328827 
_atom_sites.fract_transf_matrix[1][3]   0.00340918 
_atom_sites.fract_transf_matrix[2][1]   -0.00256274 
_atom_sites.fract_transf_matrix[2][2]   -0.01112695 
_atom_sites.fract_transf_matrix[2][3]   0.01987335 
_atom_sites.fract_transf_matrix[3][1]   -0.00304372 
_atom_sites.fract_transf_matrix[3][2]   0.00479342 
_atom_sites.fract_transf_matrix[3][3]   0.00229130 
_atom_sites.fract_transf_vector[1]      0.009491 
_atom_sites.fract_transf_vector[2]      0.287667 
_atom_sites.fract_transf_vector[3]      -0.007220 
# 
loop_
_atom_type.symbol 
C 
N 
O 
S 
# 
loop_
_atom_site.group_PDB 
_atom_site.id 
_atom_site.type_symbol 
_atom_site.label_atom_id 
_atom_site.label_alt_id 
_atom_site.label_comp_id 
_atom_site.label_asym_id 
_atom_site.label_entity_id 
_atom_site.label_seq_id 
_atom_site.pdbx_PDB_ins_code 
_atom_site.Cartn_x 
_atom_site.Cartn_y 
_atom_site.Cartn_z 
_atom_site.occupancy 
_atom_site.B_iso_or_equiv 
_atom_site.pdbx_formal_charge 
_atom_site.auth_seq_id 
_atom_site.auth_comp_id 
_atom_site.auth_asym_id 
_atom_site.auth_atom_id 
_atom_site.pdbx_PDB_model_num 
ATOM   1   N N   . THR A 1 25  ? -15.047 0.301   -21.886 1.00 111.26 ? 143 THR A N   1 
ATOM   2   C CA  . THR A 1 25  ? -15.119 1.237   -20.771 1.00 107.21 ? 143 THR A CA  1 
ATOM   3   C C   . THR A 1 25  ? -14.651 0.568   -19.484 1.00 105.91 ? 143 THR A C   1 
ATOM   4   O O   . THR A 1 25  ? -13.895 1.152   -18.709 1.00 97.77  ? 143 THR A O   1 
ATOM   5   C CB  . THR A 1 25  ? -16.544 1.778   -20.576 1.00 109.80 ? 143 THR A CB  1 
ATOM   6   O OG1 . THR A 1 25  ? -17.072 2.205   -21.837 1.00 113.49 ? 143 THR A OG1 1 
ATOM   7   C CG2 . THR A 1 25  ? -16.538 2.951   -19.608 1.00 104.61 ? 143 THR A CG2 1 
ATOM   8   N N   . GLN A 1 26  ? -15.117 -0.658  -19.258 1.00 113.37 ? 144 GLN A N   1 
ATOM   9   C CA  . GLN A 1 26  ? -14.610 -1.482  -18.169 1.00 112.87 ? 144 GLN A CA  1 
ATOM   10  C C   . GLN A 1 26  ? -13.133 -1.756  -18.413 1.00 104.88 ? 144 GLN A C   1 
ATOM   11  O O   . GLN A 1 26  ? -12.289 -1.485  -17.561 1.00 96.26  ? 144 GLN A O   1 
ATOM   12  C CB  . GLN A 1 26  ? -15.376 -2.808  -18.086 1.00 124.26 ? 144 GLN A CB  1 
ATOM   13  C CG  . GLN A 1 26  ? -16.649 -2.751  -17.253 1.00 131.30 ? 144 GLN A CG  1 
ATOM   14  C CD  . GLN A 1 26  ? -17.510 -3.995  -17.389 1.00 141.48 ? 144 GLN A CD  1 
ATOM   15  O OE1 . GLN A 1 26  ? -17.163 -4.934  -18.108 1.00 146.59 ? 144 GLN A OE1 1 
ATOM   16  N NE2 . GLN A 1 26  ? -18.645 -4.007  -16.696 1.00 144.22 ? 144 GLN A NE2 1 
ATOM   17  N N   . ARG A 1 27  ? -12.833 -2.284  -19.595 1.00 105.34 ? 145 ARG A N   1 
ATOM   18  C CA  . ARG A 1 27  ? -11.470 -2.632  -19.973 1.00 98.95  ? 145 ARG A CA  1 
ATOM   19  C C   . ARG A 1 27  ? -10.636 -1.386  -20.252 1.00 87.33  ? 145 ARG A C   1 
ATOM   20  O O   . ARG A 1 27  ? -9.446  -1.347  -19.942 1.00 79.66  ? 145 ARG A O   1 
ATOM   21  C CB  . ARG A 1 27  ? -11.482 -3.543  -21.204 1.00 107.48 ? 145 ARG A CB  1 
ATOM   22  C CG  . ARG A 1 27  ? -10.120 -4.098  -21.588 1.00 108.10 ? 145 ARG A CG  1 
ATOM   23  C CD  . ARG A 1 27  ? -9.500  -4.875  -20.436 1.00 103.96 ? 145 ARG A CD  1 
ATOM   24  N NE  . ARG A 1 27  ? -8.278  -5.568  -20.839 1.00 102.30 ? 145 ARG A NE  1 
ATOM   25  C CZ  . ARG A 1 27  ? -8.237  -6.828  -21.258 1.00 104.83 ? 145 ARG A CZ  1 
ATOM   26  N NH1 . ARG A 1 27  ? -9.353  -7.543  -21.328 1.00 109.16 ? 145 ARG A NH1 1 
ATOM   27  N NH2 . ARG A 1 27  ? -7.081  -7.377  -21.605 1.00 104.01 ? 145 ARG A NH2 1 
ATOM   28  N N   . GLU A 1 28  ? -11.267 -0.376  -20.844 1.00 81.56  ? 146 GLU A N   1 
ATOM   29  C CA  . GLU A 1 28  ? -10.604 0.890   -21.143 1.00 71.05  ? 146 GLU A CA  1 
ATOM   30  C C   . GLU A 1 28  ? -10.024 1.532   -19.885 1.00 59.95  ? 146 GLU A C   1 
ATOM   31  O O   . GLU A 1 28  ? -8.822  1.794   -19.800 1.00 53.56  ? 146 GLU A O   1 
ATOM   32  C CB  . GLU A 1 28  ? -11.585 1.858   -21.802 1.00 72.20  ? 146 GLU A CB  1 
ATOM   33  C CG  . GLU A 1 28  ? -11.046 3.268   -21.962 1.00 70.37  ? 146 GLU A CG  1 
ATOM   34  C CD  . GLU A 1 28  ? -12.086 4.232   -22.502 1.00 80.46  ? 146 GLU A CD  1 
ATOM   35  O OE1 . GLU A 1 28  ? -11.792 5.444   -22.579 1.00 85.15  ? 146 GLU A OE1 1 
ATOM   36  O OE2 . GLU A 1 28  ? -13.196 3.779   -22.849 1.00 80.22  ? 146 GLU A OE2 1 
ATOM   37  N N   . MET A 1 29  ? -10.887 1.788   -18.906 1.00 54.78  ? 147 MET A N   1 
ATOM   38  C CA  . MET A 1 29  ? -10.443 2.417   -17.672 1.00 46.96  ? 147 MET A CA  1 
ATOM   39  C C   . MET A 1 29  ? -9.568  1.479   -16.855 1.00 45.50  ? 147 MET A C   1 
ATOM   40  O O   . MET A 1 29  ? -8.660  1.929   -16.172 1.00 42.83  ? 147 MET A O   1 
ATOM   41  C CB  . MET A 1 29  ? -11.627 2.945   -16.858 1.00 53.87  ? 147 MET A CB  1 
ATOM   42  C CG  . MET A 1 29  ? -12.208 4.237   -17.423 1.00 58.03  ? 147 MET A CG  1 
ATOM   43  S SD  . MET A 1 29  ? -10.986 5.567   -17.390 1.00 67.84  ? 147 MET A SD  1 
ATOM   44  C CE  . MET A 1 29  ? -11.733 6.749   -18.507 1.00 68.97  ? 147 MET A CE  1 
ATOM   45  N N   . GLU A 1 30  ? -9.824  0.174   -16.945 1.00 47.85  ? 148 GLU A N   1 
ATOM   46  C CA  . GLU A 1 30  ? -8.938  -0.791  -16.305 1.00 49.72  ? 148 GLU A CA  1 
ATOM   47  C C   . GLU A 1 30  ? -7.528  -0.680  -16.876 1.00 43.89  ? 148 GLU A C   1 
ATOM   48  O O   . GLU A 1 30  ? -6.550  -0.677  -16.132 1.00 38.08  ? 148 GLU A O   1 
ATOM   49  C CB  . GLU A 1 30  ? -9.446  -2.224  -16.471 1.00 56.07  ? 148 GLU A CB  1 
ATOM   50  C CG  . GLU A 1 30  ? -8.481  -3.261  -15.916 1.00 61.68  ? 148 GLU A CG  1 
ATOM   51  C CD  . GLU A 1 30  ? -9.020  -4.675  -15.977 1.00 73.93  ? 148 GLU A CD  1 
ATOM   52  O OE1 . GLU A 1 30  ? -10.077 -4.890  -16.613 1.00 82.23  ? 148 GLU A OE1 1 
ATOM   53  O OE2 . GLU A 1 30  ? -8.384  -5.573  -15.385 1.00 74.00  ? 148 GLU A OE2 1 
ATOM   54  N N   . THR A 1 31  ? -7.431  -0.580  -18.200 1.00 46.34  ? 149 THR A N   1 
ATOM   55  C CA  . THR A 1 31  ? -6.129  -0.482  -18.856 1.00 43.84  ? 149 THR A CA  1 
ATOM   56  C C   . THR A 1 31  ? -5.390  0.791   -18.459 1.00 40.42  ? 149 THR A C   1 
ATOM   57  O O   . THR A 1 31  ? -4.202  0.741   -18.128 1.00 39.50  ? 149 THR A O   1 
ATOM   58  C CB  . THR A 1 31  ? -6.248  -0.566  -20.393 1.00 46.17  ? 149 THR A CB  1 
ATOM   59  O OG1 . THR A 1 31  ? -6.757  -1.852  -20.758 1.00 51.35  ? 149 THR A OG1 1 
ATOM   60  C CG2 . THR A 1 31  ? -4.889  -0.380  -21.038 1.00 48.62  ? 149 THR A CG2 1 
ATOM   61  N N   . ARG A 1 32  ? -6.087  1.928   -18.473 1.00 40.15  ? 150 ARG A N   1 
ATOM   62  C CA  . ARG A 1 32  ? -5.492  3.187   -17.998 1.00 37.08  ? 150 ARG A CA  1 
ATOM   63  C C   . ARG A 1 32  ? -4.955  3.063   -16.575 1.00 35.77  ? 150 ARG A C   1 
ATOM   64  O O   . ARG A 1 32  ? -3.856  3.530   -16.266 1.00 35.81  ? 150 ARG A O   1 
ATOM   65  C CB  . ARG A 1 32  ? -6.520  4.321   -18.020 1.00 36.97  ? 150 ARG A CB  1 
ATOM   66  C CG  . ARG A 1 32  ? -6.872  4.872   -19.380 1.00 43.80  ? 150 ARG A CG  1 
ATOM   67  C CD  . ARG A 1 32  ? -7.438  6.263   -19.177 1.00 46.47  ? 150 ARG A CD  1 
ATOM   68  N NE  . ARG A 1 32  ? -8.092  6.794   -20.357 1.00 54.51  ? 150 ARG A NE  1 
ATOM   69  C CZ  . ARG A 1 32  ? -8.528  8.044   -20.458 1.00 54.87  ? 150 ARG A CZ  1 
ATOM   70  N NH1 . ARG A 1 32  ? -8.377  8.887   -19.442 1.00 47.08  ? 150 ARG A NH1 1 
ATOM   71  N NH2 . ARG A 1 32  ? -9.118  8.448   -21.568 1.00 56.09  ? 150 ARG A NH2 1 
ATOM   72  N N   . TYR A 1 33  ? -5.741  2.445   -15.700 1.00 31.54  ? 151 TYR A N   1 
ATOM   73  C CA  . TYR A 1 33  ? -5.344  2.289   -14.307 1.00 29.61  ? 151 TYR A CA  1 
ATOM   74  C C   . TYR A 1 33  ? -4.065  1.469   -14.180 1.00 34.72  ? 151 TYR A C   1 
ATOM   75  O O   . TYR A 1 33  ? -3.139  1.849   -13.456 1.00 32.84  ? 151 TYR A O   1 
ATOM   76  C CB  . TYR A 1 33  ? -6.476  1.625   -13.520 1.00 29.12  ? 151 TYR A CB  1 
ATOM   77  C CG  . TYR A 1 33  ? -6.036  0.869   -12.277 1.00 30.46  ? 151 TYR A CG  1 
ATOM   78  C CD1 . TYR A 1 33  ? -5.685  1.540   -11.116 1.00 35.42  ? 151 TYR A CD1 1 
ATOM   79  C CD2 . TYR A 1 33  ? -5.991  -0.520  -12.268 1.00 30.38  ? 151 TYR A CD2 1 
ATOM   80  C CE1 . TYR A 1 33  ? -5.286  0.842   -9.979  1.00 30.68  ? 151 TYR A CE1 1 
ATOM   81  C CE2 . TYR A 1 33  ? -5.604  -1.225  -11.137 1.00 37.52  ? 151 TYR A CE2 1 
ATOM   82  C CZ  . TYR A 1 33  ? -5.246  -0.537  -9.996  1.00 35.44  ? 151 TYR A CZ  1 
ATOM   83  O OH  . TYR A 1 33  ? -4.868  -1.267  -8.871  1.00 35.75  ? 151 TYR A OH  1 
ATOM   84  N N   . ARG A 1 34  ? -4.034  0.341   -14.878 1.00 32.95  ? 152 ARG A N   1 
ATOM   85  C CA  . ARG A 1 34  ? -2.906  -0.579  -14.831 1.00 34.68  ? 152 ARG A CA  1 
ATOM   86  C C   . ARG A 1 34  ? -1.629  0.127   -15.267 1.00 37.16  ? 152 ARG A C   1 
ATOM   87  O O   . ARG A 1 34  ? -0.594  0.030   -14.611 1.00 34.16  ? 152 ARG A O   1 
ATOM   88  C CB  . ARG A 1 34  ? -3.186  -1.771  -15.744 1.00 41.49  ? 152 ARG A CB  1 
ATOM   89  C CG  . ARG A 1 34  ? -2.041  -2.751  -15.921 1.00 49.03  ? 152 ARG A CG  1 
ATOM   90  C CD  . ARG A 1 34  ? -2.004  -3.786  -14.799 1.00 53.14  ? 152 ARG A CD  1 
ATOM   91  N NE  . ARG A 1 34  ? -1.216  -3.323  -13.663 1.00 49.47  ? 152 ARG A NE  1 
ATOM   92  C CZ  . ARG A 1 34  ? -1.627  -3.340  -12.398 1.00 47.68  ? 152 ARG A CZ  1 
ATOM   93  N NH1 . ARG A 1 34  ? -0.823  -2.891  -11.447 1.00 43.85  ? 152 ARG A NH1 1 
ATOM   94  N NH2 . ARG A 1 34  ? -2.829  -3.805  -12.082 1.00 41.62  ? 152 ARG A NH2 1 
ATOM   95  N N   . VAL A 1 35  ? -1.711  0.850   -16.374 1.00 36.10  ? 153 VAL A N   1 
ATOM   96  C CA  . VAL A 1 35  ? -0.528  1.508   -16.914 1.00 34.41  ? 153 VAL A CA  1 
ATOM   97  C C   . VAL A 1 35  ? -0.046  2.645   -16.024 1.00 31.95  ? 153 VAL A C   1 
ATOM   98  O O   . VAL A 1 35  ? 1.142   2.762   -15.756 1.00 33.96  ? 153 VAL A O   1 
ATOM   99  C CB  . VAL A 1 35  ? -0.744  1.995   -18.354 1.00 37.41  ? 153 VAL A CB  1 
ATOM   100 C CG1 . VAL A 1 35  ? 0.547   2.587   -18.882 1.00 39.63  ? 153 VAL A CG1 1 
ATOM   101 C CG2 . VAL A 1 35  ? -1.191  0.840   -19.228 1.00 40.32  ? 153 VAL A CG2 1 
ATOM   102 N N   . VAL A 1 36  ? -0.961  3.480   -15.553 1.00 31.37  ? 154 VAL A N   1 
ATOM   103 C CA  . VAL A 1 36  ? -0.577  4.580   -14.686 1.00 31.16  ? 154 VAL A CA  1 
ATOM   104 C C   . VAL A 1 36  ? 0.062   4.062   -13.390 1.00 29.64  ? 154 VAL A C   1 
ATOM   105 O O   . VAL A 1 36  ? 1.084   4.589   -12.941 1.00 32.92  ? 154 VAL A O   1 
ATOM   106 C CB  . VAL A 1 36  ? -1.759  5.506   -14.365 1.00 32.07  ? 154 VAL A CB  1 
ATOM   107 C CG1 . VAL A 1 36  ? -1.378  6.478   -13.257 1.00 34.57  ? 154 VAL A CG1 1 
ATOM   108 C CG2 . VAL A 1 36  ? -2.188  6.264   -15.605 1.00 36.66  ? 154 VAL A CG2 1 
ATOM   109 N N   . LEU A 1 37  ? -0.509  3.015   -12.804 1.00 26.71  ? 155 LEU A N   1 
ATOM   110 C CA  . LEU A 1 37  ? 0.055   2.482   -11.564 1.00 25.72  ? 155 LEU A CA  1 
ATOM   111 C C   . LEU A 1 37  ? 1.435   1.892   -11.810 1.00 31.26  ? 155 LEU A C   1 
ATOM   112 O O   . LEU A 1 37  ? 2.359   2.141   -11.039 1.00 31.54  ? 155 LEU A O   1 
ATOM   113 C CB  . LEU A 1 37  ? -0.859  1.432   -10.924 1.00 27.31  ? 155 LEU A CB  1 
ATOM   114 C CG  . LEU A 1 37  ? -0.361  0.739   -9.652  1.00 28.43  ? 155 LEU A CG  1 
ATOM   115 C CD1 . LEU A 1 37  ? -0.050  1.762   -8.557  1.00 28.72  ? 155 LEU A CD1 1 
ATOM   116 C CD2 . LEU A 1 37  ? -1.384  -0.284  -9.167  1.00 32.91  ? 155 LEU A CD2 1 
ATOM   117 N N   . ASP A 1 38  ? 1.576   1.143   -12.894 1.00 29.90  ? 156 ASP A N   1 
ATOM   118 C CA  A ASP A 1 38  ? 2.832   0.461   -13.201 0.48 32.12  ? 156 ASP A CA  1 
ATOM   119 C CA  B ASP A 1 38  ? 2.831   0.459   -13.203 0.52 32.11  ? 156 ASP A CA  1 
ATOM   120 C C   . ASP A 1 38  ? 3.955   1.427   -13.553 1.00 31.99  ? 156 ASP A C   1 
ATOM   121 O O   . ASP A 1 38  ? 5.090   1.254   -13.100 1.00 35.75  ? 156 ASP A O   1 
ATOM   122 C CB  A ASP A 1 38  ? 2.642   -0.530  -14.346 0.48 36.17  ? 156 ASP A CB  1 
ATOM   123 C CB  B ASP A 1 38  ? 2.643   -0.537  -14.349 0.52 36.23  ? 156 ASP A CB  1 
ATOM   124 C CG  A ASP A 1 38  ? 1.897   -1.772  -13.918 0.48 36.25  ? 156 ASP A CG  1 
ATOM   125 C CG  B ASP A 1 38  ? 3.957   -1.147  -14.810 0.52 40.06  ? 156 ASP A CG  1 
ATOM   126 O OD1 A ASP A 1 38  ? 1.919   -2.098  -12.713 0.48 38.21  ? 156 ASP A OD1 1 
ATOM   127 O OD1 B ASP A 1 38  ? 4.555   -1.924  -14.037 0.52 39.19  ? 156 ASP A OD1 1 
ATOM   128 O OD2 A ASP A 1 38  ? 1.291   -2.422  -14.790 0.48 34.78  ? 156 ASP A OD2 1 
ATOM   129 O OD2 B ASP A 1 38  ? 4.394   -0.849  -15.943 0.52 44.76  ? 156 ASP A OD2 1 
ATOM   130 N N   . VAL A 1 39  ? 3.632   2.433   -14.355 1.00 32.35  ? 157 VAL A N   1 
ATOM   131 C CA  . VAL A 1 39  ? 4.614   3.400   -14.834 1.00 31.98  ? 157 VAL A CA  1 
ATOM   132 C C   . VAL A 1 39  ? 5.002   4.413   -13.753 1.00 34.69  ? 157 VAL A C   1 
ATOM   133 O O   . VAL A 1 39  ? 6.159   4.825   -13.669 1.00 35.27  ? 157 VAL A O   1 
ATOM   134 C CB  . VAL A 1 39  ? 4.110   4.102   -16.107 1.00 37.02  ? 157 VAL A CB  1 
ATOM   135 C CG1 . VAL A 1 39  ? 5.069   5.206   -16.553 1.00 38.19  ? 157 VAL A CG1 1 
ATOM   136 C CG2 . VAL A 1 39  ? 3.945   3.077   -17.213 1.00 40.54  ? 157 VAL A CG2 1 
ATOM   137 N N   . SER A 1 40  ? 4.045   4.796   -12.916 1.00 35.65  ? 158 SER A N   1 
ATOM   138 C CA  . SER A 1 40  ? 4.331   5.758   -11.850 1.00 35.13  ? 158 SER A CA  1 
ATOM   139 C C   . SER A 1 40  ? 5.524   5.373   -10.984 1.00 29.53  ? 158 SER A C   1 
ATOM   140 O O   . SER A 1 40  ? 5.597   4.265   -10.449 1.00 32.47  ? 158 SER A O   1 
ATOM   141 C CB  . SER A 1 40  ? 3.116   5.967   -10.946 1.00 38.53  ? 158 SER A CB  1 
ATOM   142 O OG  . SER A 1 40  ? 3.489   6.792   -9.848  1.00 35.03  ? 158 SER A OG  1 
ATOM   143 N N   . ARG A 1 41  ? 6.460   6.311   -10.852 1.00 29.98  ? 159 ARG A N   1 
ATOM   144 C CA  . ARG A 1 41  ? 7.637   6.125   -10.008 1.00 34.05  ? 159 ARG A CA  1 
ATOM   145 C C   . ARG A 1 41  ? 7.347   6.356   -8.524  1.00 35.41  ? 159 ARG A C   1 
ATOM   146 O O   . ARG A 1 41  ? 8.203   6.113   -7.672  1.00 34.83  ? 159 ARG A O   1 
ATOM   147 C CB  . ARG A 1 41  ? 8.750   7.048   -10.494 1.00 32.56  ? 159 ARG A CB  1 
ATOM   148 C CG  . ARG A 1 41  ? 9.269   6.665   -11.862 1.00 36.89  ? 159 ARG A CG  1 
ATOM   149 C CD  . ARG A 1 41  ? 10.159  7.741   -12.433 1.00 41.34  ? 159 ARG A CD  1 
ATOM   150 N NE  . ARG A 1 41  ? 9.391   8.905   -12.861 1.00 42.32  ? 159 ARG A NE  1 
ATOM   151 C CZ  . ARG A 1 41  ? 9.927   10.010  -13.359 1.00 43.84  ? 159 ARG A CZ  1 
ATOM   152 N NH1 . ARG A 1 41  ? 11.244  10.098  -13.516 1.00 48.11  ? 159 ARG A NH1 1 
ATOM   153 N NH2 . ARG A 1 41  ? 9.148   11.022  -13.720 1.00 42.32  ? 159 ARG A NH2 1 
ATOM   154 N N   . ASP A 1 42  ? 6.144   6.826   -8.216  1.00 29.99  ? 160 ASP A N   1 
ATOM   155 C CA  . ASP A 1 42  ? 5.708   6.939   -6.822  1.00 29.20  ? 160 ASP A CA  1 
ATOM   156 C C   . ASP A 1 42  ? 5.357   5.547   -6.287  1.00 29.05  ? 160 ASP A C   1 
ATOM   157 O O   . ASP A 1 42  ? 4.429   4.904   -6.777  1.00 28.35  ? 160 ASP A O   1 
ATOM   158 C CB  . ASP A 1 42  ? 4.505   7.890   -6.737  1.00 30.42  ? 160 ASP A CB  1 
ATOM   159 C CG  . ASP A 1 42  ? 4.167   8.292   -5.312  1.00 33.48  ? 160 ASP A CG  1 
ATOM   160 O OD1 . ASP A 1 42  ? 4.702   7.668   -4.374  1.00 39.67  ? 160 ASP A OD1 1 
ATOM   161 O OD2 . ASP A 1 42  ? 3.372   9.236   -5.133  1.00 30.32  ? 160 ASP A OD2 1 
ATOM   162 N N   . PRO A 1 43  ? 6.099   5.057   -5.270  1.00 26.10  ? 161 PRO A N   1 
ATOM   163 C CA  . PRO A 1 43  ? 5.858   3.701   -4.765  1.00 26.02  ? 161 PRO A CA  1 
ATOM   164 C C   . PRO A 1 43  ? 4.491   3.629   -4.098  1.00 29.86  ? 161 PRO A C   1 
ATOM   165 O O   . PRO A 1 43  ? 4.234   4.358   -3.136  1.00 30.37  ? 161 PRO A O   1 
ATOM   166 C CB  . PRO A 1 43  ? 6.948   3.520   -3.692  1.00 24.11  ? 161 PRO A CB  1 
ATOM   167 C CG  . PRO A 1 43  ? 8.004   4.522   -4.065  1.00 25.98  ? 161 PRO A CG  1 
ATOM   168 C CD  . PRO A 1 43  ? 7.222   5.706   -4.577  1.00 28.06  ? 161 PRO A CD  1 
ATOM   169 N N   . MET A 1 44  ? 3.607   2.795   -4.630  1.00 25.78  ? 162 MET A N   1 
ATOM   170 C CA  . MET A 1 44  ? 2.248   2.719   -4.114  1.00 24.45  ? 162 MET A CA  1 
ATOM   171 C C   . MET A 1 44  ? 1.801   1.286   -3.884  1.00 25.42  ? 162 MET A C   1 
ATOM   172 O O   . MET A 1 44  ? 2.082   0.394   -4.685  1.00 28.07  ? 162 MET A O   1 
ATOM   173 C CB  . MET A 1 44  ? 1.282   3.413   -5.087  1.00 26.19  ? 162 MET A CB  1 
ATOM   174 C CG  . MET A 1 44  ? 1.355   4.929   -5.019  1.00 30.39  ? 162 MET A CG  1 
ATOM   175 S SD  . MET A 1 44  ? 0.329   5.746   -6.248  1.00 35.27  ? 162 MET A SD  1 
ATOM   176 C CE  . MET A 1 44  ? 1.342   5.548   -7.725  1.00 33.86  ? 162 MET A CE  1 
ATOM   177 N N   . VAL A 1 45  ? 1.105   1.075   -2.769  1.00 25.54  ? 163 VAL A N   1 
ATOM   178 C CA  . VAL A 1 45  ? 0.460   -0.200  -2.490  1.00 26.02  ? 163 VAL A CA  1 
ATOM   179 C C   . VAL A 1 45  ? -1.013  0.082   -2.237  1.00 24.99  ? 163 VAL A C   1 
ATOM   180 O O   . VAL A 1 45  ? -1.355  0.994   -1.475  1.00 29.48  ? 163 VAL A O   1 
ATOM   181 C CB  . VAL A 1 45  ? 1.062   -0.866  -1.246  1.00 27.97  ? 163 VAL A CB  1 
ATOM   182 C CG1 . VAL A 1 45  ? 0.384   -2.212  -0.970  1.00 30.76  ? 163 VAL A CG1 1 
ATOM   183 C CG2 . VAL A 1 45  ? 2.548   -1.072  -1.432  1.00 29.21  ? 163 VAL A CG2 1 
ATOM   184 N N   . LEU A 1 46  ? -1.882  -0.704  -2.869  1.00 26.17  ? 164 LEU A N   1 
ATOM   185 C CA  . LEU A 1 46  ? -3.323  -0.598  -2.646  1.00 26.92  ? 164 LEU A CA  1 
ATOM   186 C C   . LEU A 1 46  ? -3.784  -1.727  -1.724  1.00 26.18  ? 164 LEU A C   1 
ATOM   187 O O   . LEU A 1 46  ? -3.517  -2.890  -2.002  1.00 27.14  ? 164 LEU A O   1 
ATOM   188 C CB  . LEU A 1 46  ? -4.060  -0.698  -3.974  1.00 27.83  ? 164 LEU A CB  1 
ATOM   189 C CG  . LEU A 1 46  ? -5.556  -0.375  -3.950  1.00 37.38  ? 164 LEU A CG  1 
ATOM   190 C CD1 . LEU A 1 46  ? -5.782  1.050   -3.458  1.00 39.56  ? 164 LEU A CD1 1 
ATOM   191 C CD2 . LEU A 1 46  ? -6.192  -0.570  -5.341  1.00 39.80  ? 164 LEU A CD2 1 
ATOM   192 N N   . VAL A 1 47  ? -4.471  -1.367  -0.641  1.00 24.71  ? 165 VAL A N   1 
ATOM   193 C CA  . VAL A 1 47  ? -4.837  -2.323  0.418   1.00 27.47  ? 165 VAL A CA  1 
ATOM   194 C C   . VAL A 1 47  ? -6.350  -2.343  0.611   1.00 31.29  ? 165 VAL A C   1 
ATOM   195 O O   . VAL A 1 47  ? -6.991  -1.293  0.630   1.00 29.18  ? 165 VAL A O   1 
ATOM   196 C CB  . VAL A 1 47  ? -4.157  -1.952  1.754   1.00 27.99  ? 165 VAL A CB  1 
ATOM   197 C CG1 . VAL A 1 47  ? -4.656  -2.832  2.914   1.00 27.93  ? 165 VAL A CG1 1 
ATOM   198 C CG2 . VAL A 1 47  ? -2.640  -2.050  1.622   1.00 30.38  ? 165 VAL A CG2 1 
ATOM   199 N N   . SER A 1 48  ? -6.917  -3.541  0.743   1.00 30.97  ? 166 SER A N   1 
ATOM   200 C CA  . SER A 1 48  ? -8.337  -3.697  1.045   1.00 33.30  ? 166 SER A CA  1 
ATOM   201 C C   . SER A 1 48  ? -8.650  -3.299  2.481   1.00 30.92  ? 166 SER A C   1 
ATOM   202 O O   . SER A 1 48  ? -8.058  -3.831  3.423   1.00 31.99  ? 166 SER A O   1 
ATOM   203 C CB  . SER A 1 48  ? -8.755  -5.149  0.842   1.00 32.70  ? 166 SER A CB  1 
ATOM   204 O OG  . SER A 1 48  ? -10.054 -5.368  1.359   1.00 33.99  ? 166 SER A OG  1 
ATOM   205 N N   . MET A 1 49  ? -9.584  -2.368  2.664   1.00 32.65  ? 167 MET A N   1 
ATOM   206 C CA  . MET A 1 49  ? -10.031 -2.027  4.011   1.00 31.19  ? 167 MET A CA  1 
ATOM   207 C C   . MET A 1 49  ? -10.710 -3.243  4.631   1.00 32.07  ? 167 MET A C   1 
ATOM   208 O O   . MET A 1 49  ? -10.587 -3.500  5.830   1.00 35.51  ? 167 MET A O   1 
ATOM   209 C CB  . MET A 1 49  ? -10.999 -0.843  3.975   1.00 33.27  ? 167 MET A CB  1 
ATOM   210 C CG  . MET A 1 49  ? -11.572 -0.448  5.325   1.00 36.38  ? 167 MET A CG  1 
ATOM   211 S SD  . MET A 1 49  ? -10.394 0.361   6.415   1.00 44.07  ? 167 MET A SD  1 
ATOM   212 C CE  . MET A 1 49  ? -10.244 1.964   5.618   1.00 46.50  ? 167 MET A CE  1 
ATOM   213 N N   . SER A 1 50  ? -11.434 -3.996  3.809   1.00 31.66  ? 168 SER A N   1 
ATOM   214 C CA  . SER A 1 50  ? -12.126 -5.171  4.315   1.00 34.50  ? 168 SER A CA  1 
ATOM   215 C C   . SER A 1 50  ? -11.216 -6.256  4.881   1.00 34.29  ? 168 SER A C   1 
ATOM   216 O O   . SER A 1 50  ? -11.504 -6.804  5.943   1.00 37.95  ? 168 SER A O   1 
ATOM   217 C CB  . SER A 1 50  ? -13.013 -5.759  3.224   1.00 39.27  ? 168 SER A CB  1 
ATOM   218 O OG  . SER A 1 50  ? -14.002 -4.818  2.862   1.00 45.58  ? 168 SER A OG  1 
ATOM   219 N N   . THR A 1 51  ? -10.137 -6.586  4.181   1.00 34.45  ? 169 THR A N   1 
ATOM   220 C CA  . THR A 1 51  ? -9.322  -7.734  4.586   1.00 34.52  ? 169 THR A CA  1 
ATOM   221 C C   . THR A 1 51  ? -7.956  -7.344  5.138   1.00 30.74  ? 169 THR A C   1 
ATOM   222 O O   . THR A 1 51  ? -7.301  -8.150  5.807   1.00 38.55  ? 169 THR A O   1 
ATOM   223 C CB  . THR A 1 51  ? -9.081  -8.685  3.403   1.00 35.28  ? 169 THR A CB  1 
ATOM   224 O OG1 . THR A 1 51  ? -8.262  -8.028  2.436   1.00 33.06  ? 169 THR A OG1 1 
ATOM   225 C CG2 . THR A 1 51  ? -10.399 -9.091  2.753   1.00 39.54  ? 169 THR A CG2 1 
ATOM   226 N N   . GLY A 1 52  ? -7.522  -6.123  4.845   1.00 31.90  ? 170 GLY A N   1 
ATOM   227 C CA  . GLY A 1 52  ? -6.187  -5.678  5.198   1.00 35.33  ? 170 GLY A CA  1 
ATOM   228 C C   . GLY A 1 52  ? -5.130  -6.264  4.277   1.00 32.32  ? 170 GLY A C   1 
ATOM   229 O O   . GLY A 1 52  ? -3.940  -6.159  4.548   1.00 33.16  ? 170 GLY A O   1 
ATOM   230 N N   . ARG A 1 53  ? -5.560  -6.894  3.184   1.00 32.30  ? 171 ARG A N   1 
ATOM   231 C CA  . ARG A 1 53  ? -4.607  -7.488  2.244   1.00 30.00  ? 171 ARG A CA  1 
ATOM   232 C C   . ARG A 1 53  ? -4.276  -6.590  1.057   1.00 32.38  ? 171 ARG A C   1 
ATOM   233 O O   . ARG A 1 53  ? -5.073  -5.743  0.654   1.00 30.32  ? 171 ARG A O   1 
ATOM   234 C CB  . ARG A 1 53  ? -5.106  -8.844  1.756   1.00 29.94  ? 171 ARG A CB  1 
ATOM   235 C CG  . ARG A 1 53  ? -5.260  -9.853  2.885   1.00 31.22  ? 171 ARG A CG  1 
ATOM   236 C CD  . ARG A 1 53  ? -5.735  -11.202 2.382   1.00 35.23  ? 171 ARG A CD  1 
ATOM   237 N NE  . ARG A 1 53  ? -5.929  -12.130 3.492   1.00 38.09  ? 171 ARG A NE  1 
ATOM   238 C CZ  . ARG A 1 53  ? -4.969  -12.896 4.000   1.00 40.64  ? 171 ARG A CZ  1 
ATOM   239 N NH1 . ARG A 1 53  ? -3.742  -12.848 3.500   1.00 44.03  ? 171 ARG A NH1 1 
ATOM   240 N NH2 . ARG A 1 53  ? -5.232  -13.705 5.019   1.00 39.44  ? 171 ARG A NH2 1 
ATOM   241 N N   . ILE A 1 54  ? -3.071  -6.765  0.529   1.00 30.27  ? 172 ILE A N   1 
ATOM   242 C CA  . ILE A 1 54  ? -2.626  -6.031  -0.653  1.00 28.01  ? 172 ILE A CA  1 
ATOM   243 C C   . ILE A 1 54  ? -3.410  -6.496  -1.875  1.00 29.15  ? 172 ILE A C   1 
ATOM   244 O O   . ILE A 1 54  ? -3.438  -7.692  -2.190  1.00 33.16  ? 172 ILE A O   1 
ATOM   245 C CB  . ILE A 1 54  ? -1.127  -6.250  -0.896  1.00 24.47  ? 172 ILE A CB  1 
ATOM   246 C CG1 . ILE A 1 54  ? -0.316  -5.760  0.312   1.00 27.01  ? 172 ILE A CG1 1 
ATOM   247 C CG2 . ILE A 1 54  ? -0.689  -5.559  -2.190  1.00 28.31  ? 172 ILE A CG2 1 
ATOM   248 C CD1 . ILE A 1 54  ? 1.186   -5.973  0.155   1.00 28.10  ? 172 ILE A CD1 1 
ATOM   249 N N   . VAL A 1 55  ? -4.079  -5.558  -2.545  1.00 26.75  ? 173 VAL A N   1 
ATOM   250 C CA  . VAL A 1 55  ? -4.850  -5.901  -3.727  1.00 29.53  ? 173 VAL A CA  1 
ATOM   251 C C   . VAL A 1 55  ? -4.124  -5.493  -4.997  1.00 27.28  ? 173 VAL A C   1 
ATOM   252 O O   . VAL A 1 55  ? -4.394  -6.059  -6.046  1.00 30.88  ? 173 VAL A O   1 
ATOM   253 C CB  . VAL A 1 55  ? -6.288  -5.317  -3.736  1.00 35.42  ? 173 VAL A CB  1 
ATOM   254 C CG1 . VAL A 1 55  ? -7.130  -5.927  -2.621  1.00 36.20  ? 173 VAL A CG1 1 
ATOM   255 C CG2 . VAL A 1 55  ? -6.274  -3.828  -3.633  1.00 37.37  ? 173 VAL A CG2 1 
ATOM   256 N N   . ASP A 1 56  ? -3.193  -4.543  -4.868  1.00 30.09  ? 174 ASP A N   1 
ATOM   257 C CA  . ASP A 1 56  ? -2.349  -4.094  -5.984  1.00 27.50  ? 174 ASP A CA  1 
ATOM   258 C C   . ASP A 1 56  ? -1.141  -3.312  -5.470  1.00 26.85  ? 174 ASP A C   1 
ATOM   259 O O   . ASP A 1 56  ? -1.095  -2.885  -4.307  1.00 27.38  ? 174 ASP A O   1 
ATOM   260 C CB  . ASP A 1 56  ? -3.142  -3.242  -6.988  1.00 27.87  ? 174 ASP A CB  1 
ATOM   261 C CG  . ASP A 1 56  ? -2.723  -3.494  -8.425  1.00 31.08  ? 174 ASP A CG  1 
ATOM   262 O OD1 . ASP A 1 56  ? -1.607  -4.018  -8.636  1.00 31.70  ? 174 ASP A OD1 1 
ATOM   263 O OD2 . ASP A 1 56  ? -3.517  -3.179  -9.347  1.00 33.49  ? 174 ASP A OD2 1 
ATOM   264 N N   . LEU A 1 57  ? -0.160  -3.145  -6.351  1.00 26.53  ? 175 LEU A N   1 
ATOM   265 C CA  . LEU A 1 57  ? 1.022   -2.354  -6.056  1.00 25.77  ? 175 LEU A CA  1 
ATOM   266 C C   . LEU A 1 57  ? 1.799   -2.156  -7.346  1.00 26.33  ? 175 LEU A C   1 
ATOM   267 O O   . LEU A 1 57  ? 1.510   -2.783  -8.364  1.00 28.62  ? 175 LEU A O   1 
ATOM   268 C CB  . LEU A 1 57  ? 1.928   -3.054  -5.041  1.00 31.32  ? 175 LEU A CB  1 
ATOM   269 C CG  . LEU A 1 57  ? 2.690   -4.296  -5.507  1.00 29.67  ? 175 LEU A CG  1 
ATOM   270 C CD1 . LEU A 1 57  ? 3.829   -4.569  -4.544  1.00 32.06  ? 175 LEU A CD1 1 
ATOM   271 C CD2 . LEU A 1 57  ? 1.755   -5.497  -5.535  1.00 34.54  ? 175 LEU A CD2 1 
ATOM   272 N N   . ASN A 1 58  ? 2.799   -1.290  -7.294  1.00 24.93  ? 176 ASN A N   1 
ATOM   273 C CA  . ASN A 1 58  ? 3.735   -1.164  -8.399  1.00 26.90  ? 176 ASN A CA  1 
ATOM   274 C C   . ASN A 1 58  ? 5.148   -1.618  -8.046  1.00 27.74  ? 176 ASN A C   1 
ATOM   275 O O   . ASN A 1 58  ? 5.428   -1.926  -6.891  1.00 28.42  ? 176 ASN A O   1 
ATOM   276 C CB  . ASN A 1 58  ? 3.721   0.242   -8.995  1.00 25.96  ? 176 ASN A CB  1 
ATOM   277 C CG  . ASN A 1 58  ? 4.087   1.335   -7.996  1.00 26.70  ? 176 ASN A CG  1 
ATOM   278 O OD1 . ASN A 1 58  ? 4.608   1.080   -6.904  1.00 26.61  ? 176 ASN A OD1 1 
ATOM   279 N ND2 . ASN A 1 58  ? 3.839   2.587   -8.397  1.00 28.11  ? 176 ASN A ND2 1 
ATOM   280 N N   . SER A 1 59  ? 6.029   -1.679  -9.046  1.00 28.55  ? 177 SER A N   1 
ATOM   281 C CA  A SER A 1 59  ? 7.355   -2.240  -8.802  0.77 31.07  ? 177 SER A CA  1 
ATOM   282 C CA  B SER A 1 59  ? 7.382   -2.207  -8.858  0.23 31.91  ? 177 SER A CA  1 
ATOM   283 C C   . SER A 1 59  ? 8.215   -1.328  -7.936  1.00 31.53  ? 177 SER A C   1 
ATOM   284 O O   . SER A 1 59  ? 9.109   -1.808  -7.235  1.00 31.28  ? 177 SER A O   1 
ATOM   285 C CB  A SER A 1 59  ? 8.069   -2.607  -10.107 0.77 35.20  ? 177 SER A CB  1 
ATOM   286 C CB  B SER A 1 59  ? 8.096   -2.357  -10.203 0.23 35.39  ? 177 SER A CB  1 
ATOM   287 O OG  A SER A 1 59  ? 8.172   -1.496  -10.974 0.77 36.68  ? 177 SER A OG  1 
ATOM   288 O OG  B SER A 1 59  ? 7.455   -3.314  -11.028 0.23 36.27  ? 177 SER A OG  1 
ATOM   289 N N   . ALA A 1 60  ? 7.939   -0.027  -7.959  1.00 27.89  ? 178 ALA A N   1 
ATOM   290 C CA  . ALA A 1 60  ? 8.649   0.890   -7.060  1.00 30.02  ? 178 ALA A CA  1 
ATOM   291 C C   . ALA A 1 60  ? 8.326   0.559   -5.607  1.00 27.09  ? 178 ALA A C   1 
ATOM   292 O O   . ALA A 1 60  ? 9.216   0.606   -4.747  1.00 28.44  ? 178 ALA A O   1 
ATOM   293 C CB  . ALA A 1 60  ? 8.300   2.337   -7.371  1.00 33.70  ? 178 ALA A CB  1 
ATOM   294 N N   . ALA A 1 61  ? 7.070   0.201   -5.327  1.00 25.56  ? 179 ALA A N   1 
ATOM   295 C CA  . ALA A 1 61  ? 6.723   -0.260  -3.980  1.00 27.44  ? 179 ALA A CA  1 
ATOM   296 C C   . ALA A 1 61  ? 7.386   -1.591  -3.675  1.00 30.46  ? 179 ALA A C   1 
ATOM   297 O O   . ALA A 1 61  ? 7.901   -1.797  -2.569  1.00 28.03  ? 179 ALA A O   1 
ATOM   298 C CB  . ALA A 1 61  ? 5.202   -0.381  -3.811  1.00 26.74  ? 179 ALA A CB  1 
ATOM   299 N N   . GLY A 1 62  ? 7.351   -2.505  -4.640  1.00 27.31  ? 180 GLY A N   1 
ATOM   300 C CA  . GLY A 1 62  ? 7.988   -3.803  -4.477  1.00 27.21  ? 180 GLY A CA  1 
ATOM   301 C C   . GLY A 1 62  ? 9.452   -3.683  -4.084  1.00 31.12  ? 180 GLY A C   1 
ATOM   302 O O   . GLY A 1 62  ? 9.941   -4.429  -3.241  1.00 29.50  ? 180 GLY A O   1 
ATOM   303 N N   . LEU A 1 63  ? 10.154  -2.728  -4.691  1.00 30.49  ? 181 LEU A N   1 
ATOM   304 C CA  . LEU A 1 63  ? 11.574  -2.547  -4.412  1.00 28.06  ? 181 LEU A CA  1 
ATOM   305 C C   . LEU A 1 63  ? 11.823  -2.119  -2.966  1.00 30.07  ? 181 LEU A C   1 
ATOM   306 O O   . LEU A 1 63  ? 12.770  -2.586  -2.318  1.00 30.38  ? 181 LEU A O   1 
ATOM   307 C CB  . LEU A 1 63  ? 12.168  -1.512  -5.376  1.00 28.71  ? 181 LEU A CB  1 
ATOM   308 C CG  . LEU A 1 63  ? 13.671  -1.498  -5.612  1.00 40.17  ? 181 LEU A CG  1 
ATOM   309 C CD1 . LEU A 1 63  ? 14.141  -2.868  -6.065  1.00 42.09  ? 181 LEU A CD1 1 
ATOM   310 C CD2 . LEU A 1 63  ? 14.006  -0.446  -6.671  1.00 43.11  ? 181 LEU A CD2 1 
ATOM   311 N N   . LEU A 1 64  ? 10.989  -1.214  -2.466  1.00 29.83  ? 182 LEU A N   1 
ATOM   312 C CA  . LEU A 1 64  ? 11.140  -0.725  -1.103  1.00 28.69  ? 182 LEU A CA  1 
ATOM   313 C C   . LEU A 1 64  ? 10.751  -1.787  -0.097  1.00 28.47  ? 182 LEU A C   1 
ATOM   314 O O   . LEU A 1 64  ? 11.356  -1.901  0.960   1.00 30.42  ? 182 LEU A O   1 
ATOM   315 C CB  . LEU A 1 64  ? 10.313  0.543   -0.879  1.00 27.82  ? 182 LEU A CB  1 
ATOM   316 C CG  . LEU A 1 64  ? 10.866  1.794   -1.576  1.00 26.54  ? 182 LEU A CG  1 
ATOM   317 C CD1 . LEU A 1 64  ? 9.922   2.959   -1.350  1.00 29.28  ? 182 LEU A CD1 1 
ATOM   318 C CD2 . LEU A 1 64  ? 12.261  2.118   -1.057  1.00 31.44  ? 182 LEU A CD2 1 
ATOM   319 N N   . LEU A 1 65  ? 9.737   -2.577  -0.440  1.00 28.49  ? 183 LEU A N   1 
ATOM   320 C CA  . LEU A 1 65  ? 9.285   -3.644  0.450   1.00 26.63  ? 183 LEU A CA  1 
ATOM   321 C C   . LEU A 1 65  ? 10.180  -4.875  0.394   1.00 28.58  ? 183 LEU A C   1 
ATOM   322 O O   . LEU A 1 65  ? 10.210  -5.666  1.342   1.00 32.60  ? 183 LEU A O   1 
ATOM   323 C CB  . LEU A 1 65  ? 7.840   -4.039  0.108   1.00 26.99  ? 183 LEU A CB  1 
ATOM   324 C CG  . LEU A 1 65  ? 6.780   -2.961  0.335   1.00 27.85  ? 183 LEU A CG  1 
ATOM   325 C CD1 . LEU A 1 65  ? 5.433   -3.431  -0.192  1.00 29.80  ? 183 LEU A CD1 1 
ATOM   326 C CD2 . LEU A 1 65  ? 6.670   -2.645  1.809   1.00 30.02  ? 183 LEU A CD2 1 
ATOM   327 N N   . GLY A 1 66  ? 10.903  -5.042  -0.703  1.00 30.51  ? 184 GLY A N   1 
ATOM   328 C CA  . GLY A 1 66  ? 11.814  -6.160  -0.852  1.00 32.29  ? 184 GLY A CA  1 
ATOM   329 C C   . GLY A 1 66  ? 11.158  -7.408  -1.413  1.00 31.85  ? 184 GLY A C   1 
ATOM   330 O O   . GLY A 1 66  ? 11.650  -8.523  -1.195  1.00 31.60  ? 184 GLY A O   1 
ATOM   331 N N   . GLY A 1 67  ? 10.070  -7.224  -2.155  1.00 28.25  ? 185 GLY A N   1 
ATOM   332 C CA  . GLY A 1 67  ? 9.356   -8.355  -2.719  1.00 26.26  ? 185 GLY A CA  1 
ATOM   333 C C   . GLY A 1 67  ? 8.838   -8.101  -4.121  1.00 29.71  ? 185 GLY A C   1 
ATOM   334 O O   . GLY A 1 67  ? 8.607   -6.962  -4.511  1.00 36.91  ? 185 GLY A O   1 
ATOM   335 N N   . VAL A 1 68  ? 8.662   -9.166  -4.887  1.00 30.48  ? 186 VAL A N   1 
ATOM   336 C CA  . VAL A 1 68  ? 8.048   -9.019  -6.202  1.00 31.53  ? 186 VAL A CA  1 
ATOM   337 C C   . VAL A 1 68  ? 6.530   -9.001  -6.080  1.00 34.01  ? 186 VAL A C   1 
ATOM   338 O O   . VAL A 1 68  ? 5.962   -9.446  -5.084  1.00 37.07  ? 186 VAL A O   1 
ATOM   339 C CB  . VAL A 1 68  ? 8.494   -10.109 -7.194  1.00 36.71  ? 186 VAL A CB  1 
ATOM   340 C CG1 . VAL A 1 68  ? 9.989   -10.012 -7.432  1.00 39.85  ? 186 VAL A CG1 1 
ATOM   341 C CG2 . VAL A 1 68  ? 8.108   -11.496 -6.699  1.00 38.02  ? 186 VAL A CG2 1 
ATOM   342 N N   . ARG A 1 69  ? 5.886   -8.458  -7.107  1.00 37.61  ? 187 ARG A N   1 
ATOM   343 C CA  . ARG A 1 69  ? 4.436   -8.338  -7.150  1.00 38.64  ? 187 ARG A CA  1 
ATOM   344 C C   . ARG A 1 69  ? 3.745   -9.642  -6.793  1.00 38.56  ? 187 ARG A C   1 
ATOM   345 O O   . ARG A 1 69  ? 2.808   -9.676  -5.995  1.00 43.76  ? 187 ARG A O   1 
ATOM   346 C CB  . ARG A 1 69  ? 4.029   -7.901  -8.553  1.00 45.48  ? 187 ARG A CB  1 
ATOM   347 C CG  . ARG A 1 69  ? 2.575   -8.074  -8.850  1.00 46.54  ? 187 ARG A CG  1 
ATOM   348 C CD  . ARG A 1 69  ? 2.276   -7.780  -10.306 1.00 49.00  ? 187 ARG A CD  1 
ATOM   349 N NE  . ARG A 1 69  ? 0.853   -7.534  -10.473 1.00 51.74  ? 187 ARG A NE  1 
ATOM   350 C CZ  . ARG A 1 69  ? 0.274   -6.390  -10.138 1.00 41.62  ? 187 ARG A CZ  1 
ATOM   351 N NH1 . ARG A 1 69  ? -1.032  -6.233  -10.299 1.00 48.72  ? 187 ARG A NH1 1 
ATOM   352 N NH2 . ARG A 1 69  ? 1.010   -5.407  -9.643  1.00 36.42  ? 187 ARG A NH2 1 
ATOM   353 N N   . GLN A 1 70  ? 4.235   -10.726 -7.378  1.00 43.67  ? 188 GLN A N   1 
ATOM   354 C CA  . GLN A 1 70  ? 3.669   -12.044 -7.177  1.00 44.73  ? 188 GLN A CA  1 
ATOM   355 C C   . GLN A 1 70  ? 3.685   -12.506 -5.714  1.00 46.15  ? 188 GLN A C   1 
ATOM   356 O O   . GLN A 1 70  ? 2.782   -13.209 -5.276  1.00 49.64  ? 188 GLN A O   1 
ATOM   357 C CB  . GLN A 1 70  ? 4.396   -13.046 -8.073  1.00 49.77  ? 188 GLN A CB  1 
ATOM   358 C CG  . GLN A 1 70  ? 4.279   -14.479 -7.630  1.00 56.72  ? 188 GLN A CG  1 
ATOM   359 C CD  . GLN A 1 70  ? 5.132   -15.404 -8.463  1.00 59.08  ? 188 GLN A CD  1 
ATOM   360 O OE1 . GLN A 1 70  ? 5.331   -15.176 -9.658  1.00 68.33  ? 188 GLN A OE1 1 
ATOM   361 N NE2 . GLN A 1 70  ? 5.657   -16.444 -7.837  1.00 55.09  ? 188 GLN A NE2 1 
ATOM   362 N N   . ASP A 1 71  ? 4.700   -12.109 -4.953  1.00 41.06  ? 189 ASP A N   1 
ATOM   363 C CA  . ASP A 1 71  ? 4.758   -12.495 -3.551  1.00 39.88  ? 189 ASP A CA  1 
ATOM   364 C C   . ASP A 1 71  ? 3.878   -11.606 -2.679  1.00 36.75  ? 189 ASP A C   1 
ATOM   365 O O   . ASP A 1 71  ? 3.402   -12.033 -1.634  1.00 41.80  ? 189 ASP A O   1 
ATOM   366 C CB  . ASP A 1 71  ? 6.199   -12.487 -3.034  1.00 43.21  ? 189 ASP A CB  1 
ATOM   367 C CG  . ASP A 1 71  ? 7.020   -13.648 -3.575  1.00 49.26  ? 189 ASP A CG  1 
ATOM   368 O OD1 . ASP A 1 71  ? 6.417   -14.627 -4.073  1.00 53.04  ? 189 ASP A OD1 1 
ATOM   369 O OD2 . ASP A 1 71  ? 8.265   -13.587 -3.495  1.00 50.95  ? 189 ASP A OD2 1 
ATOM   370 N N   . LEU A 1 72  ? 3.644   -10.375 -3.120  1.00 31.61  ? 190 LEU A N   1 
ATOM   371 C CA  . LEU A 1 72  ? 2.971   -9.381  -2.281  1.00 29.93  ? 190 LEU A CA  1 
ATOM   372 C C   . LEU A 1 72  ? 1.450   -9.314  -2.486  1.00 32.67  ? 190 LEU A C   1 
ATOM   373 O O   . LEU A 1 72  ? 0.714   -8.991  -1.552  1.00 30.23  ? 190 LEU A O   1 
ATOM   374 C CB  . LEU A 1 72  ? 3.612   -8.000  -2.471  1.00 27.10  ? 190 LEU A CB  1 
ATOM   375 C CG  . LEU A 1 72  ? 5.022   -7.869  -1.895  1.00 31.03  ? 190 LEU A CG  1 
ATOM   376 C CD1 . LEU A 1 72  ? 5.757   -6.676  -2.504  1.00 31.79  ? 190 LEU A CD1 1 
ATOM   377 C CD2 . LEU A 1 72  ? 4.930   -7.720  -0.395  1.00 34.14  ? 190 LEU A CD2 1 
ATOM   378 N N   . LEU A 1 73  ? 0.984   -9.605  -3.699  1.00 30.92  ? 191 LEU A N   1 
ATOM   379 C CA  . LEU A 1 73  ? -0.453  -9.642  -3.965  1.00 30.91  ? 191 LEU A CA  1 
ATOM   380 C C   . LEU A 1 73  ? -1.130  -10.637 -3.055  1.00 33.37  ? 191 LEU A C   1 
ATOM   381 O O   . LEU A 1 73  ? -0.715  -11.790 -2.973  1.00 35.49  ? 191 LEU A O   1 
ATOM   382 C CB  . LEU A 1 73  ? -0.741  -10.023 -5.424  1.00 32.06  ? 191 LEU A CB  1 
ATOM   383 C CG  . LEU A 1 73  ? -0.465  -8.954  -6.475  1.00 32.95  ? 191 LEU A CG  1 
ATOM   384 C CD1 . LEU A 1 73  ? -0.652  -9.509  -7.880  1.00 35.91  ? 191 LEU A CD1 1 
ATOM   385 C CD2 . LEU A 1 73  ? -1.366  -7.755  -6.246  1.00 39.70  ? 191 LEU A CD2 1 
ATOM   386 N N   . GLY A 1 74  ? -2.156  -10.174 -2.351  1.00 32.68  ? 192 GLY A N   1 
ATOM   387 C CA  . GLY A 1 74  ? -2.928  -11.035 -1.472  1.00 30.21  ? 192 GLY A CA  1 
ATOM   388 C C   . GLY A 1 74  ? -2.335  -11.154 -0.086  1.00 31.47  ? 192 GLY A C   1 
ATOM   389 O O   . GLY A 1 74  ? -2.925  -11.787 0.787   1.00 36.34  ? 192 GLY A O   1 
ATOM   390 N N   . ALA A 1 75  ? -1.170  -10.552 0.130   1.00 31.91  ? 193 ALA A N   1 
ATOM   391 C CA  . ALA A 1 75  ? -0.521  -10.650 1.436   1.00 31.40  ? 193 ALA A CA  1 
ATOM   392 C C   . ALA A 1 75  ? -1.107  -9.650  2.428   1.00 28.06  ? 193 ALA A C   1 
ATOM   393 O O   . ALA A 1 75  ? -1.508  -8.565  2.055   1.00 31.18  ? 193 ALA A O   1 
ATOM   394 C CB  . ALA A 1 75  ? 0.982   -10.445 1.295   1.00 31.50  ? 193 ALA A CB  1 
ATOM   395 N N   . ALA A 1 76  ? -1.181  -10.032 3.707   1.00 30.30  ? 194 ALA A N   1 
ATOM   396 C CA  . ALA A 1 76  ? -1.618  -9.083  4.723   1.00 31.38  ? 194 ALA A CA  1 
ATOM   397 C C   . ALA A 1 76  ? -0.583  -7.982  4.846   1.00 32.35  ? 194 ALA A C   1 
ATOM   398 O O   . ALA A 1 76  ? 0.599   -8.261  5.095   1.00 35.96  ? 194 ALA A O   1 
ATOM   399 C CB  . ALA A 1 76  ? -1.792  -9.772  6.060   1.00 34.98  ? 194 ALA A CB  1 
ATOM   400 N N   . ILE A 1 77  ? -1.005  -6.736  4.661   1.00 32.31  ? 195 ILE A N   1 
ATOM   401 C CA  . ILE A 1 77  ? -0.046  -5.627  4.684   1.00 28.76  ? 195 ILE A CA  1 
ATOM   402 C C   . ILE A 1 77  ? 0.687   -5.545  6.027   1.00 29.89  ? 195 ILE A C   1 
ATOM   403 O O   . ILE A 1 77  ? 1.900   -5.294  6.061   1.00 29.47  ? 195 ILE A O   1 
ATOM   404 C CB  . ILE A 1 77  ? -0.689  -4.265  4.300   1.00 30.57  ? 195 ILE A CB  1 
ATOM   405 C CG1 . ILE A 1 77  ? 0.377   -3.175  4.156   1.00 35.96  ? 195 ILE A CG1 1 
ATOM   406 C CG2 . ILE A 1 77  ? -1.771  -3.859  5.285   1.00 35.37  ? 195 ILE A CG2 1 
ATOM   407 C CD1 . ILE A 1 77  ? 1.369   -3.451  3.065   1.00 32.82  ? 195 ILE A CD1 1 
ATOM   408 N N   . ALA A 1 78  ? -0.018  -5.784  7.128   1.00 29.83  ? 196 ALA A N   1 
ATOM   409 C CA  . ALA A 1 78  ? 0.614   -5.655  8.451   1.00 28.46  ? 196 ALA A CA  1 
ATOM   410 C C   . ALA A 1 78  ? 1.791   -6.610  8.630   1.00 34.91  ? 196 ALA A C   1 
ATOM   411 O O   . ALA A 1 78  ? 2.778   -6.281  9.292   1.00 31.28  ? 196 ALA A O   1 
ATOM   412 C CB  . ALA A 1 78  ? -0.409  -5.853  9.570   1.00 32.04  ? 196 ALA A CB  1 
ATOM   413 N N   . GLN A 1 79  ? 1.699   -7.784  8.019   1.00 31.61  ? 197 GLN A N   1 
ATOM   414 C CA  . GLN A 1 79  ? 2.697   -8.824  8.223   1.00 35.83  ? 197 GLN A CA  1 
ATOM   415 C C   . GLN A 1 79  ? 3.984   -8.566  7.439   1.00 33.20  ? 197 GLN A C   1 
ATOM   416 O O   . GLN A 1 79  ? 4.975   -9.278  7.612   1.00 35.55  ? 197 GLN A O   1 
ATOM   417 C CB  . GLN A 1 79  ? 2.108   -10.211 7.936   1.00 37.65  ? 197 GLN A CB  1 
ATOM   418 C CG  . GLN A 1 79  ? 0.982   -10.574 8.902   1.00 42.39  ? 197 GLN A CG  1 
ATOM   419 C CD  . GLN A 1 79  ? 0.368   -11.940 8.638   1.00 53.50  ? 197 GLN A CD  1 
ATOM   420 O OE1 . GLN A 1 79  ? 0.676   -12.594 7.640   1.00 56.97  ? 197 GLN A OE1 1 
ATOM   421 N NE2 . GLN A 1 79  ? -0.505  -12.379 9.541   1.00 57.85  ? 197 GLN A NE2 1 
ATOM   422 N N   . GLU A 1 80  ? 3.968   -7.536  6.599   1.00 27.86  ? 198 GLU A N   1 
ATOM   423 C CA  . GLU A 1 80  ? 5.182   -7.094  5.917   1.00 28.92  ? 198 GLU A CA  1 
ATOM   424 C C   . GLU A 1 80  ? 6.048   -6.256  6.845   1.00 32.54  ? 198 GLU A C   1 
ATOM   425 O O   . GLU A 1 80  ? 7.233   -6.058  6.577   1.00 32.34  ? 198 GLU A O   1 
ATOM   426 C CB  . GLU A 1 80  ? 4.847   -6.264  4.683   1.00 31.44  ? 198 GLU A CB  1 
ATOM   427 C CG  . GLU A 1 80  ? 4.150   -7.074  3.600   1.00 33.14  ? 198 GLU A CG  1 
ATOM   428 C CD  . GLU A 1 80  ? 5.009   -8.216  3.096   1.00 34.90  ? 198 GLU A CD  1 
ATOM   429 O OE1 . GLU A 1 80  ? 6.224   -8.002  2.882   1.00 38.92  ? 198 GLU A OE1 1 
ATOM   430 O OE2 . GLU A 1 80  ? 4.479   -9.332  2.918   1.00 35.37  ? 198 GLU A OE2 1 
ATOM   431 N N   . PHE A 1 81  ? 5.457   -5.758  7.924   1.00 30.51  ? 199 PHE A N   1 
ATOM   432 C CA  . PHE A 1 81  ? 6.143   -4.769  8.758   1.00 31.99  ? 199 PHE A CA  1 
ATOM   433 C C   . PHE A 1 81  ? 6.424   -5.331  10.140  1.00 31.99  ? 199 PHE A C   1 
ATOM   434 O O   . PHE A 1 81  ? 5.529   -5.837  10.820  1.00 33.02  ? 199 PHE A O   1 
ATOM   435 C CB  . PHE A 1 81  ? 5.328   -3.470  8.822   1.00 30.31  ? 199 PHE A CB  1 
ATOM   436 C CG  . PHE A 1 81  ? 5.070   -2.846  7.479   1.00 28.29  ? 199 PHE A CG  1 
ATOM   437 C CD1 . PHE A 1 81  ? 6.110   -2.641  6.576   1.00 28.90  ? 199 PHE A CD1 1 
ATOM   438 C CD2 . PHE A 1 81  ? 3.784   -2.487  7.100   1.00 27.40  ? 199 PHE A CD2 1 
ATOM   439 C CE1 . PHE A 1 81  ? 5.867   -2.078  5.335   1.00 30.00  ? 199 PHE A CE1 1 
ATOM   440 C CE2 . PHE A 1 81  ? 3.543   -1.928  5.855   1.00 28.79  ? 199 PHE A CE2 1 
ATOM   441 C CZ  . PHE A 1 81  ? 4.589   -1.715  4.981   1.00 33.52  ? 199 PHE A CZ  1 
ATOM   442 N N   . GLU A 1 82  ? 7.683   -5.251  10.566  1.00 27.43  ? 200 GLU A N   1 
ATOM   443 C CA  . GLU A 1 82  ? 8.061   -5.905  11.807  1.00 31.32  ? 200 GLU A CA  1 
ATOM   444 C C   . GLU A 1 82  ? 7.279   -5.383  13.006  1.00 36.15  ? 200 GLU A C   1 
ATOM   445 O O   . GLU A 1 82  ? 7.142   -4.178  13.194  1.00 36.25  ? 200 GLU A O   1 
ATOM   446 C CB  . GLU A 1 82  ? 9.573   -5.819  12.037  1.00 35.93  ? 200 GLU A CB  1 
ATOM   447 C CG  . GLU A 1 82  ? 10.346  -6.559  10.963  1.00 38.24  ? 200 GLU A CG  1 
ATOM   448 C CD  . GLU A 1 82  ? 11.764  -6.919  11.346  1.00 45.63  ? 200 GLU A CD  1 
ATOM   449 O OE1 . GLU A 1 82  ? 12.236  -6.485  12.418  1.00 44.49  ? 200 GLU A OE1 1 
ATOM   450 O OE2 . GLU A 1 82  ? 12.406  -7.647  10.555  1.00 48.12  ? 200 GLU A OE2 1 
ATOM   451 N N   . GLY A 1 83  ? 6.734   -6.311  13.786  1.00 32.57  ? 201 GLY A N   1 
ATOM   452 C CA  . GLY A 1 83  ? 6.007   -5.964  14.992  1.00 35.03  ? 201 GLY A CA  1 
ATOM   453 C C   . GLY A 1 83  ? 4.563   -5.508  14.815  1.00 32.87  ? 201 GLY A C   1 
ATOM   454 O O   . GLY A 1 83  ? 3.878   -5.282  15.810  1.00 40.36  ? 201 GLY A O   1 
ATOM   455 N N   . ARG A 1 84  ? 4.086   -5.390  13.580  1.00 34.58  ? 202 ARG A N   1 
ATOM   456 C CA  . ARG A 1 84  ? 2.702   -4.953  13.379  1.00 34.07  ? 202 ARG A CA  1 
ATOM   457 C C   . ARG A 1 84  ? 1.730   -6.132  13.250  1.00 39.39  ? 202 ARG A C   1 
ATOM   458 O O   . ARG A 1 84  ? 2.110   -7.220  12.825  1.00 42.96  ? 202 ARG A O   1 
ATOM   459 C CB  . ARG A 1 84  ? 2.568   -4.024  12.170  1.00 30.53  ? 202 ARG A CB  1 
ATOM   460 C CG  . ARG A 1 84  ? 3.651   -2.946  12.081  1.00 31.47  ? 202 ARG A CG  1 
ATOM   461 C CD  . ARG A 1 84  ? 3.757   -2.140  13.356  1.00 36.67  ? 202 ARG A CD  1 
ATOM   462 N NE  . ARG A 1 84  ? 2.544   -1.396  13.697  1.00 36.05  ? 202 ARG A NE  1 
ATOM   463 C CZ  . ARG A 1 84  ? 2.431   -0.073  13.637  1.00 38.54  ? 202 ARG A CZ  1 
ATOM   464 N NH1 . ARG A 1 84  ? 1.292   0.515   13.989  1.00 39.50  ? 202 ARG A NH1 1 
ATOM   465 N NH2 . ARG A 1 84  ? 3.455   0.665   13.225  1.00 38.68  ? 202 ARG A NH2 1 
ATOM   466 N N   . ARG A 1 85  ? 0.481   -5.905  13.645  1.00 42.76  ? 203 ARG A N   1 
ATOM   467 C CA  . ARG A 1 85  ? -0.578  -6.900  13.475  1.00 42.85  ? 203 ARG A CA  1 
ATOM   468 C C   . ARG A 1 85  ? -1.748  -6.241  12.741  1.00 40.62  ? 203 ARG A C   1 
ATOM   469 O O   . ARG A 1 85  ? -1.893  -5.024  12.783  1.00 35.17  ? 203 ARG A O   1 
ATOM   470 C CB  . ARG A 1 85  ? -1.016  -7.469  14.823  1.00 45.56  ? 203 ARG A CB  1 
ATOM   471 C CG  . ARG A 1 85  ? 0.138   -8.025  15.662  1.00 50.10  ? 203 ARG A CG  1 
ATOM   472 C CD  . ARG A 1 85  ? -0.353  -8.927  16.778  1.00 66.24  ? 203 ARG A CD  1 
ATOM   473 N NE  . ARG A 1 85  ? -0.928  -10.167 16.261  1.00 77.75  ? 203 ARG A NE  1 
ATOM   474 C CZ  . ARG A 1 85  ? -2.203  -10.518 16.400  1.00 85.59  ? 203 ARG A CZ  1 
ATOM   475 N NH1 . ARG A 1 85  ? -3.046  -9.727  17.053  1.00 89.11  ? 203 ARG A NH1 1 
ATOM   476 N NH2 . ARG A 1 85  ? -2.634  -11.665 15.892  1.00 88.00  ? 203 ARG A NH2 1 
ATOM   477 N N   . ARG A 1 86  ? -2.582  -7.033  12.071  1.00 41.57  ? 204 ARG A N   1 
ATOM   478 C CA  . ARG A 1 86  ? -3.615  -6.460  11.202  1.00 42.41  ? 204 ARG A CA  1 
ATOM   479 C C   . ARG A 1 86  ? -4.557  -5.469  11.874  1.00 33.23  ? 204 ARG A C   1 
ATOM   480 O O   . ARG A 1 86  ? -4.799  -4.389  11.343  1.00 37.13  ? 204 ARG A O   1 
ATOM   481 C CB  . ARG A 1 86  ? -4.453  -7.542  10.517  1.00 50.31  ? 204 ARG A CB  1 
ATOM   482 C CG  . ARG A 1 86  ? -5.638  -6.946  9.763   1.00 51.20  ? 204 ARG A CG  1 
ATOM   483 C CD  . ARG A 1 86  ? -6.282  -7.947  8.833   1.00 58.33  ? 204 ARG A CD  1 
ATOM   484 N NE  . ARG A 1 86  ? -6.807  -9.102  9.548   1.00 57.88  ? 204 ARG A NE  1 
ATOM   485 C CZ  . ARG A 1 86  ? -7.213  -10.218 8.952   1.00 60.58  ? 204 ARG A CZ  1 
ATOM   486 N NH1 . ARG A 1 86  ? -7.151  -10.321 7.628   1.00 57.70  ? 204 ARG A NH1 1 
ATOM   487 N NH2 . ARG A 1 86  ? -7.675  -11.229 9.676   1.00 60.87  ? 204 ARG A NH2 1 
ATOM   488 N N   . GLY A 1 87  ? -5.096  -5.844  13.023  1.00 34.30  ? 205 GLY A N   1 
ATOM   489 C CA  . GLY A 1 87  ? -6.073  -5.015  13.704  1.00 36.92  ? 205 GLY A CA  1 
ATOM   490 C C   . GLY A 1 87  ? -5.551  -3.619  13.978  1.00 41.91  ? 205 GLY A C   1 
ATOM   491 O O   . GLY A 1 87  ? -6.069  -2.634  13.446  1.00 43.64  ? 205 GLY A O   1 
ATOM   492 N N   . GLU A 1 88  ? -4.503  -3.537  14.788  1.00 40.79  ? 206 GLU A N   1 
ATOM   493 C CA  . GLU A 1 88  ? -3.955  -2.249  15.197  1.00 40.41  ? 206 GLU A CA  1 
ATOM   494 C C   . GLU A 1 88  ? -3.385  -1.455  14.022  1.00 35.65  ? 206 GLU A C   1 
ATOM   495 O O   . GLU A 1 88  ? -3.503  -0.233  13.976  1.00 40.05  ? 206 GLU A O   1 
ATOM   496 C CB  . GLU A 1 88  ? -2.900  -2.430  16.310  1.00 41.35  ? 206 GLU A CB  1 
ATOM   497 C CG  . GLU A 1 88  ? -1.678  -3.252  15.902  1.00 38.99  ? 206 GLU A CG  1 
ATOM   498 C CD  . GLU A 1 88  ? -0.626  -2.431  15.154  1.00 38.72  ? 206 GLU A CD  1 
ATOM   499 O OE1 . GLU A 1 88  ? 0.248   -3.025  14.491  1.00 35.55  ? 206 GLU A OE1 1 
ATOM   500 O OE2 . GLU A 1 88  ? -0.686  -1.187  15.222  1.00 41.56  ? 206 GLU A OE2 1 
ATOM   501 N N   . PHE A 1 89  ? -2.784  -2.146  13.059  1.00 32.01  ? 207 PHE A N   1 
ATOM   502 C CA  . PHE A 1 89  ? -2.129  -1.458  11.961  1.00 32.81  ? 207 PHE A CA  1 
ATOM   503 C C   . PHE A 1 89  ? -3.162  -0.838  11.027  1.00 33.03  ? 207 PHE A C   1 
ATOM   504 O O   . PHE A 1 89  ? -3.013  0.306   10.593  1.00 34.69  ? 207 PHE A O   1 
ATOM   505 C CB  . PHE A 1 89  ? -1.201  -2.392  11.190  1.00 32.31  ? 207 PHE A CB  1 
ATOM   506 C CG  . PHE A 1 89  ? -0.398  -1.695  10.131  1.00 29.91  ? 207 PHE A CG  1 
ATOM   507 C CD1 . PHE A 1 89  ? 0.700   -0.929  10.476  1.00 32.52  ? 207 PHE A CD1 1 
ATOM   508 C CD2 . PHE A 1 89  ? -0.752  -1.790  8.800   1.00 28.58  ? 207 PHE A CD2 1 
ATOM   509 C CE1 . PHE A 1 89  ? 1.437   -0.274  9.506   1.00 32.46  ? 207 PHE A CE1 1 
ATOM   510 C CE2 . PHE A 1 89  ? -0.014  -1.138  7.820   1.00 32.21  ? 207 PHE A CE2 1 
ATOM   511 C CZ  . PHE A 1 89  ? 1.083   -0.379  8.183   1.00 30.57  ? 207 PHE A CZ  1 
ATOM   512 N N   . MET A 1 90  ? -4.207  -1.594  10.717  1.00 36.24  ? 208 MET A N   1 
ATOM   513 C CA  . MET A 1 90  ? -5.277  -1.069  9.876   1.00 33.94  ? 208 MET A CA  1 
ATOM   514 C C   . MET A 1 90  ? -6.002  0.075   10.582  1.00 34.29  ? 208 MET A C   1 
ATOM   515 O O   . MET A 1 90  ? -6.399  1.050   9.942   1.00 40.01  ? 208 MET A O   1 
ATOM   516 C CB  . MET A 1 90  ? -6.252  -2.178  9.461   1.00 32.16  ? 208 MET A CB  1 
ATOM   517 C CG  . MET A 1 90  ? -5.670  -3.161  8.446   1.00 33.04  ? 208 MET A CG  1 
ATOM   518 S SD  . MET A 1 90  ? -5.210  -2.404  6.873   1.00 33.09  ? 208 MET A SD  1 
ATOM   519 C CE  . MET A 1 90  ? -6.832  -2.001  6.191   1.00 32.88  ? 208 MET A CE  1 
ATOM   520 N N   . GLU A 1 91  ? -6.175  -0.033  11.898  1.00 36.32  ? 209 GLU A N   1 
ATOM   521 C CA  . GLU A 1 91  ? -6.798  1.053   12.646  1.00 40.24  ? 209 GLU A CA  1 
ATOM   522 C C   . GLU A 1 91  ? -5.891  2.293   12.609  1.00 41.08  ? 209 GLU A C   1 
ATOM   523 O O   . GLU A 1 91  ? -6.365  3.424   12.486  1.00 45.78  ? 209 GLU A O   1 
ATOM   524 C CB  . GLU A 1 91  ? -7.091  0.637   14.089  1.00 50.12  ? 209 GLU A CB  1 
ATOM   525 C CG  . GLU A 1 91  ? -7.814  1.709   14.888  1.00 58.25  ? 209 GLU A CG  1 
ATOM   526 C CD  . GLU A 1 91  ? -8.312  1.211   16.231  1.00 70.14  ? 209 GLU A CD  1 
ATOM   527 O OE1 . GLU A 1 91  ? -8.870  2.031   16.994  1.00 75.56  ? 209 GLU A OE1 1 
ATOM   528 O OE2 . GLU A 1 91  ? -8.148  0.006   16.521  1.00 73.46  ? 209 GLU A OE2 1 
ATOM   529 N N   . THR A 1 92  ? -4.589  2.069   12.713  1.00 36.03  ? 210 THR A N   1 
ATOM   530 C CA  . THR A 1 92  ? -3.620  3.161   12.677  1.00 35.90  ? 210 THR A CA  1 
ATOM   531 C C   . THR A 1 92  ? -3.694  3.910   11.343  1.00 36.36  ? 210 THR A C   1 
ATOM   532 O O   . THR A 1 92  ? -3.831  5.129   11.324  1.00 43.24  ? 210 THR A O   1 
ATOM   533 C CB  . THR A 1 92  ? -2.180  2.665   12.932  1.00 39.51  ? 210 THR A CB  1 
ATOM   534 O OG1 . THR A 1 92  ? -2.089  2.124   14.258  1.00 41.86  ? 210 THR A OG1 1 
ATOM   535 C CG2 . THR A 1 92  ? -1.180  3.808   12.782  1.00 41.51  ? 210 THR A CG2 1 
ATOM   536 N N   . MET A 1 93  ? -3.633  3.177   10.238  1.00 35.53  ? 211 MET A N   1 
ATOM   537 C CA  . MET A 1 93  ? -3.704  3.793   8.918   1.00 32.96  ? 211 MET A CA  1 
ATOM   538 C C   . MET A 1 93  ? -5.049  4.468   8.652   1.00 36.91  ? 211 MET A C   1 
ATOM   539 O O   . MET A 1 93  ? -5.098  5.527   8.031   1.00 39.58  ? 211 MET A O   1 
ATOM   540 C CB  . MET A 1 93  ? -3.385  2.775   7.826   1.00 30.19  ? 211 MET A CB  1 
ATOM   541 C CG  . MET A 1 93  ? -1.935  2.331   7.835   1.00 36.02  ? 211 MET A CG  1 
ATOM   542 S SD  . MET A 1 93  ? -1.405  1.703   6.243   1.00 40.33  ? 211 MET A SD  1 
ATOM   543 C CE  . MET A 1 93  ? -2.628  0.410   5.965   1.00 37.21  ? 211 MET A CE  1 
ATOM   544 N N   . THR A 1 94  ? -6.135  3.861   9.121   1.00 36.83  ? 212 THR A N   1 
ATOM   545 C CA  . THR A 1 94  ? -7.458  4.433   8.919   1.00 41.08  ? 212 THR A CA  1 
ATOM   546 C C   . THR A 1 94  ? -7.584  5.759   9.654   1.00 47.11  ? 212 THR A C   1 
ATOM   547 O O   . THR A 1 94  ? -8.155  6.718   9.139   1.00 47.11  ? 212 THR A O   1 
ATOM   548 C CB  . THR A 1 94  ? -8.565  3.482   9.386   1.00 47.49  ? 212 THR A CB  1 
ATOM   549 O OG1 . THR A 1 94  ? -8.497  2.275   8.623   1.00 45.48  ? 212 THR A OG1 1 
ATOM   550 C CG2 . THR A 1 94  ? -9.930  4.114   9.186   1.00 53.43  ? 212 THR A CG2 1 
ATOM   551 N N   . ASN A 1 95  ? -7.027  5.812   10.857  1.00 43.07  ? 213 ASN A N   1 
ATOM   552 C CA  . ASN A 1 95  ? -7.090  7.028   11.650  1.00 50.29  ? 213 ASN A CA  1 
ATOM   553 C C   . ASN A 1 95  ? -6.188  8.110   11.069  1.00 50.51  ? 213 ASN A C   1 
ATOM   554 O O   . ASN A 1 95  ? -6.547  9.285   11.063  1.00 59.36  ? 213 ASN A O   1 
ATOM   555 C CB  . ASN A 1 95  ? -6.741  6.740   13.109  1.00 52.06  ? 213 ASN A CB  1 
ATOM   556 C CG  . ASN A 1 95  ? -7.867  6.039   13.845  1.00 55.50  ? 213 ASN A CG  1 
ATOM   557 O OD1 . ASN A 1 95  ? -9.019  6.075   13.412  1.00 59.12  ? 213 ASN A OD1 1 
ATOM   558 N ND2 . ASN A 1 95  ? -7.544  5.404   14.964  1.00 57.03  ? 213 ASN A ND2 1 
ATOM   559 N N   . LEU A 1 96  ? -5.026  7.708   10.567  1.00 50.29  ? 214 LEU A N   1 
ATOM   560 C CA  . LEU A 1 96  ? -4.090  8.654   9.969   1.00 50.47  ? 214 LEU A CA  1 
ATOM   561 C C   . LEU A 1 96  ? -4.633  9.252   8.684   1.00 49.78  ? 214 LEU A C   1 
ATOM   562 O O   . LEU A 1 96  ? -4.458  10.443  8.423   1.00 51.09  ? 214 LEU A O   1 
ATOM   563 C CB  . LEU A 1 96  ? -2.743  7.989   9.698   1.00 47.98  ? 214 LEU A CB  1 
ATOM   564 C CG  . LEU A 1 96  ? -1.831  7.894   10.914  1.00 53.05  ? 214 LEU A CG  1 
ATOM   565 C CD1 . LEU A 1 96  ? -0.455  7.490   10.467  1.00 52.90  ? 214 LEU A CD1 1 
ATOM   566 C CD2 . LEU A 1 96  ? -1.777  9.231   11.632  1.00 56.68  ? 214 LEU A CD2 1 
ATOM   567 N N   . ALA A 1 97  ? -5.296  8.421   7.886   1.00 45.38  ? 215 ALA A N   1 
ATOM   568 C CA  . ALA A 1 97  ? -5.892  8.871   6.635   1.00 46.62  ? 215 ALA A CA  1 
ATOM   569 C C   . ALA A 1 97  ? -6.990  9.896   6.894   1.00 53.00  ? 215 ALA A C   1 
ATOM   570 O O   . ALA A 1 97  ? -7.357  10.664  6.007   1.00 56.10  ? 215 ALA A O   1 
ATOM   571 C CB  . ALA A 1 97  ? -6.448  7.689   5.868   1.00 43.37  ? 215 ALA A CB  1 
ATOM   572 N N   . ALA A 1 98  ? -7.511  9.903   8.114   1.00 50.81  ? 216 ALA A N   1 
ATOM   573 C CA  . ALA A 1 98  ? -8.585  10.812  8.485   1.00 51.25  ? 216 ALA A CA  1 
ATOM   574 C C   . ALA A 1 98  ? -8.058  12.181  8.894   1.00 52.63  ? 216 ALA A C   1 
ATOM   575 O O   . ALA A 1 98  ? -8.814  13.149  8.961   1.00 52.63  ? 216 ALA A O   1 
ATOM   576 C CB  . ALA A 1 98  ? -9.416  10.212  9.608   1.00 53.66  ? 216 ALA A CB  1 
ATOM   577 N N   . THR A 1 99  ? -6.764  12.265  9.190   1.00 55.92  ? 217 THR A N   1 
ATOM   578 C CA  . THR A 1 99  ? -6.177  13.538  9.593   1.00 64.07  ? 217 THR A CA  1 
ATOM   579 C C   . THR A 1 99  ? -5.968  14.435  8.375   1.00 68.86  ? 217 THR A C   1 
ATOM   580 O O   . THR A 1 99  ? -5.912  15.659  8.503   1.00 70.98  ? 217 THR A O   1 
ATOM   581 C CB  . THR A 1 99  ? -4.846  13.359  10.370  1.00 57.26  ? 217 THR A CB  1 
ATOM   582 O OG1 . THR A 1 99  ? -3.859  12.746  9.527   1.00 57.16  ? 217 THR A OG1 1 
ATOM   583 C CG2 . THR A 1 99  ? -5.061  12.503  11.610  1.00 55.60  ? 217 THR A CG2 1 
ATOM   584 N N   . GLU A 1 100 ? -5.873  13.811  7.198   1.00 71.55  ? 218 GLU A N   1 
ATOM   585 C CA  . GLU A 1 100 ? -5.670  14.521  5.933   1.00 74.59  ? 218 GLU A CA  1 
ATOM   586 C C   . GLU A 1 100 ? -4.498  15.495  6.014   1.00 75.31  ? 218 GLU A C   1 
ATOM   587 O O   . GLU A 1 100 ? -4.615  16.666  5.651   1.00 75.41  ? 218 GLU A O   1 
ATOM   588 C CB  . GLU A 1 100 ? -6.947  15.247  5.504   1.00 81.64  ? 218 GLU A CB  1 
ATOM   589 C CG  . GLU A 1 100 ? -8.122  14.319  5.244   1.00 84.60  ? 218 GLU A CG  1 
ATOM   590 C CD  . GLU A 1 100 ? -9.442  15.058  5.158   1.00 91.72  ? 218 GLU A CD  1 
ATOM   591 O OE1 . GLU A 1 100 ? -9.430  16.308  5.167   1.00 95.89  ? 218 GLU A OE1 1 
ATOM   592 O OE2 . GLU A 1 100 ? -10.494 14.387  5.086   1.00 93.18  ? 218 GLU A OE2 1 
ATOM   593 N N   . SER A 1 101 ? -3.371  14.993  6.507   1.00 72.58  ? 219 SER A N   1 
ATOM   594 C CA  . SER A 1 101 ? -2.170  15.795  6.685   1.00 69.53  ? 219 SER A CA  1 
ATOM   595 C C   . SER A 1 101 ? -0.997  15.064  6.064   1.00 69.69  ? 219 SER A C   1 
ATOM   596 O O   . SER A 1 101 ? 0.156   15.467  6.233   1.00 71.92  ? 219 SER A O   1 
ATOM   597 C CB  . SER A 1 101 ? -1.897  16.008  8.172   1.00 64.27  ? 219 SER A CB  1 
ATOM   598 O OG  . SER A 1 101 ? -2.984  16.659  8.804   1.00 61.06  ? 219 SER A OG  1 
ATOM   599 N N   . ALA A 1 102 ? -1.308  13.985  5.348   1.00 66.85  ? 220 ALA A N   1 
ATOM   600 C CA  . ALA A 1 102 ? -0.300  13.087  4.794   1.00 66.78  ? 220 ALA A CA  1 
ATOM   601 C C   . ALA A 1 102 ? 0.650   12.583  5.880   1.00 68.41  ? 220 ALA A C   1 
ATOM   602 O O   . ALA A 1 102 ? 1.840   12.392  5.634   1.00 65.76  ? 220 ALA A O   1 
ATOM   603 C CB  . ALA A 1 102 ? 0.475   13.763  3.661   1.00 65.92  ? 220 ALA A CB  1 
ATOM   604 N N   . ALA A 1 103 ? 0.114   12.382  7.083   1.00 73.55  ? 221 ALA A N   1 
ATOM   605 C CA  . ALA A 1 103 ? 0.901   11.878  8.205   1.00 69.34  ? 221 ALA A CA  1 
ATOM   606 C C   . ALA A 1 103 ? 1.333   10.437  7.934   1.00 61.03  ? 221 ALA A C   1 
ATOM   607 O O   . ALA A 1 103 ? 0.540   9.627   7.431   1.00 52.19  ? 221 ALA A O   1 
ATOM   608 C CB  . ALA A 1 103 ? 0.108   11.972  9.498   1.00 71.83  ? 221 ALA A CB  1 
ATOM   609 N N   . PRO A 1 104 ? 2.603   10.120  8.236   1.00 51.12  ? 222 PRO A N   1 
ATOM   610 C CA  . PRO A 1 104 ? 3.135   8.798   7.902   1.00 43.71  ? 222 PRO A CA  1 
ATOM   611 C C   . PRO A 1 104 ? 3.249   7.866   9.102   1.00 41.70  ? 222 PRO A C   1 
ATOM   612 O O   . PRO A 1 104 ? 3.388   8.319   10.236  1.00 50.58  ? 222 PRO A O   1 
ATOM   613 C CB  . PRO A 1 104 ? 4.533   9.128   7.380   1.00 44.52  ? 222 PRO A CB  1 
ATOM   614 C CG  . PRO A 1 104 ? 4.940   10.311  8.200   1.00 46.94  ? 222 PRO A CG  1 
ATOM   615 C CD  . PRO A 1 104 ? 3.678   11.070  8.572   1.00 47.38  ? 222 PRO A CD  1 
ATOM   616 N N   . VAL A 1 105 ? 3.183   6.567   8.839   1.00 38.81  ? 223 VAL A N   1 
ATOM   617 C CA  . VAL A 1 105 ? 3.513   5.574   9.852   1.00 35.59  ? 223 VAL A CA  1 
ATOM   618 C C   . VAL A 1 105 ? 4.930   5.117   9.575   1.00 36.17  ? 223 VAL A C   1 
ATOM   619 O O   . VAL A 1 105 ? 5.274   4.824   8.429   1.00 36.60  ? 223 VAL A O   1 
ATOM   620 C CB  . VAL A 1 105 ? 2.640   4.326   9.740   1.00 37.27  ? 223 VAL A CB  1 
ATOM   621 C CG1 . VAL A 1 105 ? 2.702   3.525   11.036  1.00 36.95  ? 223 VAL A CG1 1 
ATOM   622 C CG2 . VAL A 1 105 ? 1.223   4.686   9.398   1.00 43.09  ? 223 VAL A CG2 1 
ATOM   623 N N   . GLU A 1 106 ? 5.753   5.051   10.618  1.00 34.37  ? 224 GLU A N   1 
ATOM   624 C CA  . GLU A 1 106 ? 7.108   4.545   10.466  1.00 31.67  ? 224 GLU A CA  1 
ATOM   625 C C   . GLU A 1 106 ? 7.125   3.039   10.629  1.00 29.90  ? 224 GLU A C   1 
ATOM   626 O O   . GLU A 1 106 ? 6.674   2.521   11.661  1.00 33.13  ? 224 GLU A O   1 
ATOM   627 C CB  . GLU A 1 106 ? 8.016   5.163   11.513  1.00 31.67  ? 224 GLU A CB  1 
ATOM   628 C CG  . GLU A 1 106 ? 8.020   6.680   11.510  1.00 38.20  ? 224 GLU A CG  1 
ATOM   629 C CD  . GLU A 1 106 ? 8.832   7.256   12.647  1.00 41.96  ? 224 GLU A CD  1 
ATOM   630 O OE1 . GLU A 1 106 ? 8.743   6.728   13.782  1.00 41.41  ? 224 GLU A OE1 1 
ATOM   631 O OE2 . GLU A 1 106 ? 9.564   8.242   12.417  1.00 46.60  ? 224 GLU A OE2 1 
ATOM   632 N N   . VAL A 1 107 ? 7.681   2.349   9.646   1.00 29.53  ? 225 VAL A N   1 
ATOM   633 C CA  . VAL A 1 107 ? 7.725   0.894   9.663   1.00 32.04  ? 225 VAL A CA  1 
ATOM   634 C C   . VAL A 1 107 ? 9.070   0.356   9.202   1.00 35.34  ? 225 VAL A C   1 
ATOM   635 O O   . VAL A 1 107 ? 9.899   1.088   8.643   1.00 31.22  ? 225 VAL A O   1 
ATOM   636 C CB  . VAL A 1 107 ? 6.626   0.275   8.776   1.00 28.60  ? 225 VAL A CB  1 
ATOM   637 C CG1 . VAL A 1 107 ? 5.225   0.613   9.312   1.00 33.27  ? 225 VAL A CG1 1 
ATOM   638 C CG2 . VAL A 1 107 ? 6.789   0.742   7.329   1.00 29.22  ? 225 VAL A CG2 1 
ATOM   639 N N   . LEU A 1 108 ? 9.281   -0.931  9.461   1.00 33.47  ? 226 LEU A N   1 
ATOM   640 C CA  . LEU A 1 108 ? 10.462  -1.646  8.992   1.00 30.76  ? 226 LEU A CA  1 
ATOM   641 C C   . LEU A 1 108 ? 9.993   -2.832  8.158   1.00 29.44  ? 226 LEU A C   1 
ATOM   642 O O   . LEU A 1 108 ? 9.328   -3.727  8.673   1.00 32.57  ? 226 LEU A O   1 
ATOM   643 C CB  . LEU A 1 108 ? 11.298  -2.131  10.176  1.00 29.90  ? 226 LEU A CB  1 
ATOM   644 C CG  . LEU A 1 108 ? 12.511  -2.998  9.843   1.00 34.88  ? 226 LEU A CG  1 
ATOM   645 C CD1 . LEU A 1 108 ? 13.474  -2.235  8.975   1.00 39.81  ? 226 LEU A CD1 1 
ATOM   646 C CD2 . LEU A 1 108 ? 13.191  -3.416  11.122  1.00 35.35  ? 226 LEU A CD2 1 
ATOM   647 N N   . ALA A 1 109 ? 10.335  -2.833  6.872   1.00 27.40  ? 227 ALA A N   1 
ATOM   648 C CA  . ALA A 1 109 ? 9.875   -3.888  5.969   1.00 27.43  ? 227 ALA A CA  1 
ATOM   649 C C   . ALA A 1 109 ? 10.697  -5.151  6.176   1.00 28.42  ? 227 ALA A C   1 
ATOM   650 O O   . ALA A 1 109 ? 11.925  -5.119  6.091   1.00 31.45  ? 227 ALA A O   1 
ATOM   651 C CB  . ALA A 1 109 ? 9.967   -3.422  4.532   1.00 30.50  ? 227 ALA A CB  1 
ATOM   652 N N   . ARG A 1 110 ? 10.024  -6.264  6.486   1.00 31.16  ? 228 ARG A N   1 
ATOM   653 C CA  . ARG A 1 110 ? 10.712  -7.518  6.791   1.00 31.38  ? 228 ARG A CA  1 
ATOM   654 C C   . ARG A 1 110 ? 11.635  -7.996  5.672   1.00 29.83  ? 228 ARG A C   1 
ATOM   655 O O   . ARG A 1 110 ? 12.766  -8.409  5.932   1.00 34.60  ? 228 ARG A O   1 
ATOM   656 C CB  . ARG A 1 110 ? 9.723   -8.648  7.137   1.00 36.67  ? 228 ARG A CB  1 
ATOM   657 C CG  . ARG A 1 110 ? 8.912   -8.446  8.401   1.00 45.24  ? 228 ARG A CG  1 
ATOM   658 C CD  . ARG A 1 110 ? 8.035   -9.675  8.715   1.00 45.26  ? 228 ARG A CD  1 
ATOM   659 N NE  . ARG A 1 110 ? 7.188   -9.452  9.887   1.00 51.42  ? 228 ARG A NE  1 
ATOM   660 C CZ  . ARG A 1 110 ? 7.588   -9.644  11.142  1.00 57.17  ? 228 ARG A CZ  1 
ATOM   661 N NH1 . ARG A 1 110 ? 8.825   -10.061 11.379  1.00 60.03  ? 228 ARG A NH1 1 
ATOM   662 N NH2 . ARG A 1 110 ? 6.759   -9.421  12.161  1.00 57.47  ? 228 ARG A NH2 1 
ATOM   663 N N   . ARG A 1 111 ? 11.169  -7.944  4.428   1.00 29.61  ? 229 ARG A N   1 
ATOM   664 C CA  . ARG A 1 111 ? 11.935  -8.546  3.344   1.00 29.97  ? 229 ARG A CA  1 
ATOM   665 C C   . ARG A 1 111 ? 13.191  -7.741  3.013   1.00 31.24  ? 229 ARG A C   1 
ATOM   666 O O   . ARG A 1 111 ? 14.277  -8.306  2.881   1.00 33.95  ? 229 ARG A O   1 
ATOM   667 C CB  . ARG A 1 111 ? 11.075  -8.735  2.086   1.00 28.62  ? 229 ARG A CB  1 
ATOM   668 C CG  . ARG A 1 111 ? 9.801   -9.557  2.308   1.00 30.25  ? 229 ARG A CG  1 
ATOM   669 C CD  . ARG A 1 111 ? 8.885   -9.510  1.088   1.00 29.31  ? 229 ARG A CD  1 
ATOM   670 N NE  . ARG A 1 111 ? 7.520   -9.954  1.397   1.00 33.48  ? 229 ARG A NE  1 
ATOM   671 C CZ  . ARG A 1 111 ? 7.038   -11.168 1.142   1.00 36.10  ? 229 ARG A CZ  1 
ATOM   672 N NH1 . ARG A 1 111 ? 7.797   -12.089 0.556   1.00 37.74  ? 229 ARG A NH1 1 
ATOM   673 N NH2 . ARG A 1 111 ? 5.781   -11.464 1.469   1.00 36.09  ? 229 ARG A NH2 1 
ATOM   674 N N   . SER A 1 112 ? 13.039  -6.425  2.889   1.00 31.83  ? 230 SER A N   1 
ATOM   675 C CA  . SER A 1 112 ? 14.147  -5.568  2.460   1.00 32.23  ? 230 SER A CA  1 
ATOM   676 C C   . SER A 1 112 ? 14.988  -5.067  3.620   1.00 33.21  ? 230 SER A C   1 
ATOM   677 O O   . SER A 1 112 ? 16.132  -4.626  3.427   1.00 33.64  ? 230 SER A O   1 
ATOM   678 C CB  . SER A 1 112 ? 13.598  -4.365  1.684   1.00 33.51  ? 230 SER A CB  1 
ATOM   679 O OG  . SER A 1 112 ? 12.773  -3.588  2.538   1.00 32.34  ? 230 SER A OG  1 
ATOM   680 N N   . GLN A 1 113 ? 14.415  -5.127  4.819   1.00 32.06  ? 231 GLN A N   1 
ATOM   681 C CA  . GLN A 1 113 ? 15.041  -4.605  6.033   1.00 37.91  ? 231 GLN A CA  1 
ATOM   682 C C   . GLN A 1 113 ? 15.278  -3.098  5.961   1.00 33.68  ? 231 GLN A C   1 
ATOM   683 O O   . GLN A 1 113 ? 16.212  -2.572  6.586   1.00 40.66  ? 231 GLN A O   1 
ATOM   684 C CB  . GLN A 1 113 ? 16.323  -5.367  6.359   1.00 41.33  ? 231 GLN A CB  1 
ATOM   685 C CG  . GLN A 1 113 ? 16.054  -6.781  6.833   1.00 40.39  ? 231 GLN A CG  1 
ATOM   686 C CD  . GLN A 1 113 ? 15.358  -6.794  8.170   1.00 42.46  ? 231 GLN A CD  1 
ATOM   687 O OE1 . GLN A 1 113 ? 15.874  -6.256  9.147   1.00 42.21  ? 231 GLN A OE1 1 
ATOM   688 N NE2 . GLN A 1 113 ? 14.168  -7.387  8.220   1.00 40.37  ? 231 GLN A NE2 1 
ATOM   689 N N   . LYS A 1 114 ? 14.427  -2.420  5.193   1.00 33.83  ? 232 LYS A N   1 
ATOM   690 C CA  . LYS A 1 114 ? 14.445  -0.966  5.048   1.00 30.65  ? 232 LYS A CA  1 
ATOM   691 C C   . LYS A 1 114 ? 13.391  -0.322  5.946   1.00 31.09  ? 232 LYS A C   1 
ATOM   692 O O   . LYS A 1 114 ? 12.236  -0.764  5.971   1.00 30.50  ? 232 LYS A O   1 
ATOM   693 C CB  . LYS A 1 114 ? 14.134  -0.566  3.595   1.00 32.64  ? 232 LYS A CB  1 
ATOM   694 C CG  . LYS A 1 114 ? 15.200  -0.911  2.564   1.00 39.41  ? 232 LYS A CG  1 
ATOM   695 C CD  . LYS A 1 114 ? 14.646  -0.733  1.146   1.00 41.73  ? 232 LYS A CD  1 
ATOM   696 C CE  . LYS A 1 114 ? 15.654  -1.164  0.085   1.00 49.10  ? 232 LYS A CE  1 
ATOM   697 N NZ  . LYS A 1 114 ? 15.087  -1.074  -1.295  1.00 57.99  ? 232 LYS A NZ  1 
ATOM   698 N N   . ARG A 1 115 ? 13.780  0.727   6.661   1.00 31.44  ? 233 ARG A N   1 
ATOM   699 C CA  . ARG A 1 115 ? 12.824  1.569   7.366   1.00 32.10  ? 233 ARG A CA  1 
ATOM   700 C C   . ARG A 1 115 ? 12.109  2.470   6.374   1.00 34.04  ? 233 ARG A C   1 
ATOM   701 O O   . ARG A 1 115 ? 12.735  3.112   5.515   1.00 30.99  ? 233 ARG A O   1 
ATOM   702 C CB  . ARG A 1 115 ? 13.509  2.412   8.441   1.00 35.16  ? 233 ARG A CB  1 
ATOM   703 C CG  . ARG A 1 115 ? 13.929  1.591   9.608   1.00 35.15  ? 233 ARG A CG  1 
ATOM   704 C CD  . ARG A 1 115 ? 14.370  2.419   10.790  1.00 36.82  ? 233 ARG A CD  1 
ATOM   705 N NE  . ARG A 1 115 ? 14.993  1.528   11.754  1.00 37.20  ? 233 ARG A NE  1 
ATOM   706 C CZ  . ARG A 1 115 ? 16.268  1.171   11.713  1.00 38.69  ? 233 ARG A CZ  1 
ATOM   707 N NH1 . ARG A 1 115 ? 17.070  1.673   10.778  1.00 44.52  ? 233 ARG A NH1 1 
ATOM   708 N NH2 . ARG A 1 115 ? 16.753  0.334   12.619  1.00 38.55  ? 233 ARG A NH2 1 
ATOM   709 N N   . LEU A 1 116 ? 10.790  2.506   6.498   1.00 32.31  ? 234 LEU A N   1 
ATOM   710 C CA  . LEU A 1 116 ? 9.950   3.178   5.521   1.00 29.20  ? 234 LEU A CA  1 
ATOM   711 C C   . LEU A 1 116 ? 8.938   4.096   6.196   1.00 35.52  ? 234 LEU A C   1 
ATOM   712 O O   . LEU A 1 116 ? 8.642   3.966   7.388   1.00 33.17  ? 234 LEU A O   1 
ATOM   713 C CB  . LEU A 1 116 ? 9.190   2.143   4.673   1.00 28.01  ? 234 LEU A CB  1 
ATOM   714 C CG  . LEU A 1 116 ? 10.027  1.100   3.928   1.00 27.90  ? 234 LEU A CG  1 
ATOM   715 C CD1 . LEU A 1 116 ? 9.136   0.053   3.279   1.00 30.13  ? 234 LEU A CD1 1 
ATOM   716 C CD2 . LEU A 1 116 ? 10.889  1.802   2.870   1.00 32.98  ? 234 LEU A CD2 1 
ATOM   717 N N   . LEU A 1 117 ? 8.392   5.010   5.405   1.00 32.43  ? 235 LEU A N   1 
ATOM   718 C CA  . LEU A 1 117 ? 7.320   5.887   5.835   1.00 30.48  ? 235 LEU A CA  1 
ATOM   719 C C   . LEU A 1 117 ? 6.140   5.573   4.937   1.00 31.08  ? 235 LEU A C   1 
ATOM   720 O O   . LEU A 1 117 ? 6.276   5.562   3.710   1.00 33.94  ? 235 LEU A O   1 
ATOM   721 C CB  . LEU A 1 117 ? 7.715   7.347   5.659   1.00 29.52  ? 235 LEU A CB  1 
ATOM   722 C CG  . LEU A 1 117 ? 8.929   7.826   6.441   1.00 30.45  ? 235 LEU A CG  1 
ATOM   723 C CD1 . LEU A 1 117 ? 9.225   9.282   6.117   1.00 35.84  ? 235 LEU A CD1 1 
ATOM   724 C CD2 . LEU A 1 117 ? 8.692   7.639   7.928   1.00 32.76  ? 235 LEU A CD2 1 
ATOM   725 N N   . VAL A 1 118 ? 4.992   5.299   5.544   1.00 29.73  ? 236 VAL A N   1 
ATOM   726 C CA  . VAL A 1 118 ? 3.814   4.874   4.790   1.00 30.80  ? 236 VAL A CA  1 
ATOM   727 C C   . VAL A 1 118 ? 2.732   5.912   5.010   1.00 34.44  ? 236 VAL A C   1 
ATOM   728 O O   . VAL A 1 118 ? 2.428   6.267   6.144   1.00 32.98  ? 236 VAL A O   1 
ATOM   729 C CB  . VAL A 1 118 ? 3.329   3.493   5.257   1.00 33.45  ? 236 VAL A CB  1 
ATOM   730 C CG1 . VAL A 1 118 ? 2.029   3.104   4.537   1.00 30.62  ? 236 VAL A CG1 1 
ATOM   731 C CG2 . VAL A 1 118 ? 4.407   2.444   5.016   1.00 35.64  ? 236 VAL A CG2 1 
ATOM   732 N N   . VAL A 1 119 ? 2.180   6.440   3.921   1.00 30.43  ? 237 VAL A N   1 
ATOM   733 C CA  . VAL A 1 119 ? 1.169   7.484   4.022   1.00 27.39  ? 237 VAL A CA  1 
ATOM   734 C C   . VAL A 1 119 ? -0.112  6.990   3.374   1.00 28.27  ? 237 VAL A C   1 
ATOM   735 O O   . VAL A 1 119 ? -0.167  6.850   2.154   1.00 29.61  ? 237 VAL A O   1 
ATOM   736 C CB  . VAL A 1 119 ? 1.611   8.762   3.301   1.00 30.95  ? 237 VAL A CB  1 
ATOM   737 C CG1 . VAL A 1 119 ? 0.491   9.785   3.297   1.00 30.07  ? 237 VAL A CG1 1 
ATOM   738 C CG2 . VAL A 1 119 ? 2.848   9.340   3.980   1.00 32.38  ? 237 VAL A CG2 1 
ATOM   739 N N   . PRO A 1 120 ? -1.143  6.715   4.187   1.00 30.88  ? 238 PRO A N   1 
ATOM   740 C CA  . PRO A 1 120 ? -2.387  6.149   3.658   1.00 29.77  ? 238 PRO A CA  1 
ATOM   741 C C   . PRO A 1 120 ? -3.445  7.191   3.297   1.00 27.70  ? 238 PRO A C   1 
ATOM   742 O O   . PRO A 1 120 ? -3.593  8.208   3.972   1.00 31.98  ? 238 PRO A O   1 
ATOM   743 C CB  . PRO A 1 120 ? -2.897  5.305   4.837   1.00 32.91  ? 238 PRO A CB  1 
ATOM   744 C CG  . PRO A 1 120 ? -2.452  6.069   6.027   1.00 34.02  ? 238 PRO A CG  1 
ATOM   745 C CD  . PRO A 1 120 ? -1.102  6.676   5.660   1.00 33.99  ? 238 PRO A CD  1 
ATOM   746 N N   . ARG A 1 121 ? -4.175  6.921   2.220   1.00 31.07  ? 239 ARG A N   1 
ATOM   747 C CA  . ARG A 1 121 ? -5.342  7.704   1.864   1.00 32.82  ? 239 ARG A CA  1 
ATOM   748 C C   . ARG A 1 121 ? -6.466  6.722   1.546   1.00 32.48  ? 239 ARG A C   1 
ATOM   749 O O   . ARG A 1 121 ? -6.239  5.725   0.871   1.00 37.49  ? 239 ARG A O   1 
ATOM   750 C CB  . ARG A 1 121 ? -5.038  8.593   0.661   1.00 36.56  ? 239 ARG A CB  1 
ATOM   751 C CG  . ARG A 1 121 ? -3.967  9.624   0.960   1.00 50.16  ? 239 ARG A CG  1 
ATOM   752 C CD  . ARG A 1 121 ? -3.492  10.366  -0.278  1.00 56.53  ? 239 ARG A CD  1 
ATOM   753 N NE  . ARG A 1 121 ? -2.121  10.839  -0.095  1.00 59.66  ? 239 ARG A NE  1 
ATOM   754 C CZ  . ARG A 1 121 ? -1.791  11.925  0.595   1.00 66.99  ? 239 ARG A CZ  1 
ATOM   755 N NH1 . ARG A 1 121 ? -2.732  12.660  1.168   1.00 72.19  ? 239 ARG A NH1 1 
ATOM   756 N NH2 . ARG A 1 121 ? -0.517  12.274  0.714   1.00 68.50  ? 239 ARG A NH2 1 
ATOM   757 N N   . VAL A 1 122 ? -7.658  6.994   2.059   1.00 34.34  ? 240 VAL A N   1 
ATOM   758 C CA  . VAL A 1 122 ? -8.784  6.088   1.869   1.00 35.20  ? 240 VAL A CA  1 
ATOM   759 C C   . VAL A 1 122 ? -9.725  6.619   0.796   1.00 36.46  ? 240 VAL A C   1 
ATOM   760 O O   . VAL A 1 122 ? -10.006 7.816   0.747   1.00 42.66  ? 240 VAL A O   1 
ATOM   761 C CB  . VAL A 1 122 ? -9.557  5.882   3.180   1.00 34.39  ? 240 VAL A CB  1 
ATOM   762 C CG1 . VAL A 1 122 ? -10.752 4.964   2.957   1.00 38.15  ? 240 VAL A CG1 1 
ATOM   763 C CG2 . VAL A 1 122 ? -8.633  5.308   4.250   1.00 40.27  ? 240 VAL A CG2 1 
ATOM   764 N N   . PHE A 1 123 ? -10.191 5.729   -0.081  1.00 32.20  ? 241 PHE A N   1 
ATOM   765 C CA  . PHE A 1 123 ? -11.201 6.078   -1.069  1.00 36.74  ? 241 PHE A CA  1 
ATOM   766 C C   . PHE A 1 123 ? -12.151 4.909   -1.268  1.00 38.04  ? 241 PHE A C   1 
ATOM   767 O O   . PHE A 1 123 ? -11.831 3.783   -0.893  1.00 36.03  ? 241 PHE A O   1 
ATOM   768 C CB  . PHE A 1 123 ? -10.571 6.510   -2.402  1.00 38.46  ? 241 PHE A CB  1 
ATOM   769 C CG  . PHE A 1 123 ? -9.883  5.396   -3.157  1.00 33.21  ? 241 PHE A CG  1 
ATOM   770 C CD1 . PHE A 1 123 ? -10.500 4.803   -4.255  1.00 36.66  ? 241 PHE A CD1 1 
ATOM   771 C CD2 . PHE A 1 123 ? -8.612  4.971   -2.790  1.00 31.36  ? 241 PHE A CD2 1 
ATOM   772 C CE1 . PHE A 1 123 ? -9.866  3.790   -4.962  1.00 38.34  ? 241 PHE A CE1 1 
ATOM   773 C CE2 . PHE A 1 123 ? -7.969  3.954   -3.485  1.00 33.06  ? 241 PHE A CE2 1 
ATOM   774 C CZ  . PHE A 1 123 ? -8.598  3.367   -4.580  1.00 33.23  ? 241 PHE A CZ  1 
ATOM   775 N N   . ARG A 1 124 ? -13.313 5.187   -1.856  1.00 40.95  ? 242 ARG A N   1 
ATOM   776 C CA  . ARG A 1 124 ? -14.343 4.174   -2.052  1.00 43.51  ? 242 ARG A CA  1 
ATOM   777 C C   . ARG A 1 124 ? -14.436 3.780   -3.517  1.00 45.16  ? 242 ARG A C   1 
ATOM   778 O O   . ARG A 1 124 ? -14.481 4.638   -4.396  1.00 50.23  ? 242 ARG A O   1 
ATOM   779 C CB  . ARG A 1 124 ? -15.703 4.690   -1.580  1.00 52.15  ? 242 ARG A CB  1 
ATOM   780 C CG  . ARG A 1 124 ? -15.741 5.127   -0.126  1.00 62.68  ? 242 ARG A CG  1 
ATOM   781 C CD  . ARG A 1 124 ? -17.160 5.480   0.307   1.00 75.19  ? 242 ARG A CD  1 
ATOM   782 N NE  . ARG A 1 124 ? -17.217 5.952   1.689   1.00 82.86  ? 242 ARG A NE  1 
ATOM   783 C CZ  . ARG A 1 124 ? -17.382 5.162   2.748   1.00 88.10  ? 242 ARG A CZ  1 
ATOM   784 N NH1 . ARG A 1 124 ? -17.506 3.849   2.591   1.00 87.84  ? 242 ARG A NH1 1 
ATOM   785 N NH2 . ARG A 1 124 ? -17.424 5.685   3.967   1.00 90.53  ? 242 ARG A NH2 1 
ATOM   786 N N   . ALA A 1 125 ? -14.459 2.477   -3.771  1.00 46.43  ? 243 ALA A N   1 
ATOM   787 C CA  . ALA A 1 125 ? -14.697 1.953   -5.113  1.00 51.07  ? 243 ALA A CA  1 
ATOM   788 C C   . ALA A 1 125 ? -15.480 0.647   -5.012  1.00 52.88  ? 243 ALA A C   1 
ATOM   789 O O   . ALA A 1 125 ? -15.141 -0.219  -4.206  1.00 52.93  ? 243 ALA A O   1 
ATOM   790 C CB  . ALA A 1 125 ? -13.385 1.728   -5.831  1.00 48.70  ? 243 ALA A CB  1 
ATOM   791 N N   . ALA A 1 126 ? -16.526 0.513   -5.818  1.00 55.06  ? 244 ALA A N   1 
ATOM   792 C CA  . ALA A 1 126 ? -17.312 -0.720  -5.855  1.00 55.47  ? 244 ALA A CA  1 
ATOM   793 C C   . ALA A 1 126 ? -17.823 -1.155  -4.477  1.00 58.54  ? 244 ALA A C   1 
ATOM   794 O O   . ALA A 1 126 ? -17.706 -2.324  -4.102  1.00 56.61  ? 244 ALA A O   1 
ATOM   795 C CB  . ALA A 1 126 ? -16.498 -1.842  -6.493  1.00 55.80  ? 244 ALA A CB  1 
ATOM   796 N N   . GLY A 1 127 ? -18.370 -0.208  -3.721  1.00 59.19  ? 245 GLY A N   1 
ATOM   797 C CA  . GLY A 1 127 ? -19.013 -0.518  -2.458  1.00 60.73  ? 245 GLY A CA  1 
ATOM   798 C C   . GLY A 1 127 ? -18.070 -0.842  -1.316  1.00 61.71  ? 245 GLY A C   1 
ATOM   799 O O   . GLY A 1 127 ? -18.513 -1.133  -0.203  1.00 67.93  ? 245 GLY A O   1 
ATOM   800 N N   . GLU A 1 128 ? -16.772 -0.800  -1.585  1.00 56.85  ? 246 GLU A N   1 
ATOM   801 C CA  . GLU A 1 128 ? -15.782 -1.036  -0.542  1.00 51.60  ? 246 GLU A CA  1 
ATOM   802 C C   . GLU A 1 128 ? -14.763 0.084   -0.480  1.00 52.33  ? 246 GLU A C   1 
ATOM   803 O O   . GLU A 1 128 ? -14.647 0.885   -1.406  1.00 60.05  ? 246 GLU A O   1 
ATOM   804 C CB  . GLU A 1 128 ? -15.072 -2.373  -0.747  1.00 49.00  ? 246 GLU A CB  1 
ATOM   805 C CG  . GLU A 1 128 ? -14.443 -2.549  -2.112  1.00 52.00  ? 246 GLU A CG  1 
ATOM   806 C CD  . GLU A 1 128 ? -13.436 -3.679  -2.143  1.00 60.13  ? 246 GLU A CD  1 
ATOM   807 O OE1 . GLU A 1 128 ? -13.135 -4.239  -1.068  1.00 59.82  ? 246 GLU A OE1 1 
ATOM   808 O OE2 . GLU A 1 128 ? -12.937 -4.005  -3.242  1.00 65.88  ? 246 GLU A OE2 1 
ATOM   809 N N   . ARG A 1 129 ? -14.020 0.133   0.619   1.00 36.71  ? 247 ARG A N   1 
ATOM   810 C CA  . ARG A 1 129 ? -12.961 1.119   0.763   1.00 36.80  ? 247 ARG A CA  1 
ATOM   811 C C   . ARG A 1 129 ? -11.610 0.498   0.481   1.00 38.92  ? 247 ARG A C   1 
ATOM   812 O O   . ARG A 1 129 ? -11.366 -0.660  0.813   1.00 35.37  ? 247 ARG A O   1 
ATOM   813 C CB  . ARG A 1 129 ? -12.972 1.713   2.169   1.00 39.21  ? 247 ARG A CB  1 
ATOM   814 C CG  . ARG A 1 129 ? -14.070 2.735   2.390   1.00 44.95  ? 247 ARG A CG  1 
ATOM   815 C CD  . ARG A 1 129 ? -14.222 3.033   3.851   1.00 45.94  ? 247 ARG A CD  1 
ATOM   816 N NE  . ARG A 1 129 ? -14.831 1.901   4.534   1.00 46.17  ? 247 ARG A NE  1 
ATOM   817 C CZ  . ARG A 1 129 ? -14.741 1.680   5.838   1.00 48.97  ? 247 ARG A CZ  1 
ATOM   818 N NH1 . ARG A 1 129 ? -15.326 0.619   6.368   1.00 44.48  ? 247 ARG A NH1 1 
ATOM   819 N NH2 . ARG A 1 129 ? -14.055 2.511   6.611   1.00 49.97  ? 247 ARG A NH2 1 
ATOM   820 N N   . LEU A 1 130 ? -10.726 1.280   -0.136  1.00 33.02  ? 248 LEU A N   1 
ATOM   821 C CA  . LEU A 1 130 ? -9.359  0.854   -0.355  1.00 31.64  ? 248 LEU A CA  1 
ATOM   822 C C   . LEU A 1 130 ? -8.468  1.915   0.251   1.00 28.74  ? 248 LEU A C   1 
ATOM   823 O O   . LEU A 1 130 ? -8.869  3.076   0.341   1.00 33.14  ? 248 LEU A O   1 
ATOM   824 C CB  . LEU A 1 130 ? -9.059  0.722   -1.849  1.00 33.54  ? 248 LEU A CB  1 
ATOM   825 C CG  . LEU A 1 130 ? -9.947  -0.286  -2.580  1.00 33.90  ? 248 LEU A CG  1 
ATOM   826 C CD1 . LEU A 1 130 ? -9.765  -0.190  -4.081  1.00 36.87  ? 248 LEU A CD1 1 
ATOM   827 C CD2 . LEU A 1 130 ? -9.628  -1.690  -2.089  1.00 37.61  ? 248 LEU A CD2 1 
ATOM   828 N N   . LEU A 1 131 ? -7.297  1.507   0.719   1.00 30.00  ? 249 LEU A N   1 
ATOM   829 C CA  . LEU A 1 131 ? -6.286  2.459   1.151   1.00 29.56  ? 249 LEU A CA  1 
ATOM   830 C C   . LEU A 1 131 ? -5.172  2.473   0.135   1.00 29.86  ? 249 LEU A C   1 
ATOM   831 O O   . LEU A 1 131 ? -4.527  1.444   -0.103  1.00 29.71  ? 249 LEU A O   1 
ATOM   832 C CB  . LEU A 1 131 ? -5.704  2.077   2.510   1.00 34.44  ? 249 LEU A CB  1 
ATOM   833 C CG  . LEU A 1 131 ? -6.633  2.135   3.718   1.00 37.31  ? 249 LEU A CG  1 
ATOM   834 C CD1 . LEU A 1 131 ? -7.382  0.830   3.840   1.00 49.91  ? 249 LEU A CD1 1 
ATOM   835 C CD2 . LEU A 1 131 ? -5.831  2.413   4.981   1.00 41.84  ? 249 LEU A CD2 1 
ATOM   836 N N   . LEU A 1 132 ? -4.926  3.645   -0.447  1.00 30.63  ? 250 LEU A N   1 
ATOM   837 C CA  . LEU A 1 132 ? -3.808  3.827   -1.362  1.00 28.12  ? 250 LEU A CA  1 
ATOM   838 C C   . LEU A 1 132 ? -2.668  4.352   -0.514  1.00 28.05  ? 250 LEU A C   1 
ATOM   839 O O   . LEU A 1 132 ? -2.787  5.418   0.076   1.00 32.17  ? 250 LEU A O   1 
ATOM   840 C CB  . LEU A 1 132 ? -4.155  4.834   -2.462  1.00 31.20  ? 250 LEU A CB  1 
ATOM   841 C CG  . LEU A 1 132 ? -3.047  5.090   -3.486  1.00 32.20  ? 250 LEU A CG  1 
ATOM   842 C CD1 . LEU A 1 132 ? -2.610  3.779   -4.112  1.00 33.97  ? 250 LEU A CD1 1 
ATOM   843 C CD2 . LEU A 1 132 ? -3.498  6.063   -4.576  1.00 35.10  ? 250 LEU A CD2 1 
ATOM   844 N N   . CYS A 1 133 ? -1.599  3.572   -0.411  1.00 28.81  ? 251 CYS A N   1 
ATOM   845 C CA  . CYS A 1 133 ? -0.500  3.907   0.483   1.00 29.21  ? 251 CYS A CA  1 
ATOM   846 C C   . CYS A 1 133 ? 0.741   4.252   -0.313  1.00 25.39  ? 251 CYS A C   1 
ATOM   847 O O   . CYS A 1 133 ? 1.254   3.423   -1.066  1.00 29.68  ? 251 CYS A O   1 
ATOM   848 C CB  . CYS A 1 133 ? -0.187  2.729   1.405   1.00 31.21  ? 251 CYS A CB  1 
ATOM   849 S SG  . CYS A 1 133 ? -1.604  2.131   2.369   1.00 33.50  ? 251 CYS A SG  1 
ATOM   850 N N   . GLN A 1 134 ? 1.243   5.465   -0.110  1.00 25.78  ? 252 GLN A N   1 
ATOM   851 C CA  . GLN A 1 134 ? 2.517   5.896   -0.674  1.00 28.43  ? 252 GLN A CA  1 
ATOM   852 C C   . GLN A 1 134 ? 3.635   5.439   0.253   1.00 30.40  ? 252 GLN A C   1 
ATOM   853 O O   . GLN A 1 134 ? 3.479   5.466   1.476   1.00 33.19  ? 252 GLN A O   1 
ATOM   854 C CB  . GLN A 1 134 ? 2.543   7.414   -0.781  1.00 31.05  ? 252 GLN A CB  1 
ATOM   855 C CG  . GLN A 1 134 ? 1.721   7.958   -1.929  1.00 32.29  ? 252 GLN A CG  1 
ATOM   856 C CD  . GLN A 1 134 ? 1.439   9.429   -1.781  1.00 38.31  ? 252 GLN A CD  1 
ATOM   857 O OE1 . GLN A 1 134 ? 1.097   9.898   -0.695  1.00 42.84  ? 252 GLN A OE1 1 
ATOM   858 N NE2 . GLN A 1 134 ? 1.603   10.181  -2.869  1.00 33.20  ? 252 GLN A NE2 1 
ATOM   859 N N   . ILE A 1 135 ? 4.745   4.989   -0.327  1.00 28.76  ? 253 ILE A N   1 
ATOM   860 C CA  . ILE A 1 135 ? 5.882   4.514   0.480   1.00 31.59  ? 253 ILE A CA  1 
ATOM   861 C C   . ILE A 1 135 ? 7.124   5.320   0.150   1.00 32.51  ? 253 ILE A C   1 
ATOM   862 O O   . ILE A 1 135 ? 7.431   5.533   -1.022  1.00 32.01  ? 253 ILE A O   1 
ATOM   863 C CB  . ILE A 1 135 ? 6.194   3.031   0.215   1.00 27.33  ? 253 ILE A CB  1 
ATOM   864 C CG1 . ILE A 1 135 ? 4.924   2.195   0.315   1.00 34.71  ? 253 ILE A CG1 1 
ATOM   865 C CG2 . ILE A 1 135 ? 7.259   2.514   1.207   1.00 27.45  ? 253 ILE A CG2 1 
ATOM   866 C CD1 . ILE A 1 135 ? 5.166   0.715   0.177   1.00 39.95  ? 253 ILE A CD1 1 
ATOM   867 N N   . ASP A 1 136 ? 7.836   5.764   1.186   1.00 29.99  ? 254 ASP A N   1 
ATOM   868 C CA  . ASP A 1 136 ? 9.088   6.501   1.034   1.00 28.87  ? 254 ASP A CA  1 
ATOM   869 C C   . ASP A 1 136 ? 10.146  5.885   1.933   1.00 30.94  ? 254 ASP A C   1 
ATOM   870 O O   . ASP A 1 136 ? 9.819   5.327   2.969   1.00 32.31  ? 254 ASP A O   1 
ATOM   871 C CB  . ASP A 1 136 ? 8.913   7.962   1.435   1.00 34.62  ? 254 ASP A CB  1 
ATOM   872 C CG  . ASP A 1 136 ? 8.355   8.810   0.312   1.00 41.24  ? 254 ASP A CG  1 
ATOM   873 O OD1 . ASP A 1 136 ? 9.154   9.403   -0.442  1.00 49.78  ? 254 ASP A OD1 1 
ATOM   874 O OD2 . ASP A 1 136 ? 7.124   8.885   0.183   1.00 44.50  ? 254 ASP A OD2 1 
ATOM   875 N N   . PRO A 1 137 ? 11.425  6.003   1.558   1.00 33.15  ? 255 PRO A N   1 
ATOM   876 C CA  . PRO A 1 137 ? 12.444  5.559   2.513   1.00 35.13  ? 255 PRO A CA  1 
ATOM   877 C C   . PRO A 1 137 ? 12.510  6.498   3.712   1.00 35.56  ? 255 PRO A C   1 
ATOM   878 O O   . PRO A 1 137 ? 12.297  7.702   3.570   1.00 37.63  ? 255 PRO A O   1 
ATOM   879 C CB  . PRO A 1 137 ? 13.739  5.640   1.707   1.00 37.96  ? 255 PRO A CB  1 
ATOM   880 C CG  . PRO A 1 137 ? 13.456  6.649   0.636   1.00 39.18  ? 255 PRO A CG  1 
ATOM   881 C CD  . PRO A 1 137 ? 12.010  6.463   0.286   1.00 35.53  ? 255 PRO A CD  1 
ATOM   882 N N   . ALA A 1 138 ? 12.818  5.956   4.884   1.00 35.06  ? 256 ALA A N   1 
ATOM   883 C CA  . ALA A 1 138 ? 12.806  6.749   6.112   1.00 36.52  ? 256 ALA A CA  1 
ATOM   884 C C   . ALA A 1 138 ? 14.168  7.304   6.454   1.00 44.92  ? 256 ALA A C   1 
ATOM   885 O O   . ALA A 1 138 ? 14.270  8.314   7.148   1.00 45.10  ? 256 ALA A O   1 
ATOM   886 C CB  . ALA A 1 138 ? 12.286  5.907   7.285   1.00 42.43  ? 256 ALA A CB  1 
ATOM   887 N N   . ASP A 1 139 ? 15.212  6.628   5.989   1.00 48.51  ? 257 ASP A N   1 
ATOM   888 C CA  . ASP A 1 139 ? 16.577  7.009   6.340   1.00 54.32  ? 257 ASP A CA  1 
ATOM   889 C C   . ASP A 1 139 ? 17.372  7.382   5.096   1.00 64.32  ? 257 ASP A C   1 
ATOM   890 O O   . ASP A 1 139 ? 16.959  7.083   3.974   1.00 65.69  ? 257 ASP A O   1 
ATOM   891 C CB  . ASP A 1 139 ? 17.279  5.871   7.088   1.00 56.24  ? 257 ASP A CB  1 
ATOM   892 C CG  . ASP A 1 139 ? 16.599  5.521   8.406   1.00 55.06  ? 257 ASP A CG  1 
ATOM   893 O OD1 . ASP A 1 139 ? 16.547  4.313   8.742   1.00 42.91  ? 257 ASP A OD1 1 
ATOM   894 O OD2 . ASP A 1 139 ? 16.128  6.452   9.103   1.00 55.18  ? 257 ASP A OD2 1 
HETATM 895 O O   . HOH B 2 .   ? -2.889  -6.440  7.320   1.00 35.12  ? 301 HOH A O   1 
HETATM 896 O O   . HOH B 2 .   ? 7.771   -5.076  -13.345 1.00 44.50  ? 302 HOH A O   1 
HETATM 897 O O   . HOH B 2 .   ? 10.323  -4.407  -12.147 1.00 35.94  ? 303 HOH A O   1 
HETATM 898 O O   . HOH B 2 .   ? 8.673   -6.701  3.563   1.00 30.18  ? 304 HOH A O   1 
HETATM 899 O O   . HOH B 2 .   ? 14.715  -4.285  -2.131  1.00 42.56  ? 305 HOH A O   1 
HETATM 900 O O   . HOH B 2 .   ? 11.488  2.210   -5.273  1.00 33.23  ? 306 HOH A O   1 
HETATM 901 O O   . HOH B 2 .   ? -4.640  6.127   15.587  1.00 61.95  ? 307 HOH A O   1 
HETATM 902 O O   . HOH B 2 .   ? -1.405  7.953   -0.100  1.00 36.03  ? 308 HOH A O   1 
HETATM 903 O O   . HOH B 2 .   ? -8.302  -8.981  -0.235  1.00 40.29  ? 309 HOH A O   1 
HETATM 904 O O   . HOH B 2 .   ? 3.404   -11.456 10.756  1.00 56.23  ? 310 HOH A O   1 
HETATM 905 O O   . HOH B 2 .   ? 11.871  -5.044  14.589  1.00 40.90  ? 311 HOH A O   1 
HETATM 906 O O   . HOH B 2 .   ? -8.511  -2.532  12.367  1.00 50.62  ? 312 HOH A O   1 
HETATM 907 O O   . HOH B 2 .   ? -4.028  -5.997  16.514  1.00 37.51  ? 313 HOH A O   1 
HETATM 908 O O   . HOH B 2 .   ? 0.646   18.295  5.684   1.00 53.68  ? 314 HOH A O   1 
HETATM 909 O O   . HOH B 2 .   ? 10.865  3.079   10.573  1.00 39.87  ? 315 HOH A O   1 
HETATM 910 O O   . HOH B 2 .   ? 5.449   8.230   2.218   1.00 44.42  ? 316 HOH A O   1 
HETATM 911 O O   . HOH B 2 .   ? -7.720  9.716   3.081   1.00 45.80  ? 317 HOH A O   1 
HETATM 912 O O   . HOH B 2 .   ? -13.784 8.011   -2.206  1.00 52.91  ? 318 HOH A O   1 
HETATM 913 O O   . HOH B 2 .   ? 4.179   -8.167  11.353  1.00 35.36  ? 319 HOH A O   1 
HETATM 914 O O   . HOH B 2 .   ? 7.348   -1.964  11.455  1.00 30.34  ? 320 HOH A O   1 
HETATM 915 O O   . HOH B 2 .   ? 6.323   0.155   12.976  1.00 31.84  ? 321 HOH A O   1 
HETATM 916 O O   . HOH B 2 .   ? -4.681  -8.376  14.696  1.00 48.72  ? 322 HOH A O   1 
HETATM 917 O O   . HOH B 2 .   ? 6.629   1.687   -10.398 1.00 33.08  ? 323 HOH A O   1 
HETATM 918 O O   . HOH B 2 .   ? 9.994   -11.468 -3.781  1.00 50.98  ? 324 HOH A O   1 
HETATM 919 O O   . HOH B 2 .   ? 2.618   -10.263 4.354   1.00 34.79  ? 325 HOH A O   1 
HETATM 920 O O   . HOH B 2 .   ? 16.477  1.649   6.501   1.00 41.24  ? 326 HOH A O   1 
HETATM 921 O O   . HOH B 2 .   ? 15.180  3.750   4.661   1.00 44.09  ? 327 HOH A O   1 
HETATM 922 O O   . HOH B 2 .   ? 6.670   -0.086  15.760  1.00 41.78  ? 328 HOH A O   1 
HETATM 923 O O   . HOH B 2 .   ? 2.226   3.219   14.387  1.00 49.80  ? 329 HOH A O   1 
HETATM 924 O O   . HOH B 2 .   ? -3.616  -7.881  -10.940 1.00 57.65  ? 330 HOH A O   1 
HETATM 925 O O   . HOH B 2 .   ? -5.713  -8.334  -6.321  1.00 45.24  ? 331 HOH A O   1 
HETATM 926 O O   . HOH B 2 .   ? 6.937   -2.792  -14.115 1.00 63.88  ? 332 HOH A O   1 
HETATM 927 O O   . HOH B 2 .   ? 10.498  -12.559 -0.007  1.00 55.51  ? 333 HOH A O   1 
HETATM 928 O O   . HOH B 2 .   ? 11.865  -11.033 -1.377  1.00 60.59  ? 334 HOH A O   1 
HETATM 929 O O   . HOH B 2 .   ? 14.473  -10.778 1.492   1.00 55.16  ? 335 HOH A O   1 
HETATM 930 O O   . HOH B 2 .   ? 14.474  -8.794  -0.548  1.00 49.29  ? 336 HOH A O   1 
HETATM 931 O O   . HOH B 2 .   ? 15.555  -6.542  -0.944  1.00 50.73  ? 337 HOH A O   1 
HETATM 932 O O   . HOH B 2 .   ? -3.388  11.884  6.461   1.00 61.68  ? 338 HOH A O   1 
HETATM 933 O O   . HOH B 2 .   ? 15.604  0.771   -3.229  1.00 58.49  ? 339 HOH A O   1 
HETATM 934 O O   . HOH B 2 .   ? 7.080   -2.401  15.445  1.00 57.75  ? 340 HOH A O   1 
HETATM 935 O O   . HOH B 2 .   ? 7.613   0.614   18.338  1.00 48.36  ? 341 HOH A O   1 
HETATM 936 O O   . HOH B 2 .   ? 4.695   5.912   13.286  1.00 41.15  ? 342 HOH A O   1 
HETATM 937 O O   . HOH B 2 .   ? 6.607   5.910   14.993  1.00 40.77  ? 343 HOH A O   1 
HETATM 938 O O   . HOH B 2 .   ? -2.606  14.896  1.800   1.00 49.67  ? 344 HOH A O   1 
HETATM 939 O O   . HOH B 2 .   ? -18.282 2.735   -4.730  1.00 60.09  ? 345 HOH A O   1 
HETATM 940 O O   . HOH B 2 .   ? 6.492   10.668  3.828   1.00 59.98  ? 346 HOH A O   1 
HETATM 941 O O   . HOH B 2 .   ? 11.094  -10.762 10.130  1.00 64.40  ? 347 HOH A O   1 
HETATM 942 O O   . HOH B 2 .   ? 14.799  -10.748 5.940   1.00 51.42  ? 348 HOH A O   1 
HETATM 943 O O   . HOH B 2 .   ? 17.396  -8.296  3.348   1.00 61.62  ? 349 HOH A O   1 
HETATM 944 O O   . HOH B 2 .   ? -9.418  5.814   -22.727 1.00 51.46  ? 350 HOH A O   1 
HETATM 945 O O   . HOH B 2 .   ? 1.647   -1.662  -17.595 1.00 59.30  ? 351 HOH A O   1 
HETATM 946 O O   . HOH B 2 .   ? -3.913  -10.641 9.029   1.00 59.29  ? 352 HOH A O   1 
HETATM 947 O O   . HOH B 2 .   ? 10.806  3.973   -9.797  1.00 48.54  ? 353 HOH A O   1 
HETATM 948 O O   . HOH B 2 .   ? -0.326  -12.734 4.411   1.00 45.20  ? 354 HOH A O   1 
HETATM 949 O O   . HOH B 2 .   ? 2.503   -12.499 4.576   1.00 60.08  ? 355 HOH A O   1 
HETATM 950 O O   . HOH B 2 .   ? -6.030  -9.146  -1.792  1.00 40.14  ? 356 HOH A O   1 
HETATM 951 O O   . HOH B 2 .   ? -12.282 -3.357  1.033   1.00 46.03  ? 357 HOH A O   1 
HETATM 952 O O   . HOH B 2 .   ? -5.784  -5.473  -9.556  1.00 56.68  ? 358 HOH A O   1 
HETATM 953 O O   . HOH B 2 .   ? 10.681  5.499   -7.643  1.00 46.73  ? 359 HOH A O   1 
HETATM 954 O O   . HOH B 2 .   ? 13.887  2.456   -4.218  1.00 44.80  ? 360 HOH A O   1 
HETATM 955 O O   . HOH B 2 .   ? 12.110  2.837   -7.804  1.00 47.46  ? 361 HOH A O   1 
HETATM 956 O O   . HOH B 2 .   ? 7.879   1.494   -12.995 1.00 45.79  ? 362 HOH A O   1 
HETATM 957 O O   . HOH B 2 .   ? 5.251   2.965   14.041  1.00 46.28  ? 363 HOH A O   1 
HETATM 958 O O   . HOH B 2 .   ? 5.550   -1.192  -11.829 1.00 39.10  ? 364 HOH A O   1 
HETATM 959 O O   . HOH B 2 .   ? 9.519   7.201   -2.326  1.00 41.17  ? 365 HOH A O   1 
HETATM 960 O O   . HOH B 2 .   ? 4.030   -9.393  14.631  1.00 65.60  ? 366 HOH A O   1 
HETATM 961 O O   . HOH B 2 .   ? -1.483  18.486  9.982   1.00 52.99  ? 367 HOH A O   1 
HETATM 962 O O   . HOH B 2 .   ? -1.911  -9.397  9.726   1.00 51.39  ? 368 HOH A O   1 
HETATM 963 O O   . HOH B 2 .   ? -1.318  -10.167 12.551  1.00 45.65  ? 369 HOH A O   1 
HETATM 964 O O   . HOH B 2 .   ? 9.892   -4.755  -7.600  1.00 48.03  ? 370 HOH A O   1 
HETATM 965 O O   . HOH B 2 .   ? -12.624 5.060   6.495   1.00 54.85  ? 371 HOH A O   1 
HETATM 966 O O   . HOH B 2 .   ? 7.031   0.219   -16.988 1.00 66.10  ? 372 HOH A O   1 
HETATM 967 O O   . HOH B 2 .   ? 3.999   -2.832  -11.561 1.00 58.05  ? 373 HOH A O   1 
HETATM 968 O O   . HOH B 2 .   ? -1.258  0.584   17.427  1.00 54.01  ? 374 HOH A O   1 
HETATM 969 O O   . HOH B 2 .   ? 2.144   12.566  0.241   1.00 59.33  ? 375 HOH A O   1 
HETATM 970 O O   . HOH B 2 .   ? 5.709   10.005  11.895  1.00 61.97  ? 376 HOH A O   1 
HETATM 971 O O   . HOH B 2 .   ? -10.213 4.397   16.753  0.50 58.07  ? 377 HOH A O   1 
HETATM 972 O O   . HOH B 2 .   ? -8.822  -1.323  -23.342 1.00 67.82  ? 378 HOH A O   1 
HETATM 973 O O   . HOH B 2 .   ? -9.287  -0.338  10.128  1.00 44.39  ? 379 HOH A O   1 
HETATM 974 O O   . HOH B 2 .   ? 4.056   -4.815  -9.744  1.00 54.90  ? 380 HOH A O   1 
HETATM 975 O O   . HOH B 2 .   ? 5.205   -3.065  17.861  1.00 71.53  ? 381 HOH A O   1 
HETATM 976 O O   . HOH B 2 .   ? 11.442  5.126   -5.049  1.00 53.80  ? 382 HOH A O   1 
# 
loop_
_atom_site_anisotrop.id 
_atom_site_anisotrop.type_symbol 
_atom_site_anisotrop.pdbx_label_atom_id 
_atom_site_anisotrop.pdbx_label_alt_id 
_atom_site_anisotrop.pdbx_label_comp_id 
_atom_site_anisotrop.pdbx_label_asym_id 
_atom_site_anisotrop.pdbx_label_seq_id 
_atom_site_anisotrop.pdbx_PDB_ins_code 
_atom_site_anisotrop.U[1][1] 
_atom_site_anisotrop.U[2][2] 
_atom_site_anisotrop.U[3][3] 
_atom_site_anisotrop.U[1][2] 
_atom_site_anisotrop.U[1][3] 
_atom_site_anisotrop.U[2][3] 
_atom_site_anisotrop.pdbx_auth_seq_id 
_atom_site_anisotrop.pdbx_auth_comp_id 
_atom_site_anisotrop.pdbx_auth_asym_id 
_atom_site_anisotrop.pdbx_auth_atom_id 
1   N N   . THR A 25  ? 1.2284 1.6583 1.3409 -0.1978 -0.4114 0.0623  143 THR A N   
2   C CA  . THR A 25  ? 1.1563 1.5979 1.3194 -0.1689 -0.3626 0.1180  143 THR A CA  
3   C C   . THR A 25  ? 1.1572 1.5206 1.3463 -0.1738 -0.3307 0.1065  143 THR A C   
4   O O   . THR A 25  ? 1.0741 1.3958 1.2447 -0.1420 -0.2817 0.1162  143 THR A O   
5   C CB  . THR A 25  ? 1.1285 1.6618 1.3816 -0.1705 -0.3675 0.1794  143 THR A CB  
6   O OG1 . THR A 25  ? 1.1663 1.7542 1.3917 -0.1649 -0.3901 0.1812  143 THR A OG1 
7   C CG2 . THR A 25  ? 1.0477 1.5925 1.3345 -0.1285 -0.3132 0.2328  143 THR A CG2 
8   N N   . GLN A 26  ? 1.2425 1.5882 1.4767 -0.2156 -0.3608 0.0879  144 GLN A N   
9   C CA  . GLN A 26  ? 1.2552 1.5241 1.5094 -0.2234 -0.3365 0.0741  144 GLN A CA  
10  C C   . GLN A 26  ? 1.2137 1.3959 1.3756 -0.2057 -0.3205 0.0207  144 GLN A C   
11  O O   . GLN A 26  ? 1.1252 1.2615 1.2707 -0.1797 -0.2753 0.0261  144 GLN A O   
12  C CB  . GLN A 26  ? 1.3793 1.6421 1.6996 -0.2757 -0.3789 0.0630  144 GLN A CB  
13  C CG  . GLN A 26  ? 1.4120 1.7390 1.8380 -0.2864 -0.3691 0.1240  144 GLN A CG  
14  C CD  . GLN A 26  ? 1.5292 1.8463 2.0001 -0.3257 -0.3973 0.1112  144 GLN A CD  
15  O OE1 . GLN A 26  ? 1.6269 1.8881 2.0547 -0.3468 -0.4253 0.0537  144 GLN A OE1 
16  N NE2 . GLN A 26  ? 1.5173 1.8889 2.0734 -0.3329 -0.3872 0.1654  144 GLN A NE2 
17  N N   . ARG A 27  ? 1.2456 1.4109 1.3461 -0.2190 -0.3583 -0.0302 145 ARG A N   
18  C CA  . ARG A 27  ? 1.2189 1.3092 1.2313 -0.2006 -0.3452 -0.0824 145 ARG A CA  
19  C C   . ARG A 27  ? 1.0866 1.1948 1.0369 -0.1561 -0.3095 -0.0676 145 ARG A C   
20  O O   . ARG A 27  ? 1.0223 1.0760 0.9286 -0.1320 -0.2755 -0.0832 145 ARG A O   
21  C CB  . ARG A 27  ? 1.3507 1.4221 1.3109 -0.2249 -0.3961 -0.1434 145 ARG A CB  
22  C CG  . ARG A 27  ? 1.4123 1.4063 1.2887 -0.2017 -0.3750 -0.1993 145 ARG A CG  
23  C CD  . ARG A 27  ? 1.3773 1.2873 1.2854 -0.2030 -0.3485 -0.2051 145 ARG A CD  
24  N NE  . ARG A 27  ? 1.4003 1.2448 1.2417 -0.1806 -0.3244 -0.2535 145 ARG A NE  
25  C CZ  . ARG A 27  ? 1.4495 1.2488 1.2848 -0.1959 -0.3302 -0.2950 145 ARG A CZ  
26  N NH1 . ARG A 27  ? 1.4833 1.2919 1.3724 -0.2349 -0.3618 -0.2982 145 ARG A NH1 
27  N NH2 . ARG A 27  ? 1.4759 1.2223 1.2538 -0.1722 -0.3035 -0.3300 145 ARG A NH2 
28  N N   . GLU A 28  ? 0.9864 1.1737 0.9390 -0.1463 -0.3185 -0.0337 146 GLU A N   
29  C CA  . GLU A 28  ? 0.8617 1.0704 0.7673 -0.1068 -0.2871 -0.0106 146 GLU A CA  
30  C C   . GLU A 28  ? 0.7259 0.8980 0.6540 -0.0826 -0.2337 0.0182  146 GLU A C   
31  O O   . GLU A 28  ? 0.6761 0.8055 0.5535 -0.0604 -0.2048 0.0050  146 GLU A O   
32  C CB  . GLU A 28  ? 0.8380 1.1401 0.7651 -0.1014 -0.3046 0.0335  146 GLU A CB  
33  C CG  . GLU A 28  ? 0.8175 1.1402 0.7162 -0.0613 -0.2690 0.0698  146 GLU A CG  
34  C CD  . GLU A 28  ? 0.9033 1.3174 0.8363 -0.0526 -0.2831 0.1219  146 GLU A CD  
35  O OE1 . GLU A 28  ? 0.9604 1.3903 0.8845 -0.0203 -0.2541 0.1595  146 GLU A OE1 
36  O OE2 . GLU A 28  ? 0.8682 1.3384 0.8416 -0.0789 -0.3241 0.1277  146 GLU A OE2 
37  N N   . MET A 29  ? 0.6281 0.8216 0.6317 -0.0867 -0.2214 0.0579  147 MET A N   
38  C CA  . MET A 29  ? 0.5340 0.6957 0.5544 -0.0638 -0.1733 0.0825  147 MET A CA  
39  C C   . MET A 29  ? 0.5437 0.6316 0.5535 -0.0713 -0.1579 0.0523  147 MET A C   
40  O O   . MET A 29  ? 0.5302 0.5801 0.5169 -0.0507 -0.1224 0.0551  147 MET A O   
41  C CB  . MET A 29  ? 0.5799 0.7886 0.6781 -0.0605 -0.1611 0.1323  147 MET A CB  
42  C CG  . MET A 29  ? 0.6092 0.8802 0.7153 -0.0371 -0.1582 0.1721  147 MET A CG  
43  S SD  . MET A 29  ? 0.7675 0.9975 0.8127 0.0024  -0.1168 0.1774  147 MET A SD  
44  C CE  . MET A 29  ? 0.7529 1.0613 0.8065 0.0218  -0.1297 0.2206  147 MET A CE  
45  N N   . GLU A 30  ? 0.5745 0.6411 0.6024 -0.1015 -0.1862 0.0246  148 GLU A N   
46  C CA  . GLU A 30  ? 0.6260 0.6203 0.6429 -0.1063 -0.1734 -0.0035 148 GLU A CA  
47  C C   . GLU A 30  ? 0.5925 0.5468 0.5285 -0.0841 -0.1604 -0.0367 148 GLU A C   
48  O O   . GLU A 30  ? 0.5374 0.4503 0.4590 -0.0690 -0.1293 -0.0376 148 GLU A O   
49  C CB  . GLU A 30  ? 0.7034 0.6736 0.7533 -0.1430 -0.2095 -0.0302 148 GLU A CB  
50  C CG  . GLU A 30  ? 0.8050 0.6956 0.8431 -0.1443 -0.1962 -0.0585 148 GLU A CG  
51  C CD  . GLU A 30  ? 0.9573 0.8131 1.0386 -0.1818 -0.2304 -0.0812 148 GLU A CD  
52  O OE1 . GLU A 30  ? 1.0401 0.9331 1.1509 -0.2107 -0.2708 -0.0834 148 GLU A OE1 
53  O OE2 . GLU A 30  ? 0.9772 0.7684 1.0663 -0.1835 -0.2184 -0.0948 148 GLU A OE2 
54  N N   . THR A 31  ? 0.6338 0.6089 0.5182 -0.0817 -0.1843 -0.0607 149 THR A N   
55  C CA  . THR A 31  ? 0.6361 0.5854 0.4443 -0.0583 -0.1710 -0.0886 149 THR A CA  
56  C C   . THR A 31  ? 0.5943 0.5543 0.3874 -0.0297 -0.1322 -0.0553 149 THR A C   
57  O O   . THR A 31  ? 0.6043 0.5268 0.3695 -0.0144 -0.1066 -0.0645 149 THR A O   
58  C CB  . THR A 31  ? 0.6745 0.6551 0.4246 -0.0585 -0.2037 -0.1177 149 THR A CB  
59  O OG1 . THR A 31  ? 0.7474 0.7012 0.5026 -0.0871 -0.2419 -0.1601 149 THR A OG1 
60  C CG2 . THR A 31  ? 0.7365 0.7010 0.4098 -0.0291 -0.1832 -0.1386 149 THR A CG2 
61  N N   . ARG A 32  ? 0.5665 0.5765 0.3826 -0.0230 -0.1285 -0.0153 150 ARG A N   
62  C CA  . ARG A 32  ? 0.5296 0.5397 0.3398 0.0006  -0.0933 0.0168  150 ARG A CA  
63  C C   . ARG A 32  ? 0.5214 0.4838 0.3539 0.0021  -0.0639 0.0210  150 ARG A C   
64  O O   . ARG A 32  ? 0.5389 0.4767 0.3448 0.0161  -0.0394 0.0230  150 ARG A O   
65  C CB  . ARG A 32  ? 0.4992 0.5598 0.3454 0.0078  -0.0925 0.0602  150 ARG A CB  
66  C CG  . ARG A 32  ? 0.5751 0.6932 0.3960 0.0147  -0.1137 0.0715  150 ARG A CG  
67  C CD  . ARG A 32  ? 0.5871 0.7373 0.4412 0.0332  -0.0966 0.1220  150 ARG A CD  
68  N NE  . ARG A 32  ? 0.6680 0.8863 0.5167 0.0391  -0.1193 0.1453  150 ARG A NE  
69  C CZ  . ARG A 32  ? 0.6536 0.9043 0.5268 0.0596  -0.1063 0.1925  150 ARG A CZ  
70  N NH1 . ARG A 32  ? 0.5586 0.7711 0.4592 0.0756  -0.0709 0.2147  150 ARG A NH1 
71  N NH2 . ARG A 32  ? 0.6489 0.9624 0.5200 0.0640  -0.1270 0.2132  150 ARG A NH2 
72  N N   . TYR A 33  ? 0.4529 0.4088 0.3365 -0.0136 -0.0673 0.0261  151 TYR A N   
73  C CA  . TYR A 33  ? 0.4338 0.3536 0.3376 -0.0119 -0.0407 0.0338  151 TYR A CA  
74  C C   . TYR A 33  ? 0.5251 0.3977 0.3965 -0.0110 -0.0338 0.0054  151 TYR A C   
75  O O   . TYR A 33  ? 0.5135 0.3640 0.3701 0.0004  -0.0089 0.0117  151 TYR A O   
76  C CB  . TYR A 33  ? 0.4028 0.3339 0.3696 -0.0296 -0.0474 0.0481  151 TYR A CB  
77  C CG  . TYR A 33  ? 0.4266 0.3196 0.4113 -0.0343 -0.0298 0.0478  151 TYR A CG  
78  C CD1 . TYR A 33  ? 0.4927 0.3771 0.4758 -0.0190 0.0021  0.0675  151 TYR A CD1 
79  C CD2 . TYR A 33  ? 0.4288 0.2938 0.4316 -0.0539 -0.0463 0.0283  151 TYR A CD2 
80  C CE1 . TYR A 33  ? 0.4367 0.2957 0.4332 -0.0224 0.0169  0.0709  151 TYR A CE1 
81  C CE2 . TYR A 33  ? 0.5223 0.3572 0.5461 -0.0567 -0.0298 0.0353  151 TYR A CE2 
82  C CZ  . TYR A 33  ? 0.4967 0.3338 0.5160 -0.0405 0.0018  0.0584  151 TYR A CZ  
83  O OH  . TYR A 33  ? 0.5016 0.3172 0.5395 -0.0428 0.0167  0.0690  151 TYR A OH  
84  N N   . ARG A 34  ? 0.5111 0.3681 0.3727 -0.0229 -0.0571 -0.0262 152 ARG A N   
85  C CA  . ARG A 34  ? 0.5571 0.3676 0.3930 -0.0184 -0.0508 -0.0540 152 ARG A CA  
86  C C   . ARG A 34  ? 0.6055 0.4176 0.3888 0.0049  -0.0316 -0.0562 152 ARG A C   
87  O O   . ARG A 34  ? 0.5775 0.3662 0.3542 0.0145  -0.0101 -0.0533 152 ARG A O   
88  C CB  . ARG A 34  ? 0.6532 0.4437 0.4795 -0.0320 -0.0814 -0.0932 152 ARG A CB  
89  C CG  . ARG A 34  ? 0.7764 0.5153 0.5710 -0.0210 -0.0747 -0.1269 152 ARG A CG  
90  C CD  . ARG A 34  ? 0.8273 0.5209 0.6707 -0.0320 -0.0680 -0.1226 152 ARG A CD  
91  N NE  . ARG A 34  ? 0.7778 0.4717 0.6302 -0.0180 -0.0352 -0.0922 152 ARG A NE  
92  C CZ  . ARG A 34  ? 0.7380 0.4349 0.6386 -0.0275 -0.0239 -0.0605 152 ARG A CZ  
93  N NH1 . ARG A 34  ? 0.6902 0.3894 0.5866 -0.0144 0.0027  -0.0383 152 ARG A NH1 
94  N NH2 . ARG A 34  ? 0.6422 0.3444 0.5945 -0.0505 -0.0399 -0.0497 152 ARG A NH2 
95  N N   . VAL A 35  ? 0.5915 0.4387 0.3414 0.0133  -0.0401 -0.0560 153 VAL A N   
96  C CA  . VAL A 35  ? 0.5821 0.4389 0.2864 0.0342  -0.0227 -0.0528 153 VAL A CA  
97  C C   . VAL A 35  ? 0.5456 0.4043 0.2640 0.0402  0.0030  -0.0185 153 VAL A C   
98  O O   . VAL A 35  ? 0.5800 0.4271 0.2831 0.0494  0.0214  -0.0157 153 VAL A O   
99  C CB  . VAL A 35  ? 0.6190 0.5190 0.2833 0.0426  -0.0377 -0.0558 153 VAL A CB  
100 C CG1 . VAL A 35  ? 0.6553 0.5702 0.2805 0.0637  -0.0164 -0.0468 153 VAL A CG1 
101 C CG2 . VAL A 35  ? 0.6656 0.5594 0.3069 0.0348  -0.0669 -0.0977 153 VAL A CG2 
102 N N   . VAL A 36  ? 0.5233 0.3965 0.2720 0.0351  0.0038  0.0069  154 VAL A N   
103 C CA  . VAL A 36  ? 0.5203 0.3851 0.2784 0.0403  0.0262  0.0328  154 VAL A CA  
104 C C   . VAL A 36  ? 0.5087 0.3394 0.2781 0.0355  0.0406  0.0282  154 VAL A C   
105 O O   . VAL A 36  ? 0.5539 0.3780 0.3187 0.0386  0.0542  0.0345  154 VAL A O   
106 C CB  . VAL A 36  ? 0.5164 0.3971 0.3049 0.0410  0.0272  0.0578  154 VAL A CB  
107 C CG1 . VAL A 36  ? 0.5533 0.4101 0.3499 0.0454  0.0500  0.0735  154 VAL A CG1 
108 C CG2 . VAL A 36  ? 0.5654 0.4847 0.3427 0.0493  0.0164  0.0727  154 VAL A CG2 
109 N N   . LEU A 37  ? 0.4671 0.2850 0.2626 0.0257  0.0341  0.0184  155 LEU A N   
110 C CA  . LEU A 37  ? 0.4591 0.2518 0.2665 0.0226  0.0475  0.0199  155 LEU A CA  
111 C C   . LEU A 37  ? 0.5421 0.3207 0.3251 0.0293  0.0524  0.0063  155 LEU A C   
112 O O   . LEU A 37  ? 0.5492 0.3215 0.3276 0.0319  0.0666  0.0164  155 LEU A O   
113 C CB  . LEU A 37  ? 0.4684 0.2537 0.3156 0.0105  0.0403  0.0194  155 LEU A CB  
114 C CG  . LEU A 37  ? 0.4841 0.2493 0.3468 0.0082  0.0534  0.0266  155 LEU A CG  
115 C CD1 . LEU A 37  ? 0.4774 0.2710 0.3428 0.0135  0.0671  0.0386  155 LEU A CD1 
116 C CD2 . LEU A 37  ? 0.5258 0.2889 0.4357 -0.0053 0.0454  0.0330  155 LEU A CD2 
117 N N   . ASP A 38  ? 0.5309 0.3079 0.2972 0.0335  0.0404  -0.0164 156 ASP A N   
118 C CA  A ASP A 38  ? 0.5703 0.3350 0.3151 0.0461  0.0481  -0.0304 156 ASP A CA  
119 C CA  B ASP A 38  ? 0.5702 0.3348 0.3150 0.0462  0.0481  -0.0304 156 ASP A CA  
120 C C   . ASP A 38  ? 0.5629 0.3585 0.2942 0.0558  0.0591  -0.0140 156 ASP A C   
121 O O   . ASP A 38  ? 0.6041 0.4050 0.3491 0.0597  0.0680  -0.0052 156 ASP A O   
122 C CB  A ASP A 38  ? 0.6319 0.3850 0.3572 0.0512  0.0324  -0.0640 156 ASP A CB  
123 C CB  B ASP A 38  ? 0.6328 0.3859 0.3579 0.0513  0.0324  -0.0642 156 ASP A CB  
124 C CG  A ASP A 38  ? 0.6337 0.3514 0.3922 0.0374  0.0189  -0.0797 156 ASP A CG  
125 C CG  B ASP A 38  ? 0.6823 0.4412 0.3985 0.0681  0.0420  -0.0737 156 ASP A CG  
126 O OD1 A ASP A 38  ? 0.6517 0.3542 0.4458 0.0307  0.0282  -0.0621 156 ASP A OD1 
127 O OD1 B ASP A 38  ? 0.6700 0.4096 0.4095 0.0705  0.0508  -0.0705 156 ASP A OD1 
128 O OD2 A ASP A 38  ? 0.6220 0.3283 0.3711 0.0318  -0.0024 -0.1083 156 ASP A OD2 
129 O OD2 B ASP A 38  ? 0.7383 0.5298 0.4325 0.0785  0.0412  -0.0793 156 ASP A OD2 
130 N N   . VAL A 39  ? 0.5589 0.3851 0.2853 0.0558  0.0533  -0.0056 157 VAL A N   
131 C CA  . VAL A 39  ? 0.5355 0.4009 0.2786 0.0577  0.0569  0.0103  157 VAL A CA  
132 C C   . VAL A 39  ? 0.5567 0.4257 0.3355 0.0466  0.0606  0.0274  157 VAL A C   
133 O O   . VAL A 39  ? 0.5524 0.4411 0.3467 0.0442  0.0630  0.0353  157 VAL A O   
134 C CB  . VAL A 39  ? 0.5937 0.4906 0.3222 0.0605  0.0497  0.0141  157 VAL A CB  
135 C CG1 . VAL A 39  ? 0.5916 0.5217 0.3379 0.0580  0.0547  0.0340  157 VAL A CG1 
136 C CG2 . VAL A 39  ? 0.6486 0.5500 0.3415 0.0706  0.0418  -0.0116 157 VAL A CG2 
137 N N   . SER A 40  ? 0.4370 0.5454 0.3723 -0.0639 -0.0157 0.1080  158 SER A N   
138 C CA  . SER A 40  ? 0.4334 0.5117 0.3898 -0.0654 -0.0178 0.1140  158 SER A CA  
139 C C   . SER A 40  ? 0.3611 0.4381 0.3230 -0.0661 -0.0105 0.1000  158 SER A C   
140 O O   . SER A 40  ? 0.4001 0.4766 0.3570 -0.0577 -0.0059 0.0790  158 SER A O   
141 C CB  . SER A 40  ? 0.4825 0.5300 0.4513 -0.0557 -0.0240 0.1077  158 SER A CB  
142 O OG  . SER A 40  ? 0.4429 0.4605 0.4275 -0.0561 -0.0250 0.1070  158 SER A OG  
143 N N   . ARG A 41  ? 0.3633 0.4397 0.3362 -0.0774 -0.0107 0.1139  159 ARG A N   
144 C CA  . ARG A 41  ? 0.4105 0.4906 0.3925 -0.0804 -0.0062 0.1042  159 ARG A CA  
145 C C   . ARG A 41  ? 0.4367 0.4795 0.4295 -0.0758 -0.0110 0.0910  159 ARG A C   
146 O O   . ARG A 41  ? 0.4264 0.4717 0.4251 -0.0771 -0.0092 0.0810  159 ARG A O   
147 C CB  . ARG A 41  ? 0.3822 0.4820 0.3730 -0.0984 -0.0057 0.1256  159 ARG A CB  
148 C CG  . ARG A 41  ? 0.4250 0.5737 0.4029 -0.1024 0.0025  0.1361  159 ARG A CG  
149 C CD  . ARG A 41  ? 0.4713 0.6409 0.4587 -0.1239 0.0022  0.1643  159 ARG A CD  
150 N NE  . ARG A 41  ? 0.4925 0.6341 0.4814 -0.1333 -0.0083 0.1892  159 ARG A NE  
151 C CZ  . ARG A 41  ? 0.5075 0.6537 0.5046 -0.1545 -0.0121 0.2193  159 ARG A CZ  
152 N NH1 . ARG A 41  ? 0.5458 0.7309 0.5513 -0.1707 -0.0053 0.2283  159 ARG A NH1 
153 N NH2 . ARG A 41  ? 0.4983 0.6125 0.4972 -0.1596 -0.0231 0.2425  159 ARG A NH2 
154 N N   . ASP A 42  ? 0.3773 0.3901 0.3723 -0.0697 -0.0170 0.0910  160 ASP A N   
155 C CA  . ASP A 42  ? 0.3753 0.3577 0.3764 -0.0624 -0.0195 0.0753  160 ASP A CA  
156 C C   . ASP A 42  ? 0.3737 0.3642 0.3661 -0.0510 -0.0142 0.0565  160 ASP A C   
157 O O   . ASP A 42  ? 0.3651 0.3617 0.3505 -0.0443 -0.0134 0.0546  160 ASP A O   
158 C CB  . ASP A 42  ? 0.3981 0.3515 0.4063 -0.0562 -0.0260 0.0814  160 ASP A CB  
159 C CG  . ASP A 42  ? 0.4450 0.3679 0.4591 -0.0491 -0.0277 0.0651  160 ASP A CG  
160 O OD1 . ASP A 42  ? 0.5235 0.4504 0.5333 -0.0492 -0.0242 0.0494  160 ASP A OD1 
161 O OD2 . ASP A 42  ? 0.4112 0.3073 0.4335 -0.0423 -0.0325 0.0678  160 ASP A OD2 
162 N N   . PRO A 43  ? 0.3360 0.3267 0.3288 -0.0501 -0.0120 0.0439  161 PRO A N   
163 C CA  . PRO A 43  ? 0.3364 0.3314 0.3207 -0.0404 -0.0081 0.0300  161 PRO A CA  
164 C C   . PRO A 43  ? 0.3913 0.3683 0.3748 -0.0332 -0.0092 0.0236  161 PRO A C   
165 O O   . PRO A 43  ? 0.4018 0.3619 0.3904 -0.0319 -0.0114 0.0194  161 PRO A O   
166 C CB  . PRO A 43  ? 0.3104 0.3081 0.2979 -0.0417 -0.0082 0.0227  161 PRO A CB  
167 C CG  . PRO A 43  ? 0.3273 0.3353 0.3246 -0.0544 -0.0106 0.0333  161 PRO A CG  
168 C CD  . PRO A 43  ? 0.3590 0.3473 0.3599 -0.0597 -0.0148 0.0439  161 PRO A CD  
169 N N   . MET A 44  ? 0.3396 0.3227 0.3171 -0.0290 -0.0081 0.0222  162 MET A N   
170 C CA  . MET A 44  ? 0.3244 0.2999 0.3046 -0.0240 -0.0088 0.0191  162 MET A CA  
171 C C   . MET A 44  ? 0.3382 0.3174 0.3103 -0.0228 -0.0067 0.0114  162 MET A C   
172 O O   . MET A 44  ? 0.3727 0.3581 0.3359 -0.0247 -0.0065 0.0095  162 MET A O   
173 C CB  . MET A 44  ? 0.3428 0.3234 0.3291 -0.0233 -0.0127 0.0301  162 MET A CB  
174 C CG  . MET A 44  ? 0.3972 0.3630 0.3946 -0.0222 -0.0161 0.0386  162 MET A CG  
175 S SD  . MET A 44  ? 0.4539 0.4264 0.4597 -0.0193 -0.0227 0.0570  162 MET A SD  
176 C CE  . MET A 44  ? 0.4339 0.4258 0.4268 -0.0316 -0.0237 0.0698  162 MET A CE  
177 N N   . VAL A 45  ? 0.3406 0.3148 0.3149 -0.0201 -0.0050 0.0069  163 VAL A N   
178 C CA  . VAL A 45  ? 0.3481 0.3235 0.3169 -0.0223 -0.0041 0.0037  163 VAL A CA  
179 C C   . VAL A 45  ? 0.3284 0.3141 0.3071 -0.0217 -0.0037 0.0067  163 VAL A C   
180 O O   . VAL A 45  ? 0.3823 0.3690 0.3687 -0.0153 -0.0011 0.0058  163 VAL A O   
181 C CB  . VAL A 45  ? 0.3777 0.3448 0.3401 -0.0212 -0.0018 -0.0006 163 VAL A CB  
182 C CG1 . VAL A 45  ? 0.4158 0.3797 0.3731 -0.0259 -0.0019 0.0000  163 VAL A CG1 
183 C CG2 . VAL A 45  ? 0.3961 0.3600 0.3538 -0.0191 -0.0024 -0.0026 163 VAL A CG2 
184 N N   . LEU A 46  ? 0.3401 0.3352 0.3191 -0.0281 -0.0065 0.0091  164 LEU A N   
185 C CA  . LEU A 46  ? 0.3390 0.3532 0.3307 -0.0291 -0.0063 0.0134  164 LEU A CA  
186 C C   . LEU A 46  ? 0.3300 0.3457 0.3189 -0.0371 -0.0036 0.0128  164 LEU A C   
187 O O   . LEU A 46  ? 0.3501 0.3529 0.3283 -0.0464 -0.0070 0.0112  164 LEU A O   
188 C CB  . LEU A 46  ? 0.3440 0.3738 0.3397 -0.0348 -0.0135 0.0187  164 LEU A CB  
189 C CG  . LEU A 46  ? 0.4488 0.5078 0.4636 -0.0341 -0.0151 0.0259  164 LEU A CG  
190 C CD1 . LEU A 46  ? 0.4699 0.5332 0.4997 -0.0172 -0.0110 0.0287  164 LEU A CD1 
191 C CD2 . LEU A 46  ? 0.4728 0.5505 0.4891 -0.0420 -0.0250 0.0315  164 LEU A CD2 
192 N N   . VAL A 47  ? 0.3035 0.3343 0.3010 -0.0331 0.0026  0.0144  165 VAL A N   
193 C CA  . VAL A 47  ? 0.3380 0.3739 0.3316 -0.0415 0.0067  0.0174  165 VAL A CA  
194 C C   . VAL A 47  ? 0.3688 0.4404 0.3797 -0.0461 0.0096  0.0243  165 VAL A C   
195 O O   . VAL A 47  ? 0.3297 0.4232 0.3556 -0.0339 0.0131  0.0236  165 VAL A O   
196 C CB  . VAL A 47  ? 0.3497 0.3797 0.3341 -0.0334 0.0134  0.0132  165 VAL A CB  
197 C CG1 . VAL A 47  ? 0.3464 0.3889 0.3258 -0.0423 0.0183  0.0203  165 VAL A CG1 
198 C CG2 . VAL A 47  ? 0.3938 0.3959 0.3646 -0.0307 0.0095  0.0085  165 VAL A CG2 
199 N N   . SER A 48  ? 0.3629 0.4405 0.3734 -0.0636 0.0075  0.0318  166 SER A N   
200 C CA  . SER A 48  ? 0.3726 0.4913 0.4014 -0.0722 0.0108  0.0410  166 SER A CA  
201 C C   . SER A 48  ? 0.3335 0.4770 0.3645 -0.0642 0.0239  0.0427  166 SER A C   
202 O O   . SER A 48  ? 0.3574 0.4865 0.3717 -0.0683 0.0274  0.0446  166 SER A O   
203 C CB  . SER A 48  ? 0.3675 0.4809 0.3940 -0.0979 0.0038  0.0496  166 SER A CB  
204 O OG  . SER A 48  ? 0.3628 0.5210 0.4078 -0.1097 0.0082  0.0613  166 SER A OG  
205 N N   . MET A 49  ? 0.3356 0.5186 0.3865 -0.0514 0.0309  0.0418  167 MET A N   
206 C CA  . MET A 49  ? 0.3062 0.5205 0.3584 -0.0430 0.0451  0.0411  167 MET A CA  
207 C C   . MET A 49  ? 0.3080 0.5489 0.3616 -0.0666 0.0484  0.0571  167 MET A C   
208 O O   . MET A 49  ? 0.3528 0.6035 0.3930 -0.0687 0.0576  0.0604  167 MET A O   
209 C CB  . MET A 49  ? 0.3111 0.5649 0.3881 -0.0217 0.0523  0.0361  167 MET A CB  
210 C CG  . MET A 49  ? 0.3366 0.6301 0.4155 -0.0098 0.0690  0.0318  167 MET A CG  
211 S SD  . MET A 49  ? 0.4553 0.7146 0.5046 0.0083  0.0758  0.0115  167 MET A SD  
212 C CE  . MET A 49  ? 0.4897 0.7242 0.5527 0.0365  0.0714  -0.0042 167 MET A CE  
213 N N   . SER A 50  ? 0.2939 0.5468 0.3622 -0.0864 0.0397  0.0680  168 SER A N   
214 C CA  . SER A 50  ? 0.3213 0.5966 0.3931 -0.1136 0.0408  0.0857  168 SER A CA  
215 C C   . SER A 50  ? 0.3424 0.5731 0.3875 -0.1288 0.0372  0.0925  168 SER A C   
216 O O   . SER A 50  ? 0.3837 0.6341 0.4239 -0.1408 0.0446  0.1066  168 SER A O   
217 C CB  . SER A 50  ? 0.3695 0.6611 0.4616 -0.1347 0.0287  0.0939  168 SER A CB  
218 O OG  . SER A 50  ? 0.4220 0.7668 0.5429 -0.1207 0.0324  0.0927  168 SER A OG  
219 N N   . THR A 51  ? 0.3690 0.5425 0.3974 -0.1276 0.0259  0.0843  169 THR A N   
220 C CA  . THR A 51  ? 0.3918 0.5208 0.3988 -0.1406 0.0202  0.0922  169 THR A CA  
221 C C   . THR A 51  ? 0.3613 0.4598 0.3469 -0.1209 0.0225  0.0832  169 THR A C   
222 O O   . THR A 51  ? 0.4745 0.5470 0.4433 -0.1269 0.0202  0.0927  169 THR A O   
223 C CB  . THR A 51  ? 0.4173 0.5023 0.4211 -0.1555 0.0046  0.0897  169 THR A CB  
224 O OG1 . THR A 51  ? 0.3987 0.4602 0.3970 -0.1367 0.0003  0.0713  169 THR A OG1 
225 C CG2 . THR A 51  ? 0.4545 0.5689 0.4790 -0.1787 -0.0013 0.0970  169 THR A CG2 
226 N N   . GLY A 52  ? 0.3746 0.4759 0.3616 -0.0985 0.0257  0.0667  170 GLY A N   
227 C CA  . GLY A 52  ? 0.4331 0.5069 0.4026 -0.0824 0.0256  0.0568  170 GLY A CA  
228 C C   . GLY A 52  ? 0.4132 0.4408 0.3740 -0.0826 0.0144  0.0521  170 GLY A C   
229 O O   . GLY A 52  ? 0.4352 0.4413 0.3833 -0.0723 0.0127  0.0472  170 GLY A O   
230 N N   . ARG A 53  ? 0.4145 0.4305 0.3822 -0.0943 0.0066  0.0526  171 ARG A N   
231 C CA  . ARG A 53  ? 0.4023 0.3770 0.3604 -0.0925 -0.0026 0.0448  171 ARG A CA  
232 C C   . ARG A 53  ? 0.4307 0.4069 0.3927 -0.0808 -0.0046 0.0311  171 ARG A C   
233 O O   . ARG A 53  ? 0.3908 0.3952 0.3660 -0.0790 -0.0026 0.0299  171 ARG A O   
234 C CB  . ARG A 53  ? 0.4095 0.3617 0.3664 -0.1128 -0.0115 0.0505  171 ARG A CB  
235 C CG  . ARG A 53  ? 0.4313 0.3727 0.3824 -0.1262 -0.0116 0.0682  171 ARG A CG  
236 C CD  . ARG A 53  ? 0.4929 0.4028 0.4430 -0.1488 -0.0225 0.0737  171 ARG A CD  
237 N NE  . ARG A 53  ? 0.5342 0.4330 0.4799 -0.1639 -0.0230 0.0956  171 ARG A NE  
238 C CZ  . ARG A 53  ? 0.5851 0.4423 0.5167 -0.1579 -0.0273 0.1024  171 ARG A CZ  
239 N NH1 . ARG A 53  ? 0.6413 0.4677 0.5640 -0.1360 -0.0306 0.0870  171 ARG A NH1 
240 N NH2 . ARG A 53  ? 0.5736 0.4235 0.5013 -0.1733 -0.0286 0.1266  171 ARG A NH2 
241 N N   . ILE A 54  ? 0.4169 0.3653 0.3681 -0.0718 -0.0081 0.0226  172 ILE A N   
242 C CA  . ILE A 54  ? 0.3873 0.3375 0.3395 -0.0630 -0.0099 0.0123  172 ILE A CA  
243 C C   . ILE A 54  ? 0.4008 0.3524 0.3543 -0.0747 -0.0168 0.0090  172 ILE A C   
244 O O   . ILE A 54  ? 0.4626 0.3898 0.4075 -0.0848 -0.0230 0.0060  172 ILE A O   
245 C CB  . ILE A 54  ? 0.3537 0.2812 0.2948 -0.0516 -0.0107 0.0050  172 ILE A CB  
246 C CG1 . ILE A 54  ? 0.3852 0.3158 0.3253 -0.0421 -0.0062 0.0085  172 ILE A CG1 
247 C CG2 . ILE A 54  ? 0.4002 0.3346 0.3410 -0.0455 -0.0116 -0.0031 172 ILE A CG2 
248 C CD1 . ILE A 54  ? 0.4056 0.3224 0.3396 -0.0307 -0.0076 0.0035  172 ILE A CD1 
249 N N   . VAL A 55  ? 0.3579 0.3367 0.3219 -0.0735 -0.0173 0.0095  173 VAL A N   
250 C CA  . VAL A 55  ? 0.3900 0.3775 0.3546 -0.0853 -0.0257 0.0070  173 VAL A CA  
251 C C   . VAL A 55  ? 0.3661 0.3505 0.3201 -0.0776 -0.0286 -0.0014 173 VAL A C   
252 O O   . VAL A 55  ? 0.4153 0.3981 0.3601 -0.0870 -0.0363 -0.0083 173 VAL A O   
253 C CB  . VAL A 55  ? 0.4443 0.4720 0.4295 -0.0913 -0.0268 0.0166  173 VAL A CB  
254 C CG1 . VAL A 55  ? 0.4471 0.4858 0.4424 -0.1034 -0.0237 0.0258  173 VAL A CG1 
255 C CG2 . VAL A 55  ? 0.4581 0.5066 0.4553 -0.0738 -0.0213 0.0203  173 VAL A CG2 
256 N N   . ASP A 56  ? 0.4015 0.3862 0.3556 -0.0627 -0.0227 -0.0010 174 ASP A N   
257 C CA  . ASP A 56  ? 0.3714 0.3576 0.3157 -0.0562 -0.0235 -0.0057 174 ASP A CA  
258 C C   . ASP A 56  ? 0.3645 0.3454 0.3103 -0.0437 -0.0166 -0.0042 174 ASP A C   
259 O O   . ASP A 56  ? 0.3692 0.3477 0.3234 -0.0395 -0.0125 -0.0003 174 ASP A O   
260 C CB  . ASP A 56  ? 0.3649 0.3785 0.3154 -0.0586 -0.0286 0.0016  174 ASP A CB  
261 C CG  . ASP A 56  ? 0.4101 0.4280 0.3426 -0.0614 -0.0331 -0.0050 174 ASP A CG  
262 O OD1 . ASP A 56  ? 0.4283 0.4304 0.3459 -0.0566 -0.0293 -0.0155 174 ASP A OD1 
263 O OD2 . ASP A 56  ? 0.4329 0.4740 0.3656 -0.0673 -0.0405 0.0003  174 ASP A OD2 
264 N N   . LEU A 57  ? 0.3630 0.3457 0.2994 -0.0393 -0.0156 -0.0078 175 LEU A N   
265 C CA  . LEU A 57  ? 0.3518 0.3358 0.2915 -0.0314 -0.0106 -0.0050 175 LEU A CA  
266 C C   . LEU A 57  ? 0.3574 0.3553 0.2877 -0.0302 -0.0096 -0.0058 175 LEU A C   
267 O O   . LEU A 57  ? 0.3891 0.3922 0.3062 -0.0336 -0.0122 -0.0124 175 LEU A O   
268 C CB  . LEU A 57  ? 0.4280 0.3962 0.3659 -0.0256 -0.0071 -0.0104 175 LEU A CB  
269 C CG  . LEU A 57  ? 0.4149 0.3721 0.3404 -0.0208 -0.0066 -0.0215 175 LEU A CG  
270 C CD1 . LEU A 57  ? 0.4462 0.3966 0.3752 -0.0114 -0.0037 -0.0217 175 LEU A CD1 
271 C CD2 . LEU A 57  ? 0.4857 0.4232 0.4036 -0.0276 -0.0115 -0.0275 175 LEU A CD2 
272 N N   . ASN A 58  ? 0.3350 0.3411 0.2709 -0.0271 -0.0059 0.0004  176 ASN A N   
273 C CA  . ASN A 58  ? 0.3563 0.3819 0.2837 -0.0264 -0.0026 0.0011  176 ASN A CA  
274 C C   . ASN A 58  ? 0.3655 0.3947 0.2938 -0.0188 0.0036  -0.0055 176 ASN A C   
275 O O   . ASN A 58  ? 0.3767 0.3913 0.3121 -0.0144 0.0036  -0.0086 176 ASN A O   
276 C CB  . ASN A 58  ? 0.3371 0.3783 0.2711 -0.0324 -0.0043 0.0184  176 ASN A CB  
277 C CG  . ASN A 58  ? 0.3443 0.3748 0.2952 -0.0335 -0.0046 0.0272  176 ASN A CG  
278 O OD1 . ASN A 58  ? 0.3451 0.3648 0.3013 -0.0301 -0.0026 0.0201  176 ASN A OD1 
279 N ND2 . ASN A 58  ? 0.3591 0.3916 0.3174 -0.0387 -0.0083 0.0430  176 ASN A ND2 
280 N N   . SER A 59  ? 0.3702 0.4235 0.2911 -0.0164 0.0089  -0.0069 177 SER A N   
281 C CA  A SER A 59  ? 0.3973 0.4615 0.3215 -0.0058 0.0153  -0.0142 177 SER A CA  
282 C CA  B SER A 59  ? 0.4076 0.4734 0.3317 -0.0060 0.0156  -0.0138 177 SER A CA  
283 C C   . SER A 59  ? 0.3938 0.4673 0.3370 -0.0093 0.0157  -0.0025 177 SER A C   
284 O O   . SER A 59  ? 0.3868 0.4640 0.3379 -0.0007 0.0176  -0.0071 177 SER A O   
285 C CB  A SER A 59  ? 0.4438 0.5383 0.3552 -0.0002 0.0229  -0.0210 177 SER A CB  
286 C CB  B SER A 59  ? 0.4440 0.5437 0.3566 -0.0025 0.0231  -0.0175 177 SER A CB  
287 O OG  A SER A 59  ? 0.4529 0.5768 0.3640 -0.0116 0.0245  -0.0050 177 SER A OG  
288 O OG  B SER A 59  ? 0.4653 0.5564 0.3564 0.0014  0.0224  -0.0335 177 SER A OG  
289 N N   . ALA A 60  ? 0.3444 0.4202 0.2953 -0.0218 0.0122  0.0124  178 ALA A N   
290 C CA  . ALA A 60  ? 0.3654 0.4424 0.3329 -0.0284 0.0100  0.0210  178 ALA A CA  
291 C C   . ALA A 60  ? 0.3358 0.3868 0.3068 -0.0238 0.0058  0.0132  178 ALA A C   
292 O O   . ALA A 60  ? 0.3477 0.4050 0.3279 -0.0232 0.0047  0.0127  178 ALA A O   
293 C CB  . ALA A 60  ? 0.4111 0.4845 0.3849 -0.0422 0.0057  0.0372  178 ALA A CB  
294 N N   . ALA A 61  ? 0.3267 0.3540 0.2905 -0.0216 0.0031  0.0084  179 ALA A N   
295 C CA  . ALA A 61  ? 0.3568 0.3647 0.3211 -0.0175 0.0007  0.0025  179 ALA A CA  
296 C C   . ALA A 61  ? 0.3962 0.4047 0.3564 -0.0070 0.0024  -0.0049 179 ALA A C   
297 O O   . ALA A 61  ? 0.3649 0.3712 0.3289 -0.0038 0.0002  -0.0052 179 ALA A O   
298 C CB  . ALA A 61  ? 0.3554 0.3456 0.3150 -0.0188 -0.0013 0.0011  179 ALA A CB  
299 N N   . GLY A 62  ? 0.3589 0.3685 0.3103 -0.0009 0.0054  -0.0115 180 GLY A N   
300 C CA  . GLY A 62  ? 0.3606 0.3647 0.3086 0.0124  0.0067  -0.0197 180 GLY A CA  
301 C C   . GLY A 62  ? 0.3978 0.4264 0.3583 0.0202  0.0085  -0.0168 180 GLY A C   
302 O O   . GLY A 62  ? 0.3783 0.4003 0.3421 0.0303  0.0060  -0.0177 180 GLY A O   
303 N N   . LEU A 63  ? 0.3767 0.4363 0.3454 0.0140  0.0118  -0.0110 181 LEU A N   
304 C CA  . LEU A 63  ? 0.3298 0.4223 0.3141 0.0183  0.0134  -0.0068 181 LEU A CA  
305 C C   . LEU A 63  ? 0.3536 0.4415 0.3471 0.0127  0.0055  -0.0011 181 LEU A C   
306 O O   . LEU A 63  ? 0.3490 0.4531 0.3521 0.0220  0.0033  -0.0001 181 LEU A O   
307 C CB  . LEU A 63  ? 0.3236 0.4516 0.3155 0.0070  0.0180  0.0019  181 LEU A CB  
308 C CG  . LEU A 63  ? 0.4470 0.6236 0.4556 0.0119  0.0232  0.0058  181 LEU A CG  
309 C CD1 . LEU A 63  ? 0.4690 0.6560 0.4741 0.0368  0.0305  -0.0073 181 LEU A CD1 
310 C CD2 . LEU A 63  ? 0.4719 0.6814 0.4847 -0.0041 0.0282  0.0179  181 LEU A CD2 
311 N N   . LEU A 64  ? 0.3584 0.4266 0.3483 -0.0013 0.0010  0.0021  182 LEU A N   
312 C CA  . LEU A 64  ? 0.3445 0.4077 0.3379 -0.0075 -0.0064 0.0038  182 LEU A CA  
313 C C   . LEU A 64  ? 0.3508 0.3955 0.3352 0.0028  -0.0092 0.0007  182 LEU A C   
314 O O   . LEU A 64  ? 0.3717 0.4252 0.3589 0.0044  -0.0149 0.0030  182 LEU A O   
315 C CB  . LEU A 64  ? 0.3406 0.3852 0.3313 -0.0220 -0.0093 0.0047  182 LEU A CB  
316 C CG  . LEU A 64  ? 0.3160 0.3746 0.3178 -0.0362 -0.0100 0.0121  182 LEU A CG  
317 C CD1 . LEU A 64  ? 0.3612 0.3911 0.3600 -0.0459 -0.0137 0.0120  182 LEU A CD1 
318 C CD2 . LEU A 64  ? 0.3640 0.4510 0.3794 -0.0434 -0.0147 0.0155  182 LEU A CD2 
319 N N   . LEU A 65  ? 0.3629 0.3834 0.3360 0.0081  -0.0063 -0.0028 183 LEU A N   
320 C CA  . LEU A 65  ? 0.3491 0.3492 0.3136 0.0149  -0.0092 -0.0021 183 LEU A CA  
321 C C   . LEU A 65  ? 0.3718 0.3744 0.3396 0.0317  -0.0098 -0.0018 183 LEU A C   
322 O O   . LEU A 65  ? 0.4281 0.4186 0.3921 0.0379  -0.0148 0.0036  183 LEU A O   
323 C CB  . LEU A 65  ? 0.3659 0.3400 0.3198 0.0107  -0.0070 -0.0047 183 LEU A CB  
324 C CG  . LEU A 65  ? 0.3782 0.3494 0.3306 -0.0011 -0.0064 -0.0043 183 LEU A CG  
325 C CD1 . LEU A 65  ? 0.4099 0.3658 0.3566 -0.0048 -0.0047 -0.0056 183 LEU A CD1 
326 C CD2 . LEU A 65  ? 0.4066 0.3783 0.3555 -0.0042 -0.0092 -0.0020 183 LEU A CD2 
327 N N   . GLY A 66  ? 0.3884 0.4077 0.3631 0.0403  -0.0049 -0.0067 184 GLY A N   
328 C CA  . GLY A 66  ? 0.4076 0.4314 0.3878 0.0610  -0.0044 -0.0090 184 GLY A CA  
329 C C   . GLY A 66  ? 0.4187 0.4053 0.3863 0.0710  -0.0029 -0.0178 184 GLY A C   
330 O O   . GLY A 66  ? 0.4197 0.3921 0.3890 0.0895  -0.0053 -0.0189 184 GLY A O   
331 N N   . GLY A 67  ? 0.3827 0.3525 0.3382 0.0591  -0.0004 -0.0241 185 GLY A N   
332 C CA  . GLY A 67  ? 0.3742 0.3073 0.3163 0.0635  -0.0011 -0.0342 185 GLY A CA  
333 C C   . GLY A 67  ? 0.4196 0.3575 0.3516 0.0571  0.0039  -0.0460 185 GLY A C   
334 O O   . GLY A 67  ? 0.5020 0.4643 0.4361 0.0446  0.0064  -0.0416 185 GLY A O   
335 N N   . VAL A 68  ? 0.4418 0.3549 0.3615 0.0656  0.0041  -0.0611 186 VAL A N   
336 C CA  . VAL A 68  ? 0.4585 0.3757 0.3638 0.0577  0.0067  -0.0732 186 VAL A CA  
337 C C   . VAL A 68  ? 0.5003 0.3943 0.3977 0.0368  -0.0003 -0.0696 186 VAL A C   
338 O O   . VAL A 68  ? 0.5471 0.4144 0.4472 0.0307  -0.0062 -0.0615 186 VAL A O   
339 C CB  . VAL A 68  ? 0.5331 0.4368 0.4250 0.0751  0.0100  -0.0958 186 VAL A CB  
340 C CG1 . VAL A 68  ? 0.5568 0.4975 0.4598 0.0973  0.0194  -0.0991 186 VAL A CG1 
341 C CG2 . VAL A 68  ? 0.5708 0.4176 0.4561 0.0808  0.0020  -0.1030 186 VAL A CG2 
342 N N   . ARG A 69  ? 0.5436 0.4534 0.4322 0.0254  0.0003  -0.0736 187 ARG A N   
343 C CA  . ARG A 69  ? 0.5614 0.4607 0.4459 0.0060  -0.0065 -0.0696 187 ARG A CA  
344 C C   . ARG A 69  ? 0.5773 0.4330 0.4546 0.0009  -0.0141 -0.0762 187 ARG A C   
345 O O   . ARG A 69  ? 0.6447 0.4897 0.5285 -0.0129 -0.0190 -0.0646 187 ARG A O   
346 C CB  . ARG A 69  ? 0.6448 0.5667 0.5167 -0.0011 -0.0063 -0.0765 187 ARG A CB  
347 C CG  . ARG A 69  ? 0.6631 0.5760 0.5292 -0.0194 -0.0152 -0.0766 187 ARG A CG  
348 C CD  . ARG A 69  ? 0.6915 0.6286 0.5415 -0.0249 -0.0167 -0.0843 187 ARG A CD  
349 N NE  . ARG A 69  ? 0.7233 0.6669 0.5757 -0.0434 -0.0261 -0.0769 187 ARG A NE  
350 C CZ  . ARG A 69  ? 0.5818 0.5485 0.4510 -0.0489 -0.0267 -0.0572 187 ARG A CZ  
351 N NH1 . ARG A 69  ? 0.6666 0.6438 0.5409 -0.0629 -0.0352 -0.0506 187 ARG A NH1 
352 N NH2 . ARG A 69  ? 0.5075 0.4870 0.3894 -0.0398 -0.0194 -0.0450 187 ARG A NH2 
353 N N   . GLN A 70  ? 0.6550 0.4853 0.5191 0.0121  -0.0148 -0.0949 188 GLN A N   
354 C CA  . GLN A 70  ? 0.6880 0.4678 0.5436 0.0067  -0.0236 -0.1030 188 GLN A CA  
355 C C   . GLN A 70  ? 0.7105 0.4645 0.5784 0.0069  -0.0270 -0.0856 188 GLN A C   
356 O O   . GLN A 70  ? 0.7659 0.4881 0.6320 -0.0093 -0.0351 -0.0802 188 GLN A O   
357 C CB  . GLN A 70  ? 0.7658 0.5205 0.6047 0.0245  -0.0226 -0.1293 188 GLN A CB  
358 C CG  . GLN A 70  ? 0.8766 0.5682 0.7103 0.0272  -0.0312 -0.1366 188 GLN A CG  
359 C CD  . GLN A 70  ? 0.9204 0.5854 0.7389 0.0513  -0.0288 -0.1655 188 GLN A CD  
360 O OE1 . GLN A 70  ? 1.0347 0.7238 0.8377 0.0564  -0.0235 -0.1861 188 GLN A OE1 
361 N NE2 . GLN A 70  ? 0.8847 0.5014 0.7070 0.0682  -0.0326 -0.1669 188 GLN A NE2 
362 N N   . ASP A 71  ? 0.6365 0.4072 0.5165 0.0229  -0.0214 -0.0750 189 ASP A N   
363 C CA  . ASP A 71  ? 0.6247 0.3771 0.5136 0.0232  -0.0253 -0.0566 189 ASP A CA  
364 C C   . ASP A 71  ? 0.5743 0.3507 0.4712 0.0042  -0.0250 -0.0378 189 ASP A C   
365 O O   . ASP A 71  ? 0.6429 0.4034 0.5418 -0.0046 -0.0292 -0.0227 189 ASP A O   
366 C CB  . ASP A 71  ? 0.6596 0.4239 0.5582 0.0479  -0.0215 -0.0528 189 ASP A CB  
367 C CG  . ASP A 71  ? 0.7486 0.4810 0.6422 0.0713  -0.0225 -0.0690 189 ASP A CG  
368 O OD1 . ASP A 71  ? 0.8160 0.5029 0.6965 0.0664  -0.0284 -0.0815 189 ASP A OD1 
369 O OD2 . ASP A 71  ? 0.7598 0.5128 0.6633 0.0947  -0.0179 -0.0700 189 ASP A OD2 
370 N N   . LEU A 72  ? 0.4950 0.3100 0.3960 -0.0013 -0.0200 -0.0384 190 LEU A N   
371 C CA  . LEU A 72  ? 0.4625 0.3023 0.3723 -0.0129 -0.0182 -0.0237 190 LEU A CA  
372 C C   . LEU A 72  ? 0.4962 0.3386 0.4064 -0.0330 -0.0212 -0.0207 190 LEU A C   
373 O O   . LEU A 72  ? 0.4594 0.3130 0.3763 -0.0423 -0.0202 -0.0080 190 LEU A O   
374 C CB  . LEU A 72  ? 0.4121 0.2881 0.3294 -0.0064 -0.0122 -0.0233 190 LEU A CB  
375 C CG  . LEU A 72  ? 0.4572 0.3421 0.3799 0.0088  -0.0101 -0.0209 190 LEU A CG  
376 C CD1 . LEU A 72  ? 0.4537 0.3713 0.3831 0.0122  -0.0052 -0.0232 190 LEU A CD1 
377 C CD2 . LEU A 72  ? 0.4950 0.3810 0.4211 0.0057  -0.0118 -0.0076 190 LEU A CD2 
378 N N   . LEU A 73  ? 0.4780 0.3156 0.3810 -0.0393 -0.0246 -0.0327 191 LEU A N   
379 C CA  . LEU A 73  ? 0.4748 0.3194 0.3802 -0.0595 -0.0296 -0.0296 191 LEU A CA  
380 C C   . LEU A 73  ? 0.5135 0.3337 0.4206 -0.0735 -0.0344 -0.0195 191 LEU A C   
381 O O   . LEU A 73  ? 0.5568 0.3365 0.4551 -0.0719 -0.0392 -0.0236 191 LEU A O   
382 C CB  . LEU A 73  ? 0.4951 0.3348 0.3882 -0.0654 -0.0353 -0.0461 191 LEU A CB  
383 C CG  . LEU A 73  ? 0.4960 0.3693 0.3868 -0.0585 -0.0317 -0.0510 191 LEU A CG  
384 C CD1 . LEU A 73  ? 0.5413 0.4094 0.4138 -0.0639 -0.0378 -0.0691 191 LEU A CD1 
385 C CD2 . LEU A 73  ? 0.5643 0.4733 0.4708 -0.0655 -0.0308 -0.0361 191 LEU A CD2 
386 N N   . GLY A 74  ? 0.4924 0.3379 0.4114 -0.0862 -0.0328 -0.0051 192 GLY A N   
387 C CA  . GLY A 74  ? 0.4644 0.2971 0.3865 -0.1037 -0.0362 0.0087  192 GLY A CA  
388 C C   . GLY A 74  ? 0.4825 0.3090 0.4040 -0.0959 -0.0317 0.0228  192 GLY A C   
389 O O   . GLY A 74  ? 0.5455 0.3666 0.4687 -0.1105 -0.0332 0.0389  192 GLY A O   
390 N N   . ALA A 75  ? 0.4875 0.3186 0.4063 -0.0750 -0.0267 0.0186  193 ALA A N   
391 C CA  . ALA A 75  ? 0.4826 0.3117 0.3990 -0.0673 -0.0242 0.0315  193 ALA A CA  
392 C C   . ALA A 75  ? 0.4248 0.2942 0.3471 -0.0708 -0.0166 0.0411  193 ALA A C   
393 O O   . ALA A 75  ? 0.4523 0.3500 0.3822 -0.0687 -0.0118 0.0341  193 ALA A O   
394 C CB  . ALA A 75  ? 0.4871 0.3096 0.4001 -0.0450 -0.0236 0.0232  193 ALA A CB  
395 N N   . ALA A 76  ? 0.4538 0.3257 0.3716 -0.0754 -0.0154 0.0575  194 ALA A N   
396 C CA  . ALA A 76  ? 0.4538 0.3656 0.3729 -0.0755 -0.0069 0.0629  194 ALA A CA  
397 C C   . ALA A 76  ? 0.4629 0.3863 0.3800 -0.0574 -0.0041 0.0512  194 ALA A C   
398 O O   . ALA A 76  ? 0.5156 0.4244 0.4262 -0.0472 -0.0083 0.0518  194 ALA A O   
399 C CB  . ALA A 76  ? 0.5015 0.4161 0.4116 -0.0843 -0.0064 0.0836  194 ALA A CB  
400 N N   . ILE A 77  ? 0.4512 0.4008 0.3757 -0.0537 0.0020  0.0413  195 ILE A N   
401 C CA  . ILE A 77  ? 0.4045 0.3602 0.3282 -0.0402 0.0030  0.0298  195 ILE A CA  
402 C C   . ILE A 77  ? 0.4203 0.3836 0.3318 -0.0360 0.0030  0.0342  195 ILE A C   
403 O O   . ILE A 77  ? 0.4174 0.3759 0.3265 -0.0275 -0.0013 0.0297  195 ILE A O   
404 C CB  . ILE A 77  ? 0.4173 0.3928 0.3513 -0.0365 0.0082  0.0197  195 ILE A CB  
405 C CG1 . ILE A 77  ? 0.4864 0.4595 0.4206 -0.0266 0.0070  0.0091  195 ILE A CG1 
406 C CG2 . ILE A 77  ? 0.4689 0.4715 0.4037 -0.0389 0.0162  0.0223  195 ILE A CG2 
407 C CD1 . ILE A 77  ? 0.4510 0.4085 0.3873 -0.0236 0.0016  0.0067  195 ILE A CD1 
408 N N   . ALA A 78  ? 0.4165 0.3965 0.3203 -0.0428 0.0073  0.0441  196 ALA A N   
409 C CA  . ALA A 78  ? 0.4002 0.3929 0.2881 -0.0397 0.0068  0.0481  196 ALA A CA  
410 C C   . ALA A 78  ? 0.4907 0.4633 0.3723 -0.0361 -0.0030 0.0590  196 ALA A C   
411 O O   . ALA A 78  ? 0.4445 0.4261 0.3180 -0.0295 -0.0072 0.0575  196 ALA A O   
412 C CB  . ALA A 78  ? 0.4400 0.4593 0.3182 -0.0486 0.0143  0.0590  196 ALA A CB  
413 N N   . GLN A 79  ? 0.4565 0.4017 0.3428 -0.0396 -0.0076 0.0691  197 GLN A N   
414 C CA  . GLN A 79  ? 0.5189 0.4414 0.4010 -0.0331 -0.0168 0.0813  197 GLN A CA  
415 C C   . GLN A 79  ? 0.4853 0.3998 0.3762 -0.0175 -0.0214 0.0686  197 GLN A C   
416 O O   . GLN A 79  ? 0.5191 0.4217 0.4098 -0.0070 -0.0289 0.0765  197 GLN A O   
417 C CB  . GLN A 79  ? 0.5527 0.4422 0.4357 -0.0425 -0.0209 0.0960  197 GLN A CB  
418 C CG  . GLN A 79  ? 0.6107 0.5144 0.4856 -0.0605 -0.0171 0.1152  197 GLN A CG  
419 C CD  . GLN A 79  ? 0.7627 0.6307 0.6394 -0.0749 -0.0227 0.1318  197 GLN A CD  
420 O OE1 . GLN A 79  ? 0.8177 0.6463 0.7008 -0.0707 -0.0293 0.1245  197 GLN A OE1 
421 N NE2 . GLN A 79  ? 0.8154 0.6973 0.6854 -0.0931 -0.0202 0.1540  197 GLN A NE2 
422 N N   . GLU A 80  ? 0.4114 0.3361 0.3110 -0.0158 -0.0168 0.0508  198 GLU A N   
423 C CA  . GLU A 80  ? 0.4208 0.3489 0.3291 -0.0040 -0.0194 0.0403  198 GLU A CA  
424 C C   . GLU A 80  ? 0.4590 0.4132 0.3642 -0.0011 -0.0221 0.0392  198 GLU A C   
425 O O   . GLU A 80  ? 0.4508 0.4140 0.3641 0.0072  -0.0263 0.0358  198 GLU A O   
426 C CB  . GLU A 80  ? 0.4486 0.3792 0.3664 -0.0058 -0.0143 0.0258  198 GLU A CB  
427 C CG  . GLU A 80  ? 0.4770 0.3851 0.3969 -0.0087 -0.0136 0.0238  198 GLU A CG  
428 C CD  . GLU A 80  ? 0.5066 0.3921 0.4270 0.0025  -0.0182 0.0240  198 GLU A CD  
429 O OE1 . GLU A 80  ? 0.5520 0.4487 0.4781 0.0151  -0.0192 0.0198  198 GLU A OE1 
430 O OE2 . GLU A 80  ? 0.5237 0.3806 0.4397 -0.0011 -0.0212 0.0278  198 GLU A OE2 
431 N N   . PHE A 81  ? 0.4322 0.4016 0.3253 -0.0088 -0.0199 0.0408  199 PHE A N   
432 C CA  . PHE A 81  ? 0.4452 0.4383 0.3321 -0.0090 -0.0230 0.0339  199 PHE A CA  
433 C C   . PHE A 81  ? 0.4462 0.4528 0.3164 -0.0097 -0.0288 0.0480  199 PHE A C   
434 O O   . PHE A 81  ? 0.4632 0.4708 0.3207 -0.0157 -0.0251 0.0588  199 PHE A O   
435 C CB  . PHE A 81  ? 0.4220 0.4229 0.3066 -0.0150 -0.0159 0.0182  199 PHE A CB  
436 C CG  . PHE A 81  ? 0.3950 0.3842 0.2957 -0.0142 -0.0120 0.0081  199 PHE A CG  
437 C CD1 . PHE A 81  ? 0.3993 0.3861 0.3127 -0.0109 -0.0161 0.0051  199 PHE A CD1 
438 C CD2 . PHE A 81  ? 0.3838 0.3696 0.2877 -0.0169 -0.0043 0.0038  199 PHE A CD2 
439 C CE1 . PHE A 81  ? 0.4116 0.3911 0.3370 -0.0116 -0.0126 -0.0010 199 PHE A CE1 
440 C CE2 . PHE A 81  ? 0.3997 0.3770 0.3173 -0.0161 -0.0024 -0.0023 199 PHE A CE2 
441 C CZ  . PHE A 81  ? 0.4580 0.4311 0.3846 -0.0141 -0.0066 -0.0042 199 PHE A CZ  
442 N N   . GLU A 82  ? 0.3833 0.4051 0.2539 -0.0047 -0.0384 0.0502  200 GLU A N   
443 C CA  . GLU A 82  ? 0.4328 0.4694 0.2877 -0.0039 -0.0465 0.0674  200 GLU A CA  
444 C C   . GLU A 82  ? 0.4957 0.5520 0.3258 -0.0141 -0.0424 0.0649  200 GLU A C   
445 O O   . GLU A 82  ? 0.4949 0.5632 0.3194 -0.0189 -0.0391 0.0443  200 GLU A O   
446 C CB  . GLU A 82  ? 0.4818 0.5393 0.3442 0.0034  -0.0590 0.0698  200 GLU A CB  
447 C CG  . GLU A 82  ? 0.5077 0.5513 0.3940 0.0177  -0.0615 0.0749  200 GLU A CG  
448 C CD  . GLU A 82  ? 0.5897 0.6582 0.4858 0.0291  -0.0744 0.0859  200 GLU A CD  
449 O OE1 . GLU A 82  ? 0.5690 0.6680 0.4534 0.0233  -0.0835 0.0889  200 GLU A OE1 
450 O OE2 . GLU A 82  ? 0.6178 0.6774 0.5334 0.0451  -0.0757 0.0905  200 GLU A OE2 
451 N N   . GLY A 83  ? 0.4548 0.5129 0.2697 -0.0174 -0.0421 0.0859  201 GLY A N   
452 C CA  . GLY A 83  ? 0.4860 0.5704 0.2746 -0.0264 -0.0368 0.0863  201 GLY A CA  
453 C C   . GLY A 83  ? 0.4588 0.5441 0.2460 -0.0328 -0.0209 0.0754  201 GLY A C   
454 O O   . GLY A 83  ? 0.5520 0.6639 0.3177 -0.0386 -0.0140 0.0757  201 GLY A O   
455 N N   . ARG A 84  ? 0.4809 0.5426 0.2904 -0.0310 -0.0152 0.0666  202 ARG A N   
456 C CA  . ARG A 84  ? 0.4714 0.5394 0.2837 -0.0356 -0.0014 0.0579  202 ARG A CA  
457 C C   . ARG A 84  ? 0.5397 0.6009 0.3562 -0.0447 0.0030  0.0807  202 ARG A C   
458 O O   . ARG A 84  ? 0.5913 0.6261 0.4148 -0.0457 -0.0049 0.0978  202 ARG A O   
459 C CB  . ARG A 84  ? 0.4248 0.4771 0.2579 -0.0304 0.0019  0.0364  202 ARG A CB  
460 C CG  . ARG A 84  ? 0.4369 0.4876 0.2710 -0.0251 -0.0048 0.0173  202 ARG A CG  
461 C CD  . ARG A 84  ? 0.5026 0.5773 0.3134 -0.0262 -0.0045 0.0044  202 ARG A CD  
462 N NE  . ARG A 84  ? 0.4927 0.5799 0.2971 -0.0245 0.0086  -0.0101 202 ARG A NE  
463 C CZ  . ARG A 84  ? 0.5255 0.6080 0.3307 -0.0195 0.0113  -0.0359 202 ARG A CZ  
464 N NH1 . ARG A 84  ? 0.5349 0.6308 0.3354 -0.0139 0.0241  -0.0489 202 ARG A NH1 
465 N NH2 . ARG A 84  ? 0.5311 0.5957 0.3428 -0.0199 0.0013  -0.0483 202 ARG A NH2 
466 N N   . ARG A 85  ? 0.5755 0.6611 0.3879 -0.0514 0.0153  0.0804  203 ARG A N   
467 C CA  . ARG A 85  ? 0.5745 0.6592 0.3945 -0.0644 0.0200  0.1015  203 ARG A CA  
468 C C   . ARG A 85  ? 0.5361 0.6326 0.3748 -0.0649 0.0310  0.0870  203 ARG A C   
469 O O   . ARG A 85  ? 0.4614 0.5741 0.3008 -0.0544 0.0375  0.0641  203 ARG A O   
470 C CB  . ARG A 85  ? 0.6058 0.7218 0.4037 -0.0755 0.0243  0.1243  203 ARG A CB  
471 C CG  . ARG A 85  ? 0.6717 0.7825 0.4493 -0.0735 0.0121  0.1406  203 ARG A CG  
472 C CD  . ARG A 85  ? 0.8751 1.0087 0.6331 -0.0882 0.0140  0.1732  203 ARG A CD  
473 N NE  . ARG A 85  ? 1.0256 1.1303 0.7983 -0.1026 0.0110  0.1994  203 ARG A NE  
474 C CZ  . ARG A 85  ? 1.1163 1.2422 0.8933 -0.1204 0.0215  0.2138  203 ARG A CZ  
475 N NH1 . ARG A 85  ? 1.1454 1.3262 0.9139 -0.1224 0.0376  0.2044  203 ARG A NH1 
476 N NH2 . ARG A 85  ? 1.1535 1.2464 0.9439 -0.1363 0.0157  0.2367  203 ARG A NH2 
477 N N   . ARG A 86  ? 0.5459 0.6333 0.4003 -0.0769 0.0315  0.1002  204 ARG A N   
478 C CA  . ARG A 86  ? 0.5453 0.6446 0.4214 -0.0767 0.0387  0.0880  204 ARG A CA  
479 C C   . ARG A 86  ? 0.4128 0.5609 0.2888 -0.0709 0.0537  0.0771  204 ARG A C   
480 O O   . ARG A 86  ? 0.4567 0.6093 0.3448 -0.0578 0.0578  0.0563  204 ARG A O   
481 C CB  . ARG A 86  ? 0.6436 0.7327 0.5351 -0.0949 0.0359  0.1054  204 ARG A CB  
482 C CG  . ARG A 86  ? 0.6389 0.7533 0.5533 -0.0958 0.0428  0.0958  204 ARG A CG  
483 C CD  . ARG A 86  ? 0.7295 0.8274 0.6596 -0.1148 0.0357  0.1080  204 ARG A CD  
484 N NE  . ARG A 86  ? 0.7230 0.8278 0.6484 -0.1376 0.0355  0.1350  204 ARG A NE  
485 C CZ  . ARG A 86  ? 0.7628 0.8424 0.6967 -0.1591 0.0263  0.1488  204 ARG A CZ  
486 N NH1 . ARG A 86  ? 0.7326 0.7820 0.6777 -0.1588 0.0170  0.1354  204 ARG A NH1 
487 N NH2 . ARG A 86  ? 0.7664 0.8505 0.6960 -0.1821 0.0257  0.1761  204 ARG A NH2 
488 N N   . GLY A 87  ? 0.4190 0.6033 0.2811 -0.0799 0.0622  0.0921  205 GLY A N   
489 C CA  . GLY A 87  ? 0.4346 0.6719 0.2964 -0.0731 0.0789  0.0817  205 GLY A CA  
490 C C   . GLY A 87  ? 0.5012 0.7384 0.3527 -0.0508 0.0820  0.0501  205 GLY A C   
491 O O   . GLY A 87  ? 0.5155 0.7584 0.3842 -0.0367 0.0878  0.0302  205 GLY A O   
492 N N   . GLU A 88  ? 0.4993 0.7274 0.3233 -0.0481 0.0763  0.0463  206 GLU A N   
493 C CA  . GLU A 88  ? 0.4995 0.7261 0.3096 -0.0311 0.0775  0.0156  206 GLU A CA  
494 C C   . GLU A 88  ? 0.4470 0.6313 0.2763 -0.0208 0.0685  -0.0030 206 GLU A C   
495 O O   . GLU A 88  ? 0.5027 0.6848 0.3343 -0.0062 0.0726  -0.0288 206 GLU A O   
496 C CB  . GLU A 88  ? 0.5218 0.7513 0.2980 -0.0344 0.0703  0.0178  206 GLU A CB  
497 C CG  . GLU A 88  ? 0.5043 0.6960 0.2811 -0.0417 0.0524  0.0347  206 GLU A CG  
498 C CD  . GLU A 88  ? 0.5097 0.6657 0.2957 -0.0323 0.0414  0.0133  206 GLU A CD  
499 O OE1 . GLU A 88  ? 0.4760 0.6027 0.2719 -0.0349 0.0290  0.0245  206 GLU A OE1 
500 O OE2 . GLU A 88  ? 0.5459 0.7031 0.3300 -0.0221 0.0453  -0.0144 206 GLU A OE2 
501 N N   . PHE A 89  ? 0.4079 0.5580 0.2503 -0.0280 0.0566  0.0103  207 PHE A N   
502 C CA  . PHE A 89  ? 0.4247 0.5396 0.2824 -0.0204 0.0481  -0.0037 207 PHE A CA  
503 C C   . PHE A 89  ? 0.4182 0.5359 0.3011 -0.0134 0.0545  -0.0113 207 PHE A C   
504 O O   . PHE A 89  ? 0.4416 0.5446 0.3319 -0.0017 0.0535  -0.0300 207 PHE A O   
505 C CB  . PHE A 89  ? 0.4268 0.5106 0.2903 -0.0279 0.0354  0.0110  207 PHE A CB  
506 C CG  . PHE A 89  ? 0.4016 0.4568 0.2778 -0.0215 0.0278  -0.0016 207 PHE A CG  
507 C CD1 . PHE A 89  ? 0.4405 0.4876 0.3074 -0.0173 0.0213  -0.0150 207 PHE A CD1 
508 C CD2 . PHE A 89  ? 0.3830 0.4232 0.2798 -0.0218 0.0264  0.0006  207 PHE A CD2 
509 C CE1 . PHE A 89  ? 0.4429 0.4677 0.3228 -0.0146 0.0148  -0.0234 207 PHE A CE1 
510 C CE2 . PHE A 89  ? 0.4326 0.4516 0.3394 -0.0173 0.0202  -0.0083 207 PHE A CE2 
511 C CZ  . PHE A 89  ? 0.4169 0.4285 0.3162 -0.0141 0.0149  -0.0191 207 PHE A CZ  
512 N N   . MET A 90  ? 0.4479 0.5846 0.3446 -0.0215 0.0597  0.0046  208 MET A N   
513 C CA  . MET A 90  ? 0.4062 0.5548 0.3284 -0.0150 0.0647  0.0002  208 MET A CA  
514 C C   . MET A 90  ? 0.4007 0.5790 0.3233 0.0024  0.0775  -0.0182 208 MET A C   
515 O O   . MET A 90  ? 0.4688 0.6420 0.4093 0.0170  0.0786  -0.0308 208 MET A O   
516 C CB  . MET A 90  ? 0.3723 0.5400 0.3095 -0.0311 0.0659  0.0218  208 MET A CB  
517 C CG  . MET A 90  ? 0.3946 0.5251 0.3355 -0.0443 0.0526  0.0337  208 MET A CG  
518 S SD  . MET A 90  ? 0.4009 0.4997 0.3568 -0.0345 0.0433  0.0208  208 MET A SD  
519 C CE  . MET A 90  ? 0.3765 0.5119 0.3610 -0.0326 0.0486  0.0229  208 MET A CE  
520 N N   . GLU A 91  ? 0.4230 0.6319 0.3250 0.0022  0.0872  -0.0199 209 GLU A N   
521 C CA  . GLU A 91  ? 0.4646 0.7016 0.3627 0.0216  0.1007  -0.0422 209 GLU A CA  
522 C C   . GLU A 91  ? 0.4919 0.6886 0.3804 0.0364  0.0937  -0.0695 209 GLU A C   
523 O O   . GLU A 91  ? 0.5488 0.7430 0.4478 0.0563  0.0991  -0.0900 209 GLU A O   
524 C CB  . GLU A 91  ? 0.5831 0.8653 0.4557 0.0171  0.1128  -0.0387 209 GLU A CB  
525 C CG  . GLU A 91  ? 0.6765 0.9935 0.5433 0.0395  0.1292  -0.0648 209 GLU A CG  
526 C CD  . GLU A 91  ? 0.8157 1.1907 0.6586 0.0339  0.1443  -0.0582 209 GLU A CD  
527 O OE1 . GLU A 91  ? 0.8766 1.2841 0.7105 0.0533  0.1591  -0.0817 209 GLU A OE1 
528 O OE2 . GLU A 91  ? 0.8572 1.2438 0.6903 0.0107  0.1409  -0.0289 209 GLU A OE2 
529 N N   . THR A 92  ? 0.4445 0.6095 0.3149 0.0262  0.0811  -0.0686 210 THR A N   
530 C CA  . THR A 92  ? 0.4584 0.5855 0.3203 0.0339  0.0722  -0.0916 210 THR A CA  
531 C C   . THR A 92  ? 0.4657 0.5602 0.3555 0.0418  0.0664  -0.0951 210 THR A C   
532 O O   . THR A 92  ? 0.5575 0.6344 0.4511 0.0570  0.0674  -0.1163 210 THR A O   
533 C CB  . THR A 92  ? 0.5170 0.6243 0.3599 0.0194  0.0585  -0.0852 210 THR A CB  
534 O OG1 . THR A 92  ? 0.5461 0.6844 0.3600 0.0137  0.0626  -0.0824 210 THR A OG1 
535 C CG2 . THR A 92  ? 0.5558 0.6266 0.3949 0.0228  0.0478  -0.1069 210 THR A CG2 
536 N N   . MET A 93  ? 0.4522 0.5378 0.3599 0.0317  0.0599  -0.0740 211 MET A N   
537 C CA  . MET A 93  ? 0.4202 0.4805 0.3517 0.0371  0.0538  -0.0731 211 MET A CA  
538 C C   . MET A 93  ? 0.4569 0.5357 0.4098 0.0544  0.0627  -0.0780 211 MET A C   
539 O O   . MET A 93  ? 0.4942 0.5487 0.4607 0.0668  0.0589  -0.0866 211 MET A O   
540 C CB  . MET A 93  ? 0.3845 0.4367 0.3260 0.0226  0.0457  -0.0516 211 MET A CB  
541 C CG  . MET A 93  ? 0.4704 0.5003 0.3979 0.0113  0.0356  -0.0483 211 MET A CG  
542 S SD  . MET A 93  ? 0.5266 0.5373 0.4682 0.0025  0.0262  -0.0331 211 MET A SD  
543 C CE  . MET A 93  ? 0.4765 0.5109 0.4263 -0.0050 0.0309  -0.0166 211 MET A CE  
544 N N   . THR A 94  ? 0.4394 0.5628 0.3972 0.0552  0.0743  -0.0707 212 THR A N   
545 C CA  . THR A 94  ? 0.4755 0.6277 0.4574 0.0731  0.0836  -0.0740 212 THR A CA  
546 C C   . THR A 94  ? 0.5566 0.7008 0.5324 0.0977  0.0906  -0.1022 212 THR A C   
547 O O   . THR A 94  ? 0.5523 0.6882 0.5493 0.1181  0.0911  -0.1099 212 THR A O   
548 C CB  . THR A 94  ? 0.5351 0.7455 0.5240 0.0662  0.0955  -0.0595 212 THR A CB  
549 O OG1 . THR A 94  ? 0.5077 0.7172 0.5033 0.0428  0.0869  -0.0353 212 THR A OG1 
550 C CG2 . THR A 94  ? 0.5875 0.8365 0.6060 0.0869  0.1055  -0.0628 212 THR A CG2 
551 N N   . ASN A 95  ? 0.5156 0.6599 0.4610 0.0962  0.0949  -0.1180 213 ASN A N   
552 C CA  . ASN A 95  ? 0.6147 0.7479 0.5482 0.1183  0.1011  -0.1499 213 ASN A CA  
553 C C   . ASN A 95  ? 0.6388 0.7072 0.5730 0.1223  0.0865  -0.1635 213 ASN A C   
554 O O   . ASN A 95  ? 0.7555 0.8018 0.6980 0.1450  0.0883  -0.1840 213 ASN A O   
555 C CB  . ASN A 95  ? 0.6420 0.7976 0.5383 0.1131  0.1085  -0.1633 213 ASN A CB  
556 C CG  . ASN A 95  ? 0.6626 0.8873 0.5588 0.1156  0.1270  -0.1548 213 ASN A CG  
557 O OD1 . ASN A 95  ? 0.6879 0.9451 0.6135 0.1279  0.1365  -0.1475 213 ASN A OD1 
558 N ND2 . ASN A 95  ? 0.6838 0.9354 0.5478 0.1031  0.1319  -0.1535 213 ASN A ND2 
559 N N   . LEU A 96  ? 0.6481 0.6870 0.5757 0.1004  0.0721  -0.1508 214 LEU A N   
560 C CA  . LEU A 96  ? 0.6686 0.6510 0.5983 0.0983  0.0578  -0.1587 214 LEU A CA  
561 C C   . LEU A 96  ? 0.6555 0.6189 0.6170 0.1094  0.0536  -0.1476 214 LEU A C   
562 O O   . LEU A 96  ? 0.6843 0.6049 0.6519 0.1201  0.0472  -0.1602 214 LEU A O   
563 C CB  . LEU A 96  ? 0.6455 0.6133 0.5641 0.0726  0.0451  -0.1448 214 LEU A CB  
564 C CG  . LEU A 96  ? 0.7201 0.6890 0.6068 0.0626  0.0422  -0.1600 214 LEU A CG  
565 C CD1 . LEU A 96  ? 0.7247 0.6763 0.6088 0.0414  0.0279  -0.1468 214 LEU A CD1 
566 C CD2 . LEU A 96  ? 0.7799 0.7206 0.6533 0.0751  0.0417  -0.1935 214 LEU A CD2 
567 N N   . ALA A 97  ? 0.5832 0.5772 0.5640 0.1055  0.0558  -0.1233 215 ALA A N   
568 C CA  . ALA A 97  ? 0.5917 0.5775 0.6019 0.1149  0.0510  -0.1094 215 ALA A CA  
569 C C   . ALA A 97  ? 0.6654 0.6558 0.6924 0.1459  0.0590  -0.1241 215 ALA A C   
570 O O   . ALA A 97  ? 0.7037 0.6743 0.7534 0.1593  0.0527  -0.1171 215 ALA A O   
571 C CB  . ALA A 97  ? 0.5333 0.5573 0.5573 0.1029  0.0515  -0.0838 215 ALA A CB  
572 N N   . ALA A 98  ? 0.6320 0.6509 0.6475 0.1586  0.0730  -0.1439 216 ALA A N   
573 C CA  . ALA A 98  ? 0.6287 0.6590 0.6594 0.1923  0.0836  -0.1617 216 ALA A CA  
574 C C   . ALA A 98  ? 0.6703 0.6400 0.6893 0.2085  0.0787  -0.1912 216 ALA A C   
575 O O   . ALA A 98  ? 0.6683 0.6283 0.7033 0.2399  0.0835  -0.2065 216 ALA A O   
576 C CB  . ALA A 98  ? 0.6405 0.7350 0.6635 0.1995  0.1029  -0.1705 216 ALA A CB  
577 N N   . THR A 99  ? 0.7347 0.6633 0.7266 0.1872  0.0684  -0.1999 217 THR A N   
578 C CA  . THR A 99  ? 0.8631 0.7295 0.8418 0.1965  0.0610  -0.2288 217 THR A CA  
579 C C   . THR A 99  ? 0.9342 0.7450 0.9371 0.1994  0.0458  -0.2149 217 THR A C   
580 O O   . THR A 99  ? 0.9789 0.7352 0.9828 0.2157  0.0404  -0.2355 217 THR A O   
581 C CB  . THR A 99  ? 0.7955 0.6419 0.7383 0.1701  0.0534  -0.2427 217 THR A CB  
582 O OG1 . THR A 99  ? 0.7962 0.6335 0.7422 0.1402  0.0402  -0.2148 217 THR A OG1 
583 C CG2 . THR A 99  ? 0.7646 0.6667 0.6811 0.1677  0.0676  -0.2536 217 THR A CG2 
584 N N   . GLU A 100 ? 0.9578 0.7821 0.9787 0.1834  0.0388  -0.1800 218 GLU A N   
585 C CA  . GLU A 100 ? 1.0034 0.7850 1.0455 0.1824  0.0244  -0.1597 218 GLU A CA  
586 C C   . GLU A 100 ? 1.0405 0.7520 1.0690 0.1693  0.0103  -0.1717 218 GLU A C   
587 O O   . GLU A 100 ? 1.0550 0.7139 1.0963 0.1835  0.0020  -0.1749 218 GLU A O   
588 C CB  . GLU A 100 ? 1.0820 0.8655 1.1545 0.2175  0.0278  -0.1567 218 GLU A CB  
589 C CG  . GLU A 100 ? 1.0883 0.9457 1.1804 0.2266  0.0390  -0.1398 218 GLU A CG  
590 C CD  . GLU A 100 ? 1.1638 1.0347 1.2863 0.2663  0.0450  -0.1436 218 GLU A CD  
591 O OE1 . GLU A 100 ? 1.2334 1.0479 1.3623 0.2885  0.0392  -0.1570 218 GLU A OE1 
592 O OE2 . GLU A 100 ? 1.1538 1.0914 1.2951 0.2755  0.0551  -0.1327 218 GLU A OE2 
593 N N   . SER A 101 ? 1.0141 0.7260 1.0179 0.1417  0.0067  -0.1773 219 SER A N   
594 C CA  . SER A 101 ? 0.9988 0.6541 0.9889 0.1231  -0.0074 -0.1890 219 SER A CA  
595 C C   . SER A 101 ? 0.9978 0.6657 0.9844 0.0888  -0.0161 -0.1644 219 SER A C   
596 O O   . SER A 101 ? 1.0399 0.6771 1.0156 0.0665  -0.0275 -0.1699 219 SER A O   
597 C CB  . SER A 101 ? 0.9444 0.5930 0.9046 0.1250  -0.0035 -0.2278 219 SER A CB  
598 O OG  . SER A 101 ? 0.9058 0.5474 0.8670 0.1597  0.0070  -0.2546 219 SER A OG  
599 N N   . ALA A 102 ? 0.9428 0.6579 0.9395 0.0851  -0.0106 -0.1384 220 ALA A N   
600 C CA  . ALA A 102 ? 0.9360 0.6723 0.9289 0.0579  -0.0154 -0.1175 220 ALA A CA  
601 C C   . ALA A 102 ? 0.9608 0.7093 0.9293 0.0418  -0.0159 -0.1336 220 ALA A C   
602 O O   . ALA A 102 ? 0.9291 0.6756 0.8939 0.0188  -0.0246 -0.1245 220 ALA A O   
603 C CB  . ALA A 102 ? 0.9322 0.6349 0.9377 0.0419  -0.0286 -0.0970 220 ALA A CB  
604 N N   . ALA A 103 ? 1.0256 0.7915 0.9775 0.0545  -0.0066 -0.1564 221 ALA A N   
605 C CA  . ALA A 103 ? 0.9752 0.7583 0.9012 0.0412  -0.0074 -0.1707 221 ALA A CA  
606 C C   . ALA A 103 ? 0.8560 0.6818 0.7810 0.0272  -0.0054 -0.1474 221 ALA A C   
607 O O   . ALA A 103 ? 0.7311 0.5851 0.6668 0.0346  0.0029  -0.1311 221 ALA A O   
608 C CB  . ALA A 103 ? 1.0083 0.8061 0.9151 0.0593  0.0039  -0.1981 221 ALA A CB  
609 N N   . PRO A 104 ? 0.7328 0.5629 0.6464 0.0072  -0.0144 -0.1460 222 PRO A N   
610 C CA  . PRO A 104 ? 0.6272 0.4913 0.5423 -0.0035 -0.0141 -0.1242 222 PRO A CA  
611 C C   . PRO A 104 ? 0.5982 0.4951 0.4910 -0.0047 -0.0103 -0.1291 222 PRO A C   
612 O O   . PRO A 104 ? 0.7181 0.6134 0.5903 -0.0045 -0.0119 -0.1503 222 PRO A O   
613 C CB  . PRO A 104 ? 0.6395 0.4906 0.5614 -0.0232 -0.0272 -0.1165 222 PRO A CB  
614 C CG  . PRO A 104 ? 0.6840 0.5052 0.5942 -0.0291 -0.0357 -0.1410 222 PRO A CG  
615 C CD  . PRO A 104 ? 0.6984 0.4969 0.6048 -0.0080 -0.0279 -0.1603 222 PRO A CD  
616 N N   . VAL A 105 ? 0.5513 0.4763 0.4470 -0.0061 -0.0061 -0.1092 223 VAL A N   
617 C CA  . VAL A 105 ? 0.5074 0.4611 0.3837 -0.0102 -0.0057 -0.1062 223 VAL A CA  
618 C C   . VAL A 105 ? 0.5119 0.4703 0.3919 -0.0234 -0.0170 -0.0944 223 VAL A C   
619 O O   . VAL A 105 ? 0.5126 0.4667 0.4113 -0.0261 -0.0187 -0.0796 223 VAL A O   
620 C CB  . VAL A 105 ? 0.5201 0.4974 0.3986 -0.0051 0.0041  -0.0889 223 VAL A CB  
621 C CG1 . VAL A 105 ? 0.5147 0.5194 0.3696 -0.0075 0.0060  -0.0870 223 VAL A CG1 
622 C CG2 . VAL A 105 ? 0.5901 0.5675 0.4796 0.0073  0.0150  -0.0923 223 VAL A CG2 
623 N N   . GLU A 106 ? 0.4906 0.4625 0.3529 -0.0308 -0.0246 -0.1010 224 GLU A N   
624 C CA  . GLU A 106 ? 0.4497 0.4356 0.3181 -0.0410 -0.0355 -0.0885 224 GLU A CA  
625 C C   . GLU A 106 ? 0.4204 0.4298 0.2859 -0.0361 -0.0329 -0.0684 224 GLU A C   
626 O O   . GLU A 106 ? 0.4628 0.4880 0.3081 -0.0331 -0.0298 -0.0678 224 GLU A O   
627 C CB  . GLU A 106 ? 0.4528 0.4460 0.3048 -0.0522 -0.0477 -0.1036 224 GLU A CB  
628 C CG  . GLU A 106 ? 0.5460 0.5080 0.3975 -0.0590 -0.0526 -0.1267 224 GLU A CG  
629 C CD  . GLU A 106 ? 0.5983 0.5669 0.4292 -0.0722 -0.0659 -0.1455 224 GLU A CD  
630 O OE1 . GLU A 106 ? 0.5912 0.5856 0.3966 -0.0694 -0.0658 -0.1498 224 GLU A OE1 
631 O OE2 . GLU A 106 ? 0.6609 0.6098 0.4999 -0.0872 -0.0774 -0.1552 224 GLU A OE2 
632 N N   . VAL A 107 ? 0.4088 0.4203 0.2930 -0.0355 -0.0344 -0.0518 225 VAL A N   
633 C CA  . VAL A 107 ? 0.4366 0.4605 0.3204 -0.0292 -0.0330 -0.0333 225 VAL A CA  
634 C C   . VAL A 107 ? 0.4691 0.5061 0.3675 -0.0291 -0.0413 -0.0218 225 VAL A C   
635 O O   . VAL A 107 ? 0.4112 0.4513 0.3237 -0.0355 -0.0462 -0.0260 225 VAL A O   
636 C CB  . VAL A 107 ? 0.3949 0.4049 0.2869 -0.0228 -0.0226 -0.0254 225 VAL A CB  
637 C CG1 . VAL A 107 ? 0.4585 0.4663 0.3393 -0.0209 -0.0132 -0.0332 225 VAL A CG1 
638 C CG2 . VAL A 107 ? 0.4003 0.3973 0.3125 -0.0232 -0.0214 -0.0262 225 VAL A CG2 
639 N N   . LEU A 108 ? 0.4434 0.4891 0.3393 -0.0215 -0.0429 -0.0062 226 LEU A N   
640 C CA  . LEU A 108 ? 0.3993 0.4584 0.3112 -0.0150 -0.0490 0.0054  226 LEU A CA  
641 C C   . LEU A 108 ? 0.3864 0.4274 0.3049 -0.0040 -0.0423 0.0158  226 LEU A C   
642 O O   . LEU A 108 ? 0.4334 0.4640 0.3400 -0.0006 -0.0408 0.0252  226 LEU A O   
643 C CB  . LEU A 108 ? 0.3829 0.4675 0.2860 -0.0135 -0.0604 0.0149  226 LEU A CB  
644 C CG  . LEU A 108 ? 0.4335 0.5365 0.3552 -0.0018 -0.0672 0.0290  226 LEU A CG  
645 C CD1 . LEU A 108 ? 0.4823 0.6029 0.4272 -0.0061 -0.0689 0.0221  226 LEU A CD1 
646 C CD2 . LEU A 108 ? 0.4341 0.5639 0.3454 -0.0001 -0.0801 0.0405  226 LEU A CD2 
647 N N   . ALA A 109 ? 0.3560 0.3933 0.2919 0.0001  -0.0387 0.0138  227 ALA A N   
648 C CA  . ALA A 109 ? 0.3619 0.3788 0.3014 0.0096  -0.0329 0.0184  227 ALA A CA  
649 C C   . ALA A 109 ? 0.3719 0.3919 0.3159 0.0243  -0.0383 0.0300  227 ALA A C   
650 O O   . ALA A 109 ? 0.3976 0.4424 0.3550 0.0315  -0.0431 0.0320  227 ALA A O   
651 C CB  . ALA A 109 ? 0.3968 0.4127 0.3493 0.0092  -0.0270 0.0110  227 ALA A CB  
652 N N   . ARG A 110 ? 0.4181 0.4136 0.3521 0.0288  -0.0384 0.0393  228 ARG A N   
653 C CA  . ARG A 110 ? 0.4220 0.4113 0.3591 0.0443  -0.0451 0.0527  228 ARG A CA  
654 C C   . ARG A 110 ? 0.3958 0.3867 0.3509 0.0618  -0.0436 0.0474  228 ARG A C   
655 O O   . ARG A 110 ? 0.4459 0.4561 0.4128 0.0770  -0.0499 0.0546  228 ARG A O   
656 C CB  . ARG A 110 ? 0.5052 0.4588 0.4292 0.0431  -0.0455 0.0644  228 ARG A CB  
657 C CG  . ARG A 110 ? 0.6180 0.5774 0.5236 0.0288  -0.0465 0.0745  228 ARG A CG  
658 C CD  . ARG A 110 ? 0.6324 0.5592 0.5279 0.0253  -0.0475 0.0912  228 ARG A CD  
659 N NE  . ARG A 110 ? 0.7119 0.6525 0.5893 0.0103  -0.0458 0.1017  228 ARG A NE  
660 C CZ  . ARG A 110 ? 0.7828 0.7419 0.6473 0.0104  -0.0530 0.1184  228 ARG A CZ  
661 N NH1 . ARG A 110 ? 0.8148 0.7804 0.6857 0.0252  -0.0638 0.1277  228 ARG A NH1 
662 N NH2 . ARG A 110 ? 0.7872 0.7636 0.6326 -0.0035 -0.0494 0.1263  228 ARG A NH2 
663 N N   . ARG A 111 ? 0.3973 0.3731 0.3548 0.0610  -0.0352 0.0348  229 ARG A N   
664 C CA  . ARG A 111 ? 0.3976 0.3736 0.3675 0.0794  -0.0319 0.0276  229 ARG A CA  
665 C C   . ARG A 111 ? 0.3916 0.4156 0.3798 0.0837  -0.0306 0.0244  229 ARG A C   
666 O O   . ARG A 111 ? 0.4146 0.4576 0.4177 0.1035  -0.0322 0.0267  229 ARG A O   
667 C CB  . ARG A 111 ? 0.3915 0.3414 0.3546 0.0759  -0.0240 0.0141  229 ARG A CB  
668 C CG  . ARG A 111 ? 0.4320 0.3374 0.3800 0.0679  -0.0261 0.0174  229 ARG A CG  
669 C CD  . ARG A 111 ? 0.4279 0.3165 0.3692 0.0593  -0.0201 0.0035  229 ARG A CD  
670 N NE  . ARG A 111 ? 0.4947 0.3529 0.4246 0.0438  -0.0226 0.0084  229 ARG A NE  
671 C CZ  . ARG A 111 ? 0.5439 0.3611 0.4665 0.0446  -0.0263 0.0073  229 ARG A CZ  
672 N NH1 . ARG A 111 ? 0.5712 0.3673 0.4952 0.0638  -0.0278 -0.0014 229 ARG A NH1 
673 N NH2 . ARG A 111 ? 0.5527 0.3505 0.4679 0.0259  -0.0285 0.0143  229 ARG A NH2 
674 N N   . SER A 112 ? 0.3921 0.4361 0.3813 0.0651  -0.0281 0.0200  230 SER A N   
675 C CA  . SER A 112 ? 0.3763 0.4647 0.3835 0.0629  -0.0268 0.0184  230 SER A CA  
676 C C   . SER A 112 ? 0.3754 0.4959 0.3905 0.0572  -0.0373 0.0269  230 SER A C   
677 O O   . SER A 112 ? 0.3599 0.5237 0.3947 0.0574  -0.0389 0.0291  230 SER A O   
678 C CB  . SER A 112 ? 0.3932 0.4823 0.3978 0.0439  -0.0207 0.0115  230 SER A CB  
679 O OG  . SER A 112 ? 0.3877 0.4607 0.3802 0.0271  -0.0249 0.0117  230 SER A OG  
680 N N   . GLN A 113 ? 0.3717 0.4755 0.3710 0.0505  -0.0444 0.0320  231 GLN A N   
681 C CA  . GLN A 113 ? 0.4363 0.5684 0.4359 0.0420  -0.0558 0.0380  231 GLN A CA  
682 C C   . GLN A 113 ? 0.3746 0.5264 0.3788 0.0199  -0.0572 0.0296  231 GLN A C   
683 O O   . GLN A 113 ? 0.4485 0.6350 0.4613 0.0118  -0.0673 0.0322  231 GLN A O   
684 C CB  . GLN A 113 ? 0.4623 0.6284 0.4797 0.0602  -0.0639 0.0497  231 GLN A CB  
685 C CG  . GLN A 113 ? 0.4621 0.6015 0.4711 0.0799  -0.0672 0.0613  231 GLN A CG  
686 C CD  . GLN A 113 ? 0.5010 0.6266 0.4858 0.0687  -0.0749 0.0697  231 GLN A CD  
687 O OE1 . GLN A 113 ? 0.4883 0.6454 0.4700 0.0595  -0.0853 0.0741  231 GLN A OE1 
688 N NE2 . GLN A 113 ? 0.4952 0.5772 0.4616 0.0673  -0.0698 0.0716  231 GLN A NE2 
689 N N   . LYS A 114 ? 0.3863 0.5142 0.3850 0.0097  -0.0486 0.0205  232 LYS A N   
690 C CA  . LYS A 114 ? 0.3436 0.4759 0.3449 -0.0112 -0.0497 0.0132  232 LYS A CA  
691 C C   . LYS A 114 ? 0.3659 0.4702 0.3454 -0.0222 -0.0518 0.0047  232 LYS A C   
692 O O   . LYS A 114 ? 0.3724 0.4487 0.3378 -0.0164 -0.0454 0.0031  232 LYS A O   
693 C CB  . LYS A 114 ? 0.3692 0.4927 0.3783 -0.0139 -0.0395 0.0108  232 LYS A CB  
694 C CG  . LYS A 114 ? 0.4363 0.5947 0.4663 -0.0058 -0.0349 0.0164  232 LYS A CG  
695 C CD  . LYS A 114 ? 0.4700 0.6165 0.4992 -0.0064 -0.0237 0.0143  232 LYS A CD  
696 C CE  . LYS A 114 ? 0.5446 0.7300 0.5909 0.0041  -0.0164 0.0178  232 LYS A CE  
697 N NZ  . LYS A 114 ? 0.6622 0.8389 0.7022 0.0039  -0.0059 0.0154  232 LYS A NZ  
698 N N   . ARG A 115 ? 0.3681 0.4816 0.3452 -0.0382 -0.0606 -0.0020 233 ARG A N   
699 C CA  . ARG A 115 ? 0.3918 0.4786 0.3492 -0.0476 -0.0610 -0.0151 233 ARG A CA  
700 C C   . ARG A 115 ? 0.4237 0.4835 0.3862 -0.0535 -0.0536 -0.0209 233 ARG A C   
701 O O   . ARG A 115 ? 0.3771 0.4437 0.3566 -0.0629 -0.0547 -0.0178 233 ARG A O   
702 C CB  . ARG A 115 ? 0.4279 0.5294 0.3786 -0.0631 -0.0741 -0.0241 233 ARG A CB  
703 C CG  . ARG A 115 ? 0.4234 0.5500 0.3621 -0.0572 -0.0824 -0.0182 233 ARG A CG  
704 C CD  . ARG A 115 ? 0.4453 0.5845 0.3691 -0.0732 -0.0959 -0.0307 233 ARG A CD  
705 N NE  . ARG A 115 ? 0.4413 0.6144 0.3576 -0.0670 -0.1056 -0.0191 233 ARG A NE  
706 C CZ  . ARG A 115 ? 0.4400 0.6534 0.3769 -0.0669 -0.1161 -0.0066 233 ARG A CZ  
707 N NH1 . ARG A 115 ? 0.4993 0.7273 0.4648 -0.0750 -0.1171 -0.0050 233 ARG A NH1 
708 N NH2 . ARG A 115 ? 0.4306 0.6739 0.3603 -0.0586 -0.1260 0.0063  233 ARG A NH2 
709 N N   . LEU A 116 ? 0.4154 0.4481 0.3641 -0.0480 -0.0464 -0.0272 234 LEU A N   
710 C CA  . LEU A 116 ? 0.3824 0.3906 0.3366 -0.0488 -0.0394 -0.0295 234 LEU A CA  
711 C C   . LEU A 116 ? 0.4751 0.4584 0.4163 -0.0501 -0.0384 -0.0441 234 LEU A C   
712 O O   . LEU A 116 ? 0.4502 0.4363 0.3740 -0.0478 -0.0394 -0.0528 234 LEU A O   
713 C CB  . LEU A 116 ? 0.3682 0.3721 0.3241 -0.0365 -0.0300 -0.0210 234 LEU A CB  
714 C CG  . LEU A 116 ? 0.3568 0.3801 0.3233 -0.0297 -0.0289 -0.0104 234 LEU A CG  
715 C CD1 . LEU A 116 ? 0.3905 0.4015 0.3528 -0.0191 -0.0214 -0.0068 234 LEU A CD1 
716 C CD2 . LEU A 116 ? 0.4110 0.4479 0.3942 -0.0379 -0.0294 -0.0063 234 LEU A CD2 
717 N N   . LEU A 117 ? 0.4408 0.4015 0.3900 -0.0521 -0.0359 -0.0461 235 LEU A N   
718 C CA  . LEU A 117 ? 0.4273 0.3623 0.3686 -0.0478 -0.0333 -0.0599 235 LEU A CA  
719 C C   . LEU A 117 ? 0.4347 0.3633 0.3828 -0.0367 -0.0241 -0.0520 235 LEU A C   
720 O O   . LEU A 117 ? 0.4666 0.3952 0.4279 -0.0388 -0.0234 -0.0396 235 LEU A O   
721 C CB  . LEU A 117 ? 0.4215 0.3307 0.3694 -0.0594 -0.0411 -0.0674 235 LEU A CB  
722 C CG  . LEU A 117 ? 0.4330 0.3475 0.3766 -0.0758 -0.0533 -0.0761 235 LEU A CG  
723 C CD1 . LEU A 117 ? 0.5098 0.3905 0.4617 -0.0901 -0.0619 -0.0817 235 LEU A CD1 
724 C CD2 . LEU A 117 ? 0.4683 0.3887 0.3879 -0.0712 -0.0544 -0.0939 235 LEU A CD2 
725 N N   . VAL A 118 ? 0.4206 0.3497 0.3595 -0.0259 -0.0169 -0.0584 236 VAL A N   
726 C CA  . VAL A 118 ? 0.4309 0.3618 0.3774 -0.0169 -0.0091 -0.0502 236 VAL A CA  
727 C C   . VAL A 118 ? 0.4812 0.3968 0.4304 -0.0071 -0.0056 -0.0613 236 VAL A C   
728 O O   . VAL A 118 ? 0.4670 0.3819 0.4041 -0.0021 -0.0031 -0.0768 236 VAL A O   
729 C CB  . VAL A 118 ? 0.4606 0.4118 0.3987 -0.0134 -0.0035 -0.0444 236 VAL A CB  
730 C CG1 . VAL A 118 ? 0.4203 0.3758 0.3674 -0.0075 0.0030  -0.0372 236 VAL A CG1 
731 C CG2 . VAL A 118 ? 0.4853 0.4465 0.4225 -0.0186 -0.0076 -0.0340 236 VAL A CG2 
732 N N   . VAL A 119 ? 0.4291 0.3337 0.3936 -0.0031 -0.0055 -0.0535 237 VAL A N   
733 C CA  . VAL A 119 ? 0.3936 0.2821 0.3651 0.0099  -0.0031 -0.0623 237 VAL A CA  
734 C C   . VAL A 119 ? 0.3944 0.3019 0.3777 0.0198  0.0031  -0.0517 237 VAL A C   
735 O O   . VAL A 119 ? 0.4072 0.3165 0.4012 0.0165  -0.0001 -0.0360 237 VAL A O   
736 C CB  . VAL A 119 ? 0.4463 0.3013 0.4284 0.0066  -0.0117 -0.0596 237 VAL A CB  
737 C CG1 . VAL A 119 ? 0.4383 0.2734 0.4308 0.0246  -0.0098 -0.0665 237 VAL A CG1 
738 C CG2 . VAL A 119 ? 0.4738 0.3102 0.4462 -0.0068 -0.0197 -0.0711 237 VAL A CG2 
739 N N   . PRO A 120 ? 0.4218 0.3488 0.4029 0.0308  0.0120  -0.0595 238 PRO A N   
740 C CA  . PRO A 120 ? 0.3945 0.3479 0.3889 0.0371  0.0174  -0.0486 238 PRO A CA  
741 C C   . PRO A 120 ? 0.3631 0.3130 0.3765 0.0552  0.0187  -0.0501 238 PRO A C   
742 O O   . PRO A 120 ? 0.4232 0.3558 0.4362 0.0688  0.0208  -0.0663 238 PRO A O   
743 C CB  . PRO A 120 ? 0.4283 0.4106 0.4115 0.0375  0.0269  -0.0542 238 PRO A CB  
744 C CG  . PRO A 120 ? 0.4519 0.4211 0.4196 0.0432  0.0288  -0.0745 238 PRO A CG  
745 C CD  . PRO A 120 ? 0.4647 0.3991 0.4279 0.0338  0.0175  -0.0769 238 PRO A CD  
746 N N   . ARG A 121 ? 0.3946 0.3612 0.4246 0.0562  0.0166  -0.0338 239 ARG A N   
747 C CA  . ARG A 121 ? 0.4069 0.3816 0.4586 0.0753  0.0176  -0.0310 239 ARG A CA  
748 C C   . ARG A 121 ? 0.3829 0.4045 0.4469 0.0733  0.0215  -0.0194 239 ARG A C   
749 O O   . ARG A 121 ? 0.4447 0.4762 0.5037 0.0558  0.0172  -0.0076 239 ARG A O   
750 C CB  . ARG A 121 ? 0.4599 0.4070 0.5223 0.0767  0.0065  -0.0181 239 ARG A CB  
751 C CG  . ARG A 121 ? 0.6510 0.5503 0.7043 0.0751  0.0012  -0.0278 239 ARG A CG  
752 C CD  . ARG A 121 ? 0.7378 0.6109 0.7991 0.0697  -0.0103 -0.0095 239 ARG A CD  
753 N NE  . ARG A 121 ? 0.7933 0.6313 0.8421 0.0544  -0.0159 -0.0140 239 ARG A NE  
754 C CZ  . ARG A 121 ? 0.9002 0.6980 0.9472 0.0596  -0.0190 -0.0290 239 ARG A CZ  
755 N NH1 . ARG A 121 ? 0.9674 0.7522 1.0231 0.0834  -0.0156 -0.0428 239 ARG A NH1 
756 N NH2 . ARG A 121 ? 0.9313 0.7030 0.9683 0.0410  -0.0257 -0.0314 239 ARG A NH2 
757 N N   . VAL A 122 ? 0.3913 0.4421 0.4712 0.0907  0.0297  -0.0239 240 VAL A N   
758 C CA  . VAL A 122 ? 0.3804 0.4820 0.4749 0.0862  0.0335  -0.0124 240 VAL A CA  
759 C C   . VAL A 122 ? 0.3809 0.5010 0.5035 0.0984  0.0267  0.0016  240 VAL A C   
760 O O   . VAL A 122 ? 0.4594 0.5654 0.5960 0.1218  0.0258  -0.0021 240 VAL A O   
761 C CB  . VAL A 122 ? 0.3574 0.4958 0.4535 0.0950  0.0485  -0.0233 240 VAL A CB  
762 C CG1 . VAL A 122 ? 0.3796 0.5750 0.4949 0.0867  0.0516  -0.0084 240 VAL A CG1 
763 C CG2 . VAL A 122 ? 0.4466 0.5707 0.5127 0.0820  0.0536  -0.0339 240 VAL A CG2 
764 N N   . PHE A 123 ? 0.3148 0.4639 0.4447 0.0824  0.0203  0.0178  241 PHE A N   
765 C CA  . PHE A 123 ? 0.3534 0.5323 0.5102 0.0916  0.0125  0.0331  241 PHE A CA  
766 C C   . PHE A 123 ? 0.3483 0.5807 0.5163 0.0746  0.0121  0.0432  241 PHE A C   
767 O O   . PHE A 123 ? 0.3284 0.5614 0.4792 0.0523  0.0150  0.0406  241 PHE A O   
768 C CB  . PHE A 123 ? 0.3868 0.5360 0.5385 0.0870  -0.0021 0.0458  241 PHE A CB  
769 C CG  . PHE A 123 ? 0.3294 0.4730 0.4595 0.0586  -0.0092 0.0512  241 PHE A CG  
770 C CD1 . PHE A 123 ? 0.3606 0.5355 0.4971 0.0464  -0.0193 0.0650  241 PHE A CD1 
771 C CD2 . PHE A 123 ? 0.3266 0.4349 0.4302 0.0457  -0.0062 0.0412  241 PHE A CD2 
772 C CE1 . PHE A 123 ? 0.3921 0.5585 0.5062 0.0227  -0.0254 0.0655  241 PHE A CE1 
773 C CE2 . PHE A 123 ? 0.3563 0.4588 0.4411 0.0243  -0.0117 0.0439  241 PHE A CE2 
774 C CZ  . PHE A 123 ? 0.3482 0.4775 0.4371 0.0133  -0.0208 0.0545  241 PHE A CZ  
775 N N   . ARG A 124 ? 0.3605 0.6369 0.5584 0.0846  0.0072  0.0558  242 ARG A N   
776 C CA  . ARG A 124 ? 0.3685 0.7023 0.5823 0.0670  0.0053  0.0662  242 ARG A CA  
777 C C   . ARG A 124 ? 0.3873 0.7279 0.6007 0.0498  -0.0130 0.0809  242 ARG A C   
778 O O   . ARG A 124 ? 0.4505 0.7856 0.6726 0.0641  -0.0229 0.0904  242 ARG A O   
779 C CB  . ARG A 124 ? 0.4454 0.8394 0.6968 0.0898  0.0132  0.0698  242 ARG A CB  
780 C CG  . ARG A 124 ? 0.5782 0.9742 0.8293 0.1097  0.0327  0.0528  242 ARG A CG  
781 C CD  . ARG A 124 ? 0.6995 1.1673 0.9899 0.1317  0.0425  0.0563  242 ARG A CD  
782 N NE  . ARG A 124 ? 0.7960 1.2691 1.0832 0.1537  0.0626  0.0369  242 ARG A NE  
783 C CZ  . ARG A 124 ? 0.8552 1.3595 1.1328 0.1393  0.0772  0.0322  242 ARG A CZ  
784 N NH1 . ARG A 124 ? 0.8461 1.3731 1.1184 0.1022  0.0730  0.0465  242 ARG A NH1 
785 N NH2 . ARG A 124 ? 0.8857 1.3970 1.1571 0.1614  0.0955  0.0131  242 ARG A NH2 
786 N N   . ALA A 125 ? 0.4042 0.7547 0.6053 0.0189  -0.0177 0.0826  243 ALA A N   
787 C CA  . ALA A 125 ? 0.4590 0.8235 0.6579 -0.0003 -0.0351 0.0930  243 ALA A CA  
788 C C   . ALA A 125 ? 0.4670 0.8696 0.6724 -0.0295 -0.0381 0.0957  243 ALA A C   
789 O O   . ALA A 125 ? 0.4783 0.8636 0.6691 -0.0453 -0.0300 0.0881  243 ALA A O   
790 C CB  . ALA A 125 ? 0.4590 0.7690 0.6224 -0.0111 -0.0416 0.0870  243 ALA A CB  
791 N N   . ALA A 126 ? 0.4701 0.9242 0.6976 -0.0380 -0.0510 0.1083  244 ALA A N   
792 C CA  . ALA A 126 ? 0.4606 0.9514 0.6957 -0.0707 -0.0573 0.1121  244 ALA A CA  
793 C C   . ALA A 126 ? 0.4856 1.0026 0.7362 -0.0755 -0.0411 0.1123  244 ALA A C   
794 O O   . ALA A 126 ? 0.4703 0.9739 0.7070 -0.1047 -0.0407 0.1098  244 ALA A O   
795 C CB  . ALA A 126 ? 0.4932 0.9362 0.6908 -0.1004 -0.0676 0.1021  244 ALA A CB  
796 N N   . GLY A 127 ? 0.4729 1.0252 0.7507 -0.0461 -0.0276 0.1152  245 GLY A N   
797 C CA  . GLY A 127 ? 0.4728 1.0666 0.7681 -0.0484 -0.0109 0.1171  245 GLY A CA  
798 C C   . GLY A 127 ? 0.5113 1.0569 0.7766 -0.0501 0.0041  0.1052  245 GLY A C   
799 O O   . GLY A 127 ? 0.5763 1.1546 0.8500 -0.0534 0.0190  0.1076  245 GLY A O   
800 N N   . GLU A 128 ? 0.4856 0.9587 0.7158 -0.0484 0.0003  0.0940  246 GLU A N   
801 C CA  . GLU A 128 ? 0.4437 0.8716 0.6453 -0.0479 0.0124  0.0834  246 GLU A CA  
802 C C   . GLU A 128 ? 0.4741 0.8544 0.6599 -0.0193 0.0162  0.0703  246 GLU A C   
803 O O   . GLU A 128 ? 0.5736 0.9432 0.7648 -0.0048 0.0073  0.0710  246 GLU A O   
804 C CB  . GLU A 128 ? 0.4345 0.8193 0.6078 -0.0801 0.0041  0.0830  246 GLU A CB  
805 C CG  . GLU A 128 ? 0.4909 0.8370 0.6477 -0.0875 -0.0127 0.0789  246 GLU A CG  
806 C CD  . GLU A 128 ? 0.6234 0.9136 0.7478 -0.1081 -0.0172 0.0722  246 GLU A CD  
807 O OE1 . GLU A 128 ? 0.6274 0.9037 0.7417 -0.1146 -0.0081 0.0728  246 GLU A OE1 
808 O OE2 . GLU A 128 ? 0.7112 0.9725 0.8194 -0.1163 -0.0298 0.0666  246 GLU A OE2 
809 N N   . ARG A 129 ? 0.2922 0.6450 0.4578 -0.0132 0.0283  0.0601  247 ARG A N   
810 C CA  . ARG A 129 ? 0.3150 0.6195 0.4636 0.0085  0.0305  0.0467  247 ARG A CA  
811 C C   . ARG A 129 ? 0.3713 0.6195 0.4881 -0.0071 0.0235  0.0423  247 ARG A C   
812 O O   . ARG A 129 ? 0.3337 0.5742 0.4361 -0.0286 0.0233  0.0452  247 ARG A O   
813 C CB  . ARG A 129 ? 0.3437 0.6567 0.4896 0.0275  0.0474  0.0350  247 ARG A CB  
814 C CG  . ARG A 129 ? 0.3911 0.7491 0.5678 0.0554  0.0556  0.0330  247 ARG A CG  
815 C CD  . ARG A 129 ? 0.3993 0.7761 0.5700 0.0699  0.0742  0.0198  247 ARG A CD  
816 N NE  . ARG A 129 ? 0.3861 0.8101 0.5580 0.0475  0.0825  0.0307  247 ARG A NE  
817 C CZ  . ARG A 129 ? 0.4222 0.8610 0.5776 0.0469  0.0973  0.0244  247 ARG A CZ  
818 N NH1 . ARG A 129 ? 0.3498 0.8326 0.5077 0.0232  0.1036  0.0395  247 ARG A NH1 
819 N NH2 . ARG A 129 ? 0.4515 0.8610 0.5862 0.0678  0.1048  0.0037  247 ARG A NH2 
820 N N   . LEU A 130 ? 0.3126 0.5223 0.4199 0.0044  0.0177  0.0367  248 LEU A N   
821 C CA  . LEU A 130 ? 0.3200 0.4822 0.3999 -0.0057 0.0130  0.0315  248 LEU A CA  
822 C C   . LEU A 130 ? 0.2964 0.4285 0.3671 0.0119  0.0181  0.0204  248 LEU A C   
823 O O   . LEU A 130 ? 0.3457 0.4829 0.4307 0.0318  0.0207  0.0174  248 LEU A O   
824 C CB  . LEU A 130 ? 0.3495 0.4990 0.4257 -0.0137 -0.0001 0.0369  248 LEU A CB  
825 C CG  . LEU A 130 ? 0.3425 0.5197 0.4258 -0.0332 -0.0083 0.0452  248 LEU A CG  
826 C CD1 . LEU A 130 ? 0.3835 0.5555 0.4620 -0.0375 -0.0213 0.0489  248 LEU A CD1 
827 C CD2 . LEU A 130 ? 0.4000 0.5620 0.4670 -0.0541 -0.0074 0.0426  248 LEU A CD2 
828 N N   . LEU A 131 ? 0.3301 0.4315 0.3781 0.0048  0.0190  0.0139  249 LEU A N   
829 C CA  . LEU A 131 ? 0.3383 0.4089 0.3759 0.0160  0.0204  0.0034  249 LEU A CA  
830 C C   . LEU A 131 ? 0.3549 0.3967 0.3830 0.0092  0.0114  0.0062  249 LEU A C   
831 O O   . LEU A 131 ? 0.3603 0.3936 0.3752 -0.0040 0.0086  0.0079  249 LEU A O   
832 C CB  . LEU A 131 ? 0.4080 0.4727 0.4277 0.0133  0.0274  -0.0052 249 LEU A CB  
833 C CG  . LEU A 131 ? 0.4328 0.5289 0.4561 0.0206  0.0389  -0.0097 249 LEU A CG  
834 C CD1 . LEU A 131 ? 0.5816 0.7071 0.6079 0.0043  0.0412  0.0032  249 LEU A CD1 
835 C CD2 . LEU A 131 ? 0.5014 0.5844 0.5038 0.0244  0.0440  -0.0227 249 LEU A CD2 
836 N N   . LEU A 132 ? 0.3675 0.3941 0.4024 0.0187  0.0072  0.0071  250 LEU A N   
837 C CA  . LEU A 132 ? 0.3459 0.3503 0.3721 0.0119  0.0002  0.0113  250 LEU A CA  
838 C C   . LEU A 132 ? 0.3569 0.3362 0.3727 0.0129  0.0020  0.0011  250 LEU A C   
839 O O   . LEU A 132 ? 0.4117 0.3780 0.4325 0.0236  0.0034  -0.0060 250 LEU A O   
840 C CB  . LEU A 132 ? 0.3811 0.3839 0.4204 0.0186  -0.0066 0.0224  250 LEU A CB  
841 C CG  . LEU A 132 ? 0.4021 0.3889 0.4326 0.0099  -0.0129 0.0304  250 LEU A CG  
842 C CD1 . LEU A 132 ? 0.4254 0.4237 0.4415 -0.0037 -0.0136 0.0307  250 LEU A CD1 
843 C CD2 . LEU A 132 ? 0.4344 0.4223 0.4769 0.0154  -0.0205 0.0464  250 LEU A CD2 
844 N N   . CYS A 133 ? 0.3734 0.3464 0.3749 0.0025  0.0015  -0.0007 251 CYS A N   
845 C CA  . CYS A 133 ? 0.3869 0.3439 0.3789 0.0011  0.0018  -0.0097 251 CYS A CA  
846 C C   . CYS A 133 ? 0.3429 0.2884 0.3334 -0.0064 -0.0037 -0.0046 251 CYS A C   
847 O O   . CYS A 133 ? 0.3960 0.3498 0.3821 -0.0127 -0.0046 0.0010  251 CYS A O   
848 C CB  . CYS A 133 ? 0.4138 0.3789 0.3930 -0.0036 0.0052  -0.0136 251 CYS A CB  
849 S SG  . CYS A 133 ? 0.4355 0.4225 0.4152 0.0001  0.0131  -0.0151 251 CYS A SG  
850 N N   . GLN A 134 ? 0.3529 0.2796 0.3469 -0.0062 -0.0071 -0.0075 252 GLN A N   
851 C CA  . GLN A 134 ? 0.3887 0.3082 0.3831 -0.0168 -0.0121 -0.0015 252 GLN A CA  
852 C C   . GLN A 134 ? 0.4154 0.3389 0.4008 -0.0230 -0.0125 -0.0099 252 GLN A C   
853 O O   . GLN A 134 ? 0.4544 0.3740 0.4329 -0.0194 -0.0112 -0.0222 252 GLN A O   
854 C CB  . GLN A 134 ? 0.4278 0.3210 0.4310 -0.0170 -0.0176 0.0003  252 GLN A CB  
855 C CG  . GLN A 134 ? 0.4408 0.3312 0.4547 -0.0120 -0.0201 0.0152  252 GLN A CG  
856 C CD  . GLN A 134 ? 0.5252 0.3816 0.5489 -0.0064 -0.0256 0.0153  252 GLN A CD  
857 O OE1 . GLN A 134 ? 0.5888 0.4275 0.6117 0.0029  -0.0242 -0.0018 252 GLN A OE1 
858 N NE2 . GLN A 134 ? 0.4613 0.3071 0.4930 -0.0119 -0.0322 0.0347  252 GLN A NE2 
859 N N   . ILE A 135 ? 0.3903 0.3267 0.3757 -0.0310 -0.0138 -0.0030 253 ILE A N   
860 C CA  . ILE A 135 ? 0.4243 0.3711 0.4050 -0.0354 -0.0155 -0.0083 253 ILE A CA  
861 C C   . ILE A 135 ? 0.4321 0.3820 0.4210 -0.0481 -0.0209 -0.0031 253 ILE A C   
862 O O   . ILE A 135 ? 0.4207 0.3788 0.4167 -0.0533 -0.0204 0.0090  253 ILE A O   
863 C CB  . ILE A 135 ? 0.3656 0.3313 0.3415 -0.0309 -0.0119 -0.0054 253 ILE A CB  
864 C CG1 . ILE A 135 ? 0.4626 0.4243 0.4322 -0.0232 -0.0076 -0.0071 253 ILE A CG1 
865 C CG2 . ILE A 135 ? 0.3643 0.3417 0.3370 -0.0316 -0.0147 -0.0091 253 ILE A CG2 
866 C CD1 . ILE A 135 ? 0.5282 0.4976 0.4921 -0.0193 -0.0057 -0.0058 253 ILE A CD1 
867 N N   . ASP A 136 ? 0.4017 0.3487 0.3890 -0.0550 -0.0266 -0.0113 254 ASP A N   
868 C CA  . ASP A 136 ? 0.3820 0.3359 0.3792 -0.0713 -0.0335 -0.0063 254 ASP A CA  
869 C C   . ASP A 136 ? 0.4004 0.3794 0.3958 -0.0743 -0.0373 -0.0111 254 ASP A C   
870 O O   . ASP A 136 ? 0.4221 0.4005 0.4052 -0.0660 -0.0372 -0.0209 254 ASP A O   
871 C CB  . ASP A 136 ? 0.4657 0.3853 0.4643 -0.0810 -0.0409 -0.0130 254 ASP A CB  
872 C CG  . ASP A 136 ? 0.5538 0.4521 0.5609 -0.0830 -0.0409 -0.0005 254 ASP A CG  
873 O OD1 . ASP A 136 ? 0.6567 0.5596 0.6750 -0.0991 -0.0451 0.0141  254 ASP A OD1 
874 O OD2 . ASP A 136 ? 0.6018 0.4829 0.6061 -0.0689 -0.0371 -0.0028 254 ASP A OD2 
875 N N   . PRO A 137 ? 0.4151 0.4208 0.4236 -0.0864 -0.0410 -0.0022 255 PRO A N   
876 C CA  . PRO A 137 ? 0.4308 0.4635 0.4404 -0.0893 -0.0473 -0.0061 255 PRO A CA  
877 C C   . PRO A 137 ? 0.4456 0.4588 0.4468 -0.1017 -0.0582 -0.0201 255 PRO A C   
878 O O   . PRO A 137 ? 0.4810 0.4646 0.4842 -0.1142 -0.0627 -0.0236 255 PRO A O   
879 C CB  . PRO A 137 ? 0.4471 0.5178 0.4772 -0.1005 -0.0483 0.0077  255 PRO A CB  
880 C CG  . PRO A 137 ? 0.4663 0.5194 0.5030 -0.1128 -0.0465 0.0171  255 PRO A CG  
881 C CD  . PRO A 137 ? 0.4353 0.4558 0.4588 -0.0975 -0.0394 0.0135  255 PRO A CD  
882 N N   . ALA A 138 ? 0.4375 0.4659 0.4287 -0.0982 -0.0632 -0.0280 256 ALA A N   
883 C CA  . ALA A 138 ? 0.4663 0.4784 0.4431 -0.1085 -0.0734 -0.0453 256 ALA A CA  
884 C C   . ALA A 138 ? 0.5611 0.5967 0.5488 -0.1307 -0.0875 -0.0449 256 ALA A C   
885 O O   . ALA A 138 ? 0.5733 0.5878 0.5525 -0.1465 -0.0981 -0.0601 256 ALA A O   
886 C CB  . ALA A 138 ? 0.5465 0.5644 0.5010 -0.0943 -0.0717 -0.0538 256 ALA A CB  
887 N N   . ASP A 139 ? 0.5851 0.6663 0.5918 -0.1314 -0.0879 -0.0289 257 ASP A N   
888 C CA  . ASP A 139 ? 0.6416 0.7592 0.6634 -0.1524 -0.1017 -0.0256 257 ASP A CA  
889 C C   . ASP A 139 ? 0.7507 0.8920 0.8013 -0.1662 -0.0993 -0.0080 257 ASP A C   
890 O O   . ASP A 139 ? 0.7674 0.9048 0.8240 -0.1551 -0.0862 0.0025  257 ASP A O   
891 C CB  . ASP A 139 ? 0.6500 0.8147 0.6724 -0.1405 -0.1060 -0.0206 257 ASP A CB  
892 C CG  . ASP A 139 ? 0.6503 0.7993 0.6425 -0.1305 -0.1096 -0.0344 257 ASP A CG  
893 O OD1 . ASP A 139 ? 0.4917 0.6600 0.4786 -0.1106 -0.1062 -0.0264 257 ASP A OD1 
894 O OD2 . ASP A 139 ? 0.6689 0.7860 0.6418 -0.1425 -0.1158 -0.0532 257 ASP A OD2 
# 
loop_
_pdbx_poly_seq_scheme.asym_id 
_pdbx_poly_seq_scheme.entity_id 
_pdbx_poly_seq_scheme.seq_id 
_pdbx_poly_seq_scheme.mon_id 
_pdbx_poly_seq_scheme.ndb_seq_num 
_pdbx_poly_seq_scheme.pdb_seq_num 
_pdbx_poly_seq_scheme.auth_seq_num 
_pdbx_poly_seq_scheme.pdb_mon_id 
_pdbx_poly_seq_scheme.auth_mon_id 
_pdbx_poly_seq_scheme.pdb_strand_id 
_pdbx_poly_seq_scheme.pdb_ins_code 
_pdbx_poly_seq_scheme.hetero 
A 1 1   GLY 1   119 ?   ?   ?   A . n 
A 1 2   ALA 2   120 ?   ?   ?   A . n 
A 1 3   MET 3   121 ?   ?   ?   A . n 
A 1 4   GLY 4   122 ?   ?   ?   A . n 
A 1 5   ILE 5   123 ?   ?   ?   A . n 
A 1 6   ALA 6   124 ?   ?   ?   A . n 
A 1 7   GLU 7   125 ?   ?   ?   A . n 
A 1 8   VAL 8   126 ?   ?   ?   A . n 
A 1 9   GLN 9   127 ?   ?   ?   A . n 
A 1 10  GLN 10  128 ?   ?   ?   A . n 
A 1 11  GLN 11  129 ?   ?   ?   A . n 
A 1 12  LEU 12  130 ?   ?   ?   A . n 
A 1 13  VAL 13  131 ?   ?   ?   A . n 
A 1 14  ALA 14  132 ?   ?   ?   A . n 
A 1 15  ALA 15  133 ?   ?   ?   A . n 
A 1 16  GLN 16  134 ?   ?   ?   A . n 
A 1 17  LEU 17  135 ?   ?   ?   A . n 
A 1 18  ALA 18  136 ?   ?   ?   A . n 
A 1 19  MET 19  137 ?   ?   ?   A . n 
A 1 20  GLU 20  138 ?   ?   ?   A . n 
A 1 21  ARG 21  139 ?   ?   ?   A . n 
A 1 22  ASP 22  140 ?   ?   ?   A . n 
A 1 23  TYR 23  141 ?   ?   ?   A . n 
A 1 24  GLU 24  142 ?   ?   ?   A . n 
A 1 25  THR 25  143 143 THR THR A . n 
A 1 26  GLN 26  144 144 GLN GLN A . n 
A 1 27  ARG 27  145 145 ARG ARG A . n 
A 1 28  GLU 28  146 146 GLU GLU A . n 
A 1 29  MET 29  147 147 MET MET A . n 
A 1 30  GLU 30  148 148 GLU GLU A . n 
A 1 31  THR 31  149 149 THR THR A . n 
A 1 32  ARG 32  150 150 ARG ARG A . n 
A 1 33  TYR 33  151 151 TYR TYR A . n 
A 1 34  ARG 34  152 152 ARG ARG A . n 
A 1 35  VAL 35  153 153 VAL VAL A . n 
A 1 36  VAL 36  154 154 VAL VAL A . n 
A 1 37  LEU 37  155 155 LEU LEU A . n 
A 1 38  ASP 38  156 156 ASP ASP A . n 
A 1 39  VAL 39  157 157 VAL VAL A . n 
A 1 40  SER 40  158 158 SER SER A . n 
A 1 41  ARG 41  159 159 ARG ARG A . n 
A 1 42  ASP 42  160 160 ASP ASP A . n 
A 1 43  PRO 43  161 161 PRO PRO A . n 
A 1 44  MET 44  162 162 MET MET A . n 
A 1 45  VAL 45  163 163 VAL VAL A . n 
A 1 46  LEU 46  164 164 LEU LEU A . n 
A 1 47  VAL 47  165 165 VAL VAL A . n 
A 1 48  SER 48  166 166 SER SER A . n 
A 1 49  MET 49  167 167 MET MET A . n 
A 1 50  SER 50  168 168 SER SER A . n 
A 1 51  THR 51  169 169 THR THR A . n 
A 1 52  GLY 52  170 170 GLY GLY A . n 
A 1 53  ARG 53  171 171 ARG ARG A . n 
A 1 54  ILE 54  172 172 ILE ILE A . n 
A 1 55  VAL 55  173 173 VAL VAL A . n 
A 1 56  ASP 56  174 174 ASP ASP A . n 
A 1 57  LEU 57  175 175 LEU LEU A . n 
A 1 58  ASN 58  176 176 ASN ASN A . n 
A 1 59  SER 59  177 177 SER SER A . n 
A 1 60  ALA 60  178 178 ALA ALA A . n 
A 1 61  ALA 61  179 179 ALA ALA A . n 
A 1 62  GLY 62  180 180 GLY GLY A . n 
A 1 63  LEU 63  181 181 LEU LEU A . n 
A 1 64  LEU 64  182 182 LEU LEU A . n 
A 1 65  LEU 65  183 183 LEU LEU A . n 
A 1 66  GLY 66  184 184 GLY GLY A . n 
A 1 67  GLY 67  185 185 GLY GLY A . n 
A 1 68  VAL 68  186 186 VAL VAL A . n 
A 1 69  ARG 69  187 187 ARG ARG A . n 
A 1 70  GLN 70  188 188 GLN GLN A . n 
A 1 71  ASP 71  189 189 ASP ASP A . n 
A 1 72  LEU 72  190 190 LEU LEU A . n 
A 1 73  LEU 73  191 191 LEU LEU A . n 
A 1 74  GLY 74  192 192 GLY GLY A . n 
A 1 75  ALA 75  193 193 ALA ALA A . n 
A 1 76  ALA 76  194 194 ALA ALA A . n 
A 1 77  ILE 77  195 195 ILE ILE A . n 
A 1 78  ALA 78  196 196 ALA ALA A . n 
A 1 79  GLN 79  197 197 GLN GLN A . n 
A 1 80  GLU 80  198 198 GLU GLU A . n 
A 1 81  PHE 81  199 199 PHE PHE A . n 
A 1 82  GLU 82  200 200 GLU GLU A . n 
A 1 83  GLY 83  201 201 GLY GLY A . n 
A 1 84  ARG 84  202 202 ARG ARG A . n 
A 1 85  ARG 85  203 203 ARG ARG A . n 
A 1 86  ARG 86  204 204 ARG ARG A . n 
A 1 87  GLY 87  205 205 GLY GLY A . n 
A 1 88  GLU 88  206 206 GLU GLU A . n 
A 1 89  PHE 89  207 207 PHE PHE A . n 
A 1 90  MET 90  208 208 MET MET A . n 
A 1 91  GLU 91  209 209 GLU GLU A . n 
A 1 92  THR 92  210 210 THR THR A . n 
A 1 93  MET 93  211 211 MET MET A . n 
A 1 94  THR 94  212 212 THR THR A . n 
A 1 95  ASN 95  213 213 ASN ASN A . n 
A 1 96  LEU 96  214 214 LEU LEU A . n 
A 1 97  ALA 97  215 215 ALA ALA A . n 
A 1 98  ALA 98  216 216 ALA ALA A . n 
A 1 99  THR 99  217 217 THR THR A . n 
A 1 100 GLU 100 218 218 GLU GLU A . n 
A 1 101 SER 101 219 219 SER SER A . n 
A 1 102 ALA 102 220 220 ALA ALA A . n 
A 1 103 ALA 103 221 221 ALA ALA A . n 
A 1 104 PRO 104 222 222 PRO PRO A . n 
A 1 105 VAL 105 223 223 VAL VAL A . n 
A 1 106 GLU 106 224 224 GLU GLU A . n 
A 1 107 VAL 107 225 225 VAL VAL A . n 
A 1 108 LEU 108 226 226 LEU LEU A . n 
A 1 109 ALA 109 227 227 ALA ALA A . n 
A 1 110 ARG 110 228 228 ARG ARG A . n 
A 1 111 ARG 111 229 229 ARG ARG A . n 
A 1 112 SER 112 230 230 SER SER A . n 
A 1 113 GLN 113 231 231 GLN GLN A . n 
A 1 114 LYS 114 232 232 LYS LYS A . n 
A 1 115 ARG 115 233 233 ARG ARG A . n 
A 1 116 LEU 116 234 234 LEU LEU A . n 
A 1 117 LEU 117 235 235 LEU LEU A . n 
A 1 118 VAL 118 236 236 VAL VAL A . n 
A 1 119 VAL 119 237 237 VAL VAL A . n 
A 1 120 PRO 120 238 238 PRO PRO A . n 
A 1 121 ARG 121 239 239 ARG ARG A . n 
A 1 122 VAL 122 240 240 VAL VAL A . n 
A 1 123 PHE 123 241 241 PHE PHE A . n 
A 1 124 ARG 124 242 242 ARG ARG A . n 
A 1 125 ALA 125 243 243 ALA ALA A . n 
A 1 126 ALA 126 244 244 ALA ALA A . n 
A 1 127 GLY 127 245 245 GLY GLY A . n 
A 1 128 GLU 128 246 246 GLU GLU A . n 
A 1 129 ARG 129 247 247 ARG ARG A . n 
A 1 130 LEU 130 248 248 LEU LEU A . n 
A 1 131 LEU 131 249 249 LEU LEU A . n 
A 1 132 LEU 132 250 250 LEU LEU A . n 
A 1 133 CYS 133 251 251 CYS CYS A . n 
A 1 134 GLN 134 252 252 GLN GLN A . n 
A 1 135 ILE 135 253 253 ILE ILE A . n 
A 1 136 ASP 136 254 254 ASP ASP A . n 
A 1 137 PRO 137 255 255 PRO PRO A . n 
A 1 138 ALA 138 256 256 ALA ALA A . n 
A 1 139 ASP 139 257 257 ASP ASP A . n 
# 
loop_
_pdbx_nonpoly_scheme.asym_id 
_pdbx_nonpoly_scheme.entity_id 
_pdbx_nonpoly_scheme.mon_id 
_pdbx_nonpoly_scheme.ndb_seq_num 
_pdbx_nonpoly_scheme.pdb_seq_num 
_pdbx_nonpoly_scheme.auth_seq_num 
_pdbx_nonpoly_scheme.pdb_mon_id 
_pdbx_nonpoly_scheme.auth_mon_id 
_pdbx_nonpoly_scheme.pdb_strand_id 
_pdbx_nonpoly_scheme.pdb_ins_code 
B 2 HOH 1  301 1   HOH HOH A . 
B 2 HOH 2  302 2   HOH HOH A . 
B 2 HOH 3  303 4   HOH HOH A . 
B 2 HOH 4  304 7   HOH HOH A . 
B 2 HOH 5  305 9   HOH HOH A . 
B 2 HOH 6  306 11  HOH HOH A . 
B 2 HOH 7  307 12  HOH HOH A . 
B 2 HOH 8  308 13  HOH HOH A . 
B 2 HOH 9  309 14  HOH HOH A . 
B 2 HOH 10 310 16  HOH HOH A . 
B 2 HOH 11 311 17  HOH HOH A . 
B 2 HOH 12 312 18  HOH HOH A . 
B 2 HOH 13 313 19  HOH HOH A . 
B 2 HOH 14 314 20  HOH HOH A . 
B 2 HOH 15 315 21  HOH HOH A . 
B 2 HOH 16 316 22  HOH HOH A . 
B 2 HOH 17 317 23  HOH HOH A . 
B 2 HOH 18 318 24  HOH HOH A . 
B 2 HOH 19 319 25  HOH HOH A . 
B 2 HOH 20 320 26  HOH HOH A . 
B 2 HOH 21 321 27  HOH HOH A . 
B 2 HOH 22 322 28  HOH HOH A . 
B 2 HOH 23 323 29  HOH HOH A . 
B 2 HOH 24 324 30  HOH HOH A . 
B 2 HOH 25 325 31  HOH HOH A . 
B 2 HOH 26 326 33  HOH HOH A . 
B 2 HOH 27 327 34  HOH HOH A . 
B 2 HOH 28 328 35  HOH HOH A . 
B 2 HOH 29 329 36  HOH HOH A . 
B 2 HOH 30 330 37  HOH HOH A . 
B 2 HOH 31 331 38  HOH HOH A . 
B 2 HOH 32 332 39  HOH HOH A . 
B 2 HOH 33 333 40  HOH HOH A . 
B 2 HOH 34 334 41  HOH HOH A . 
B 2 HOH 35 335 42  HOH HOH A . 
B 2 HOH 36 336 43  HOH HOH A . 
B 2 HOH 37 337 44  HOH HOH A . 
B 2 HOH 38 338 45  HOH HOH A . 
B 2 HOH 39 339 46  HOH HOH A . 
B 2 HOH 40 340 47  HOH HOH A . 
B 2 HOH 41 341 48  HOH HOH A . 
B 2 HOH 42 342 49  HOH HOH A . 
B 2 HOH 43 343 51  HOH HOH A . 
B 2 HOH 44 344 52  HOH HOH A . 
B 2 HOH 45 345 54  HOH HOH A . 
B 2 HOH 46 346 55  HOH HOH A . 
B 2 HOH 47 347 56  HOH HOH A . 
B 2 HOH 48 348 57  HOH HOH A . 
B 2 HOH 49 349 58  HOH HOH A . 
B 2 HOH 50 350 60  HOH HOH A . 
B 2 HOH 51 351 63  HOH HOH A . 
B 2 HOH 52 352 64  HOH HOH A . 
B 2 HOH 53 353 65  HOH HOH A . 
B 2 HOH 54 354 66  HOH HOH A . 
B 2 HOH 55 355 67  HOH HOH A . 
B 2 HOH 56 356 69  HOH HOH A . 
B 2 HOH 57 357 70  HOH HOH A . 
B 2 HOH 58 358 71  HOH HOH A . 
B 2 HOH 59 359 72  HOH HOH A . 
B 2 HOH 60 360 74  HOH HOH A . 
B 2 HOH 61 361 76  HOH HOH A . 
B 2 HOH 62 362 77  HOH HOH A . 
B 2 HOH 63 363 79  HOH HOH A . 
B 2 HOH 64 364 80  HOH HOH A . 
B 2 HOH 65 365 82  HOH HOH A . 
B 2 HOH 66 366 87  HOH HOH A . 
B 2 HOH 67 367 90  HOH HOH A . 
B 2 HOH 68 368 94  HOH HOH A . 
B 2 HOH 69 369 95  HOH HOH A . 
B 2 HOH 70 370 97  HOH HOH A . 
B 2 HOH 71 371 98  HOH HOH A . 
B 2 HOH 72 372 99  HOH HOH A . 
B 2 HOH 73 373 100 HOH HOH A . 
B 2 HOH 74 374 101 HOH HOH A . 
B 2 HOH 75 375 102 HOH HOH A . 
B 2 HOH 76 376 103 HOH HOH A . 
B 2 HOH 77 377 104 HOH HOH A . 
B 2 HOH 78 378 105 HOH HOH A . 
B 2 HOH 79 379 106 HOH HOH A . 
B 2 HOH 80 380 107 HOH HOH A . 
B 2 HOH 81 381 108 HOH HOH A . 
B 2 HOH 82 382 109 HOH HOH A . 
# 
_pdbx_struct_assembly.id                   1 
_pdbx_struct_assembly.details              author_and_software_defined_assembly 
_pdbx_struct_assembly.method_details       PISA 
_pdbx_struct_assembly.oligomeric_details   dimeric 
_pdbx_struct_assembly.oligomeric_count     2 
# 
_pdbx_struct_assembly_gen.assembly_id       1 
_pdbx_struct_assembly_gen.oper_expression   1,2 
_pdbx_struct_assembly_gen.asym_id_list      A,B 
# 
loop_
_pdbx_struct_assembly_prop.biol_id 
_pdbx_struct_assembly_prop.type 
_pdbx_struct_assembly_prop.value 
_pdbx_struct_assembly_prop.details 
1 'ABSA (A^2)' 2610  ? 
1 MORE         -23   ? 
1 'SSA (A^2)'  11360 ? 
# 
loop_
_pdbx_struct_oper_list.id 
_pdbx_struct_oper_list.type 
_pdbx_struct_oper_list.name 
_pdbx_struct_oper_list.symmetry_operation 
_pdbx_struct_oper_list.matrix[1][1] 
_pdbx_struct_oper_list.matrix[1][2] 
_pdbx_struct_oper_list.matrix[1][3] 
_pdbx_struct_oper_list.vector[1] 
_pdbx_struct_oper_list.matrix[2][1] 
_pdbx_struct_oper_list.matrix[2][2] 
_pdbx_struct_oper_list.matrix[2][3] 
_pdbx_struct_oper_list.vector[2] 
_pdbx_struct_oper_list.matrix[3][1] 
_pdbx_struct_oper_list.matrix[3][2] 
_pdbx_struct_oper_list.matrix[3][3] 
_pdbx_struct_oper_list.vector[3] 
1 'identity operation'         1_555 x,y,z     1.0000000000 0.0000000000 0.0000000000 0.0000000000 0.0000000000 1.0000000000  0.0000000000 0.0000000000  0.0000000000 0.0000000000 1.0000000000  0.0000000000   
2 'crystal symmetry operation' 8_555 x-y,-y,-z 0.4807864405 0.6697449266 0.5659382758 1.6343116299 0.6697449266 -0.6970810548 0.2559682332 14.0324783824 0.5659382758 0.2559682332 -0.7837053857 -20.8825736139 
# 
_pdbx_struct_special_symmetry.id              1 
_pdbx_struct_special_symmetry.PDB_model_num   1 
_pdbx_struct_special_symmetry.auth_asym_id    A 
_pdbx_struct_special_symmetry.auth_comp_id    HOH 
_pdbx_struct_special_symmetry.auth_seq_id     377 
_pdbx_struct_special_symmetry.PDB_ins_code    ? 
_pdbx_struct_special_symmetry.label_asym_id   B 
_pdbx_struct_special_symmetry.label_comp_id   HOH 
_pdbx_struct_special_symmetry.label_seq_id    . 
# 
loop_
_pdbx_audit_revision_history.ordinal 
_pdbx_audit_revision_history.data_content_type 
_pdbx_audit_revision_history.major_revision 
_pdbx_audit_revision_history.minor_revision 
_pdbx_audit_revision_history.revision_date 
1 'Structure model' 1 0 2014-02-12 
2 'Structure model' 1 1 2014-04-02 
3 'Structure model' 1 2 2017-11-15 
4 'Structure model' 1 3 2023-09-20 
# 
_pdbx_audit_revision_details.ordinal             1 
_pdbx_audit_revision_details.revision_ordinal    1 
_pdbx_audit_revision_details.data_content_type   'Structure model' 
_pdbx_audit_revision_details.provider            repository 
_pdbx_audit_revision_details.type                'Initial release' 
_pdbx_audit_revision_details.description         ? 
_pdbx_audit_revision_details.details             ? 
# 
loop_
_pdbx_audit_revision_group.ordinal 
_pdbx_audit_revision_group.revision_ordinal 
_pdbx_audit_revision_group.data_content_type 
_pdbx_audit_revision_group.group 
1 2 'Structure model' 'Database references'    
2 3 'Structure model' 'Refinement description' 
3 4 'Structure model' 'Data collection'        
4 4 'Structure model' 'Database references'    
5 4 'Structure model' 'Refinement description' 
# 
loop_
_pdbx_audit_revision_category.ordinal 
_pdbx_audit_revision_category.revision_ordinal 
_pdbx_audit_revision_category.data_content_type 
_pdbx_audit_revision_category.category 
1 3 'Structure model' software                      
2 4 'Structure model' chem_comp_atom                
3 4 'Structure model' chem_comp_bond                
4 4 'Structure model' database_2                    
5 4 'Structure model' pdbx_initial_refinement_model 
6 4 'Structure model' struct_ref_seq_dif            
# 
loop_
_pdbx_audit_revision_item.ordinal 
_pdbx_audit_revision_item.revision_ordinal 
_pdbx_audit_revision_item.data_content_type 
_pdbx_audit_revision_item.item 
1 3 'Structure model' '_software.name'                      
2 4 'Structure model' '_database_2.pdbx_DOI'                
3 4 'Structure model' '_database_2.pdbx_database_accession' 
4 4 'Structure model' '_struct_ref_seq_dif.details'         
# 
_diffrn_reflns.diffrn_id                   1 
_diffrn_reflns.pdbx_d_res_high             1.650 
_diffrn_reflns.pdbx_d_res_low              ? 
_diffrn_reflns.pdbx_number_obs             15633 
_diffrn_reflns.pdbx_Rmerge_I_obs           0.049 
_diffrn_reflns.pdbx_Rsym_value             ? 
_diffrn_reflns.pdbx_chi_squared            ? 
_diffrn_reflns.av_sigmaI_over_netI         ? 
_diffrn_reflns.pdbx_redundancy             ? 
_diffrn_reflns.pdbx_percent_possible_obs   99.90 
_diffrn_reflns.number                      197155 
_diffrn_reflns.pdbx_observed_criterion     ? 
_diffrn_reflns.limit_h_max                 ? 
_diffrn_reflns.limit_h_min                 ? 
_diffrn_reflns.limit_k_max                 ? 
_diffrn_reflns.limit_k_min                 ? 
_diffrn_reflns.limit_l_max                 ? 
_diffrn_reflns.limit_l_min                 ? 
# 
loop_
_pdbx_refine_tls.pdbx_refine_id 
_pdbx_refine_tls.id 
_pdbx_refine_tls.details 
_pdbx_refine_tls.method 
_pdbx_refine_tls.origin_x 
_pdbx_refine_tls.origin_y 
_pdbx_refine_tls.origin_z 
_pdbx_refine_tls.T[1][1] 
_pdbx_refine_tls.T[2][2] 
_pdbx_refine_tls.T[3][3] 
_pdbx_refine_tls.T[1][2] 
_pdbx_refine_tls.T[1][3] 
_pdbx_refine_tls.T[2][3] 
_pdbx_refine_tls.L[1][1] 
_pdbx_refine_tls.L[2][2] 
_pdbx_refine_tls.L[3][3] 
_pdbx_refine_tls.L[1][2] 
_pdbx_refine_tls.L[1][3] 
_pdbx_refine_tls.L[2][3] 
_pdbx_refine_tls.S[1][1] 
_pdbx_refine_tls.S[2][2] 
_pdbx_refine_tls.S[3][3] 
_pdbx_refine_tls.S[1][2] 
_pdbx_refine_tls.S[1][3] 
_pdbx_refine_tls.S[2][3] 
_pdbx_refine_tls.S[2][1] 
_pdbx_refine_tls.S[3][1] 
_pdbx_refine_tls.S[3][2] 
'X-RAY DIFFRACTION' 1 ? refined -5.6467 0.6992  -16.5789 0.4956 0.4259 0.3600 -0.0367 -0.1046 -0.0260 7.4607 4.1792 5.3693 -1.0196 0.0217 -2.9811 0.2229  0.1296 -0.5236 1.4102  -0.8448 0.9696 -0.8125 0.7557  -0.8435 
'X-RAY DIFFRACTION' 2 ? refined 0.8532  -0.2193 2.8736   0.2708 0.2435 0.2228 -0.0150 0.0063  -0.0090 4.5280 2.1165 4.4751 0.2877  0.7613 -0.6650 -0.0066 0.0436 -0.0297 -0.2908 0.1274  0.1126 0.1773  -0.0121 -0.1881 
# 
loop_
_pdbx_refine_tls_group.pdbx_refine_id 
_pdbx_refine_tls_group.id 
_pdbx_refine_tls_group.refine_tls_id 
_pdbx_refine_tls_group.beg_auth_asym_id 
_pdbx_refine_tls_group.beg_auth_seq_id 
_pdbx_refine_tls_group.end_auth_asym_id 
_pdbx_refine_tls_group.end_auth_seq_id 
_pdbx_refine_tls_group.selection_details 
_pdbx_refine_tls_group.beg_label_asym_id 
_pdbx_refine_tls_group.beg_label_seq_id 
_pdbx_refine_tls_group.end_label_asym_id 
_pdbx_refine_tls_group.end_label_seq_id 
_pdbx_refine_tls_group.selection 
'X-RAY DIFFRACTION' 1 1 A 0 A 0 
;chain 'A' and (resid 143 through 157 )
;
? ? ? ? ? 
'X-RAY DIFFRACTION' 2 2 A 0 A 0 
;chain 'A' and (resid 158 through 257 )
;
? ? ? ? ? 
# 
loop_
_software.pdbx_ordinal 
_software.name 
_software.version 
_software.date 
_software.type 
_software.contact_author 
_software.contact_author_email 
_software.classification 
_software.location 
_software.language 
_software.citation_id 
1 XSCALE      .          ?                package 'Wolfgang Kabsch' ?                        'data scaling'    
http://www.mpimf-heidelberg.mpg.de/~kabsch/xds/html_doc/xscale_program.html ?   ? 
2 PHENIX      1.8.2_1309 ?                package 'Paul D. Adams'   PDAdams@lbl.gov          refinement        
http://www.phenix-online.org/                                               C++ ? 
3 PDB_EXTRACT 3.11       'April 22, 2011' package PDB               deposit@deposit.rcsb.org 'data extraction' 
http://sw-tools.pdb.org/apps/PDB_EXTRACT/                                   C++ ? 
4 XDS         .          ?                ?       ?                 ?                        'data reduction'  ? ?   ? 
5 PHASER      .          ?                ?       ?                 ?                        phasing           ? ?   ? 
# 
loop_
_pdbx_unobs_or_zero_occ_residues.id 
_pdbx_unobs_or_zero_occ_residues.PDB_model_num 
_pdbx_unobs_or_zero_occ_residues.polymer_flag 
_pdbx_unobs_or_zero_occ_residues.occupancy_flag 
_pdbx_unobs_or_zero_occ_residues.auth_asym_id 
_pdbx_unobs_or_zero_occ_residues.auth_comp_id 
_pdbx_unobs_or_zero_occ_residues.auth_seq_id 
_pdbx_unobs_or_zero_occ_residues.PDB_ins_code 
_pdbx_unobs_or_zero_occ_residues.label_asym_id 
_pdbx_unobs_or_zero_occ_residues.label_comp_id 
_pdbx_unobs_or_zero_occ_residues.label_seq_id 
1  1 Y 1 A GLY 119 ? A GLY 1  
2  1 Y 1 A ALA 120 ? A ALA 2  
3  1 Y 1 A MET 121 ? A MET 3  
4  1 Y 1 A GLY 122 ? A GLY 4  
5  1 Y 1 A ILE 123 ? A ILE 5  
6  1 Y 1 A ALA 124 ? A ALA 6  
7  1 Y 1 A GLU 125 ? A GLU 7  
8  1 Y 1 A VAL 126 ? A VAL 8  
9  1 Y 1 A GLN 127 ? A GLN 9  
10 1 Y 1 A GLN 128 ? A GLN 10 
11 1 Y 1 A GLN 129 ? A GLN 11 
12 1 Y 1 A LEU 130 ? A LEU 12 
13 1 Y 1 A VAL 131 ? A VAL 13 
14 1 Y 1 A ALA 132 ? A ALA 14 
15 1 Y 1 A ALA 133 ? A ALA 15 
16 1 Y 1 A GLN 134 ? A GLN 16 
17 1 Y 1 A LEU 135 ? A LEU 17 
18 1 Y 1 A ALA 136 ? A ALA 18 
19 1 Y 1 A MET 137 ? A MET 19 
20 1 Y 1 A GLU 138 ? A GLU 20 
21 1 Y 1 A ARG 139 ? A ARG 21 
22 1 Y 1 A ASP 140 ? A ASP 22 
23 1 Y 1 A TYR 141 ? A TYR 23 
24 1 Y 1 A GLU 142 ? A GLU 24 
# 
loop_
_chem_comp_atom.comp_id 
_chem_comp_atom.atom_id 
_chem_comp_atom.type_symbol 
_chem_comp_atom.pdbx_aromatic_flag 
_chem_comp_atom.pdbx_stereo_config 
_chem_comp_atom.pdbx_ordinal 
ALA N    N N N 1   
ALA CA   C N S 2   
ALA C    C N N 3   
ALA O    O N N 4   
ALA CB   C N N 5   
ALA OXT  O N N 6   
ALA H    H N N 7   
ALA H2   H N N 8   
ALA HA   H N N 9   
ALA HB1  H N N 10  
ALA HB2  H N N 11  
ALA HB3  H N N 12  
ALA HXT  H N N 13  
ARG N    N N N 14  
ARG CA   C N S 15  
ARG C    C N N 16  
ARG O    O N N 17  
ARG CB   C N N 18  
ARG CG   C N N 19  
ARG CD   C N N 20  
ARG NE   N N N 21  
ARG CZ   C N N 22  
ARG NH1  N N N 23  
ARG NH2  N N N 24  
ARG OXT  O N N 25  
ARG H    H N N 26  
ARG H2   H N N 27  
ARG HA   H N N 28  
ARG HB2  H N N 29  
ARG HB3  H N N 30  
ARG HG2  H N N 31  
ARG HG3  H N N 32  
ARG HD2  H N N 33  
ARG HD3  H N N 34  
ARG HE   H N N 35  
ARG HH11 H N N 36  
ARG HH12 H N N 37  
ARG HH21 H N N 38  
ARG HH22 H N N 39  
ARG HXT  H N N 40  
ASN N    N N N 41  
ASN CA   C N S 42  
ASN C    C N N 43  
ASN O    O N N 44  
ASN CB   C N N 45  
ASN CG   C N N 46  
ASN OD1  O N N 47  
ASN ND2  N N N 48  
ASN OXT  O N N 49  
ASN H    H N N 50  
ASN H2   H N N 51  
ASN HA   H N N 52  
ASN HB2  H N N 53  
ASN HB3  H N N 54  
ASN HD21 H N N 55  
ASN HD22 H N N 56  
ASN HXT  H N N 57  
ASP N    N N N 58  
ASP CA   C N S 59  
ASP C    C N N 60  
ASP O    O N N 61  
ASP CB   C N N 62  
ASP CG   C N N 63  
ASP OD1  O N N 64  
ASP OD2  O N N 65  
ASP OXT  O N N 66  
ASP H    H N N 67  
ASP H2   H N N 68  
ASP HA   H N N 69  
ASP HB2  H N N 70  
ASP HB3  H N N 71  
ASP HD2  H N N 72  
ASP HXT  H N N 73  
CYS N    N N N 74  
CYS CA   C N R 75  
CYS C    C N N 76  
CYS O    O N N 77  
CYS CB   C N N 78  
CYS SG   S N N 79  
CYS OXT  O N N 80  
CYS H    H N N 81  
CYS H2   H N N 82  
CYS HA   H N N 83  
CYS HB2  H N N 84  
CYS HB3  H N N 85  
CYS HG   H N N 86  
CYS HXT  H N N 87  
GLN N    N N N 88  
GLN CA   C N S 89  
GLN C    C N N 90  
GLN O    O N N 91  
GLN CB   C N N 92  
GLN CG   C N N 93  
GLN CD   C N N 94  
GLN OE1  O N N 95  
GLN NE2  N N N 96  
GLN OXT  O N N 97  
GLN H    H N N 98  
GLN H2   H N N 99  
GLN HA   H N N 100 
GLN HB2  H N N 101 
GLN HB3  H N N 102 
GLN HG2  H N N 103 
GLN HG3  H N N 104 
GLN HE21 H N N 105 
GLN HE22 H N N 106 
GLN HXT  H N N 107 
GLU N    N N N 108 
GLU CA   C N S 109 
GLU C    C N N 110 
GLU O    O N N 111 
GLU CB   C N N 112 
GLU CG   C N N 113 
GLU CD   C N N 114 
GLU OE1  O N N 115 
GLU OE2  O N N 116 
GLU OXT  O N N 117 
GLU H    H N N 118 
GLU H2   H N N 119 
GLU HA   H N N 120 
GLU HB2  H N N 121 
GLU HB3  H N N 122 
GLU HG2  H N N 123 
GLU HG3  H N N 124 
GLU HE2  H N N 125 
GLU HXT  H N N 126 
GLY N    N N N 127 
GLY CA   C N N 128 
GLY C    C N N 129 
GLY O    O N N 130 
GLY OXT  O N N 131 
GLY H    H N N 132 
GLY H2   H N N 133 
GLY HA2  H N N 134 
GLY HA3  H N N 135 
GLY HXT  H N N 136 
HOH O    O N N 137 
HOH H1   H N N 138 
HOH H2   H N N 139 
ILE N    N N N 140 
ILE CA   C N S 141 
ILE C    C N N 142 
ILE O    O N N 143 
ILE CB   C N S 144 
ILE CG1  C N N 145 
ILE CG2  C N N 146 
ILE CD1  C N N 147 
ILE OXT  O N N 148 
ILE H    H N N 149 
ILE H2   H N N 150 
ILE HA   H N N 151 
ILE HB   H N N 152 
ILE HG12 H N N 153 
ILE HG13 H N N 154 
ILE HG21 H N N 155 
ILE HG22 H N N 156 
ILE HG23 H N N 157 
ILE HD11 H N N 158 
ILE HD12 H N N 159 
ILE HD13 H N N 160 
ILE HXT  H N N 161 
LEU N    N N N 162 
LEU CA   C N S 163 
LEU C    C N N 164 
LEU O    O N N 165 
LEU CB   C N N 166 
LEU CG   C N N 167 
LEU CD1  C N N 168 
LEU CD2  C N N 169 
LEU OXT  O N N 170 
LEU H    H N N 171 
LEU H2   H N N 172 
LEU HA   H N N 173 
LEU HB2  H N N 174 
LEU HB3  H N N 175 
LEU HG   H N N 176 
LEU HD11 H N N 177 
LEU HD12 H N N 178 
LEU HD13 H N N 179 
LEU HD21 H N N 180 
LEU HD22 H N N 181 
LEU HD23 H N N 182 
LEU HXT  H N N 183 
LYS N    N N N 184 
LYS CA   C N S 185 
LYS C    C N N 186 
LYS O    O N N 187 
LYS CB   C N N 188 
LYS CG   C N N 189 
LYS CD   C N N 190 
LYS CE   C N N 191 
LYS NZ   N N N 192 
LYS OXT  O N N 193 
LYS H    H N N 194 
LYS H2   H N N 195 
LYS HA   H N N 196 
LYS HB2  H N N 197 
LYS HB3  H N N 198 
LYS HG2  H N N 199 
LYS HG3  H N N 200 
LYS HD2  H N N 201 
LYS HD3  H N N 202 
LYS HE2  H N N 203 
LYS HE3  H N N 204 
LYS HZ1  H N N 205 
LYS HZ2  H N N 206 
LYS HZ3  H N N 207 
LYS HXT  H N N 208 
MET N    N N N 209 
MET CA   C N S 210 
MET C    C N N 211 
MET O    O N N 212 
MET CB   C N N 213 
MET CG   C N N 214 
MET SD   S N N 215 
MET CE   C N N 216 
MET OXT  O N N 217 
MET H    H N N 218 
MET H2   H N N 219 
MET HA   H N N 220 
MET HB2  H N N 221 
MET HB3  H N N 222 
MET HG2  H N N 223 
MET HG3  H N N 224 
MET HE1  H N N 225 
MET HE2  H N N 226 
MET HE3  H N N 227 
MET HXT  H N N 228 
PHE N    N N N 229 
PHE CA   C N S 230 
PHE C    C N N 231 
PHE O    O N N 232 
PHE CB   C N N 233 
PHE CG   C Y N 234 
PHE CD1  C Y N 235 
PHE CD2  C Y N 236 
PHE CE1  C Y N 237 
PHE CE2  C Y N 238 
PHE CZ   C Y N 239 
PHE OXT  O N N 240 
PHE H    H N N 241 
PHE H2   H N N 242 
PHE HA   H N N 243 
PHE HB2  H N N 244 
PHE HB3  H N N 245 
PHE HD1  H N N 246 
PHE HD2  H N N 247 
PHE HE1  H N N 248 
PHE HE2  H N N 249 
PHE HZ   H N N 250 
PHE HXT  H N N 251 
PRO N    N N N 252 
PRO CA   C N S 253 
PRO C    C N N 254 
PRO O    O N N 255 
PRO CB   C N N 256 
PRO CG   C N N 257 
PRO CD   C N N 258 
PRO OXT  O N N 259 
PRO H    H N N 260 
PRO HA   H N N 261 
PRO HB2  H N N 262 
PRO HB3  H N N 263 
PRO HG2  H N N 264 
PRO HG3  H N N 265 
PRO HD2  H N N 266 
PRO HD3  H N N 267 
PRO HXT  H N N 268 
SER N    N N N 269 
SER CA   C N S 270 
SER C    C N N 271 
SER O    O N N 272 
SER CB   C N N 273 
SER OG   O N N 274 
SER OXT  O N N 275 
SER H    H N N 276 
SER H2   H N N 277 
SER HA   H N N 278 
SER HB2  H N N 279 
SER HB3  H N N 280 
SER HG   H N N 281 
SER HXT  H N N 282 
THR N    N N N 283 
THR CA   C N S 284 
THR C    C N N 285 
THR O    O N N 286 
THR CB   C N R 287 
THR OG1  O N N 288 
THR CG2  C N N 289 
THR OXT  O N N 290 
THR H    H N N 291 
THR H2   H N N 292 
THR HA   H N N 293 
THR HB   H N N 294 
THR HG1  H N N 295 
THR HG21 H N N 296 
THR HG22 H N N 297 
THR HG23 H N N 298 
THR HXT  H N N 299 
TYR N    N N N 300 
TYR CA   C N S 301 
TYR C    C N N 302 
TYR O    O N N 303 
TYR CB   C N N 304 
TYR CG   C Y N 305 
TYR CD1  C Y N 306 
TYR CD2  C Y N 307 
TYR CE1  C Y N 308 
TYR CE2  C Y N 309 
TYR CZ   C Y N 310 
TYR OH   O N N 311 
TYR OXT  O N N 312 
TYR H    H N N 313 
TYR H2   H N N 314 
TYR HA   H N N 315 
TYR HB2  H N N 316 
TYR HB3  H N N 317 
TYR HD1  H N N 318 
TYR HD2  H N N 319 
TYR HE1  H N N 320 
TYR HE2  H N N 321 
TYR HH   H N N 322 
TYR HXT  H N N 323 
VAL N    N N N 324 
VAL CA   C N S 325 
VAL C    C N N 326 
VAL O    O N N 327 
VAL CB   C N N 328 
VAL CG1  C N N 329 
VAL CG2  C N N 330 
VAL OXT  O N N 331 
VAL H    H N N 332 
VAL H2   H N N 333 
VAL HA   H N N 334 
VAL HB   H N N 335 
VAL HG11 H N N 336 
VAL HG12 H N N 337 
VAL HG13 H N N 338 
VAL HG21 H N N 339 
VAL HG22 H N N 340 
VAL HG23 H N N 341 
VAL HXT  H N N 342 
# 
loop_
_chem_comp_bond.comp_id 
_chem_comp_bond.atom_id_1 
_chem_comp_bond.atom_id_2 
_chem_comp_bond.value_order 
_chem_comp_bond.pdbx_aromatic_flag 
_chem_comp_bond.pdbx_stereo_config 
_chem_comp_bond.pdbx_ordinal 
ALA N   CA   sing N N 1   
ALA N   H    sing N N 2   
ALA N   H2   sing N N 3   
ALA CA  C    sing N N 4   
ALA CA  CB   sing N N 5   
ALA CA  HA   sing N N 6   
ALA C   O    doub N N 7   
ALA C   OXT  sing N N 8   
ALA CB  HB1  sing N N 9   
ALA CB  HB2  sing N N 10  
ALA CB  HB3  sing N N 11  
ALA OXT HXT  sing N N 12  
ARG N   CA   sing N N 13  
ARG N   H    sing N N 14  
ARG N   H2   sing N N 15  
ARG CA  C    sing N N 16  
ARG CA  CB   sing N N 17  
ARG CA  HA   sing N N 18  
ARG C   O    doub N N 19  
ARG C   OXT  sing N N 20  
ARG CB  CG   sing N N 21  
ARG CB  HB2  sing N N 22  
ARG CB  HB3  sing N N 23  
ARG CG  CD   sing N N 24  
ARG CG  HG2  sing N N 25  
ARG CG  HG3  sing N N 26  
ARG CD  NE   sing N N 27  
ARG CD  HD2  sing N N 28  
ARG CD  HD3  sing N N 29  
ARG NE  CZ   sing N N 30  
ARG NE  HE   sing N N 31  
ARG CZ  NH1  sing N N 32  
ARG CZ  NH2  doub N N 33  
ARG NH1 HH11 sing N N 34  
ARG NH1 HH12 sing N N 35  
ARG NH2 HH21 sing N N 36  
ARG NH2 HH22 sing N N 37  
ARG OXT HXT  sing N N 38  
ASN N   CA   sing N N 39  
ASN N   H    sing N N 40  
ASN N   H2   sing N N 41  
ASN CA  C    sing N N 42  
ASN CA  CB   sing N N 43  
ASN CA  HA   sing N N 44  
ASN C   O    doub N N 45  
ASN C   OXT  sing N N 46  
ASN CB  CG   sing N N 47  
ASN CB  HB2  sing N N 48  
ASN CB  HB3  sing N N 49  
ASN CG  OD1  doub N N 50  
ASN CG  ND2  sing N N 51  
ASN ND2 HD21 sing N N 52  
ASN ND2 HD22 sing N N 53  
ASN OXT HXT  sing N N 54  
ASP N   CA   sing N N 55  
ASP N   H    sing N N 56  
ASP N   H2   sing N N 57  
ASP CA  C    sing N N 58  
ASP CA  CB   sing N N 59  
ASP CA  HA   sing N N 60  
ASP C   O    doub N N 61  
ASP C   OXT  sing N N 62  
ASP CB  CG   sing N N 63  
ASP CB  HB2  sing N N 64  
ASP CB  HB3  sing N N 65  
ASP CG  OD1  doub N N 66  
ASP CG  OD2  sing N N 67  
ASP OD2 HD2  sing N N 68  
ASP OXT HXT  sing N N 69  
CYS N   CA   sing N N 70  
CYS N   H    sing N N 71  
CYS N   H2   sing N N 72  
CYS CA  C    sing N N 73  
CYS CA  CB   sing N N 74  
CYS CA  HA   sing N N 75  
CYS C   O    doub N N 76  
CYS C   OXT  sing N N 77  
CYS CB  SG   sing N N 78  
CYS CB  HB2  sing N N 79  
CYS CB  HB3  sing N N 80  
CYS SG  HG   sing N N 81  
CYS OXT HXT  sing N N 82  
GLN N   CA   sing N N 83  
GLN N   H    sing N N 84  
GLN N   H2   sing N N 85  
GLN CA  C    sing N N 86  
GLN CA  CB   sing N N 87  
GLN CA  HA   sing N N 88  
GLN C   O    doub N N 89  
GLN C   OXT  sing N N 90  
GLN CB  CG   sing N N 91  
GLN CB  HB2  sing N N 92  
GLN CB  HB3  sing N N 93  
GLN CG  CD   sing N N 94  
GLN CG  HG2  sing N N 95  
GLN CG  HG3  sing N N 96  
GLN CD  OE1  doub N N 97  
GLN CD  NE2  sing N N 98  
GLN NE2 HE21 sing N N 99  
GLN NE2 HE22 sing N N 100 
GLN OXT HXT  sing N N 101 
GLU N   CA   sing N N 102 
GLU N   H    sing N N 103 
GLU N   H2   sing N N 104 
GLU CA  C    sing N N 105 
GLU CA  CB   sing N N 106 
GLU CA  HA   sing N N 107 
GLU C   O    doub N N 108 
GLU C   OXT  sing N N 109 
GLU CB  CG   sing N N 110 
GLU CB  HB2  sing N N 111 
GLU CB  HB3  sing N N 112 
GLU CG  CD   sing N N 113 
GLU CG  HG2  sing N N 114 
GLU CG  HG3  sing N N 115 
GLU CD  OE1  doub N N 116 
GLU CD  OE2  sing N N 117 
GLU OE2 HE2  sing N N 118 
GLU OXT HXT  sing N N 119 
GLY N   CA   sing N N 120 
GLY N   H    sing N N 121 
GLY N   H2   sing N N 122 
GLY CA  C    sing N N 123 
GLY CA  HA2  sing N N 124 
GLY CA  HA3  sing N N 125 
GLY C   O    doub N N 126 
GLY C   OXT  sing N N 127 
GLY OXT HXT  sing N N 128 
HOH O   H1   sing N N 129 
HOH O   H2   sing N N 130 
ILE N   CA   sing N N 131 
ILE N   H    sing N N 132 
ILE N   H2   sing N N 133 
ILE CA  C    sing N N 134 
ILE CA  CB   sing N N 135 
ILE CA  HA   sing N N 136 
ILE C   O    doub N N 137 
ILE C   OXT  sing N N 138 
ILE CB  CG1  sing N N 139 
ILE CB  CG2  sing N N 140 
ILE CB  HB   sing N N 141 
ILE CG1 CD1  sing N N 142 
ILE CG1 HG12 sing N N 143 
ILE CG1 HG13 sing N N 144 
ILE CG2 HG21 sing N N 145 
ILE CG2 HG22 sing N N 146 
ILE CG2 HG23 sing N N 147 
ILE CD1 HD11 sing N N 148 
ILE CD1 HD12 sing N N 149 
ILE CD1 HD13 sing N N 150 
ILE OXT HXT  sing N N 151 
LEU N   CA   sing N N 152 
LEU N   H    sing N N 153 
LEU N   H2   sing N N 154 
LEU CA  C    sing N N 155 
LEU CA  CB   sing N N 156 
LEU CA  HA   sing N N 157 
LEU C   O    doub N N 158 
LEU C   OXT  sing N N 159 
LEU CB  CG   sing N N 160 
LEU CB  HB2  sing N N 161 
LEU CB  HB3  sing N N 162 
LEU CG  CD1  sing N N 163 
LEU CG  CD2  sing N N 164 
LEU CG  HG   sing N N 165 
LEU CD1 HD11 sing N N 166 
LEU CD1 HD12 sing N N 167 
LEU CD1 HD13 sing N N 168 
LEU CD2 HD21 sing N N 169 
LEU CD2 HD22 sing N N 170 
LEU CD2 HD23 sing N N 171 
LEU OXT HXT  sing N N 172 
LYS N   CA   sing N N 173 
LYS N   H    sing N N 174 
LYS N   H2   sing N N 175 
LYS CA  C    sing N N 176 
LYS CA  CB   sing N N 177 
LYS CA  HA   sing N N 178 
LYS C   O    doub N N 179 
LYS C   OXT  sing N N 180 
LYS CB  CG   sing N N 181 
LYS CB  HB2  sing N N 182 
LYS CB  HB3  sing N N 183 
LYS CG  CD   sing N N 184 
LYS CG  HG2  sing N N 185 
LYS CG  HG3  sing N N 186 
LYS CD  CE   sing N N 187 
LYS CD  HD2  sing N N 188 
LYS CD  HD3  sing N N 189 
LYS CE  NZ   sing N N 190 
LYS CE  HE2  sing N N 191 
LYS CE  HE3  sing N N 192 
LYS NZ  HZ1  sing N N 193 
LYS NZ  HZ2  sing N N 194 
LYS NZ  HZ3  sing N N 195 
LYS OXT HXT  sing N N 196 
MET N   CA   sing N N 197 
MET N   H    sing N N 198 
MET N   H2   sing N N 199 
MET CA  C    sing N N 200 
MET CA  CB   sing N N 201 
MET CA  HA   sing N N 202 
MET C   O    doub N N 203 
MET C   OXT  sing N N 204 
MET CB  CG   sing N N 205 
MET CB  HB2  sing N N 206 
MET CB  HB3  sing N N 207 
MET CG  SD   sing N N 208 
MET CG  HG2  sing N N 209 
MET CG  HG3  sing N N 210 
MET SD  CE   sing N N 211 
MET CE  HE1  sing N N 212 
MET CE  HE2  sing N N 213 
MET CE  HE3  sing N N 214 
MET OXT HXT  sing N N 215 
PHE N   CA   sing N N 216 
PHE N   H    sing N N 217 
PHE N   H2   sing N N 218 
PHE CA  C    sing N N 219 
PHE CA  CB   sing N N 220 
PHE CA  HA   sing N N 221 
PHE C   O    doub N N 222 
PHE C   OXT  sing N N 223 
PHE CB  CG   sing N N 224 
PHE CB  HB2  sing N N 225 
PHE CB  HB3  sing N N 226 
PHE CG  CD1  doub Y N 227 
PHE CG  CD2  sing Y N 228 
PHE CD1 CE1  sing Y N 229 
PHE CD1 HD1  sing N N 230 
PHE CD2 CE2  doub Y N 231 
PHE CD2 HD2  sing N N 232 
PHE CE1 CZ   doub Y N 233 
PHE CE1 HE1  sing N N 234 
PHE CE2 CZ   sing Y N 235 
PHE CE2 HE2  sing N N 236 
PHE CZ  HZ   sing N N 237 
PHE OXT HXT  sing N N 238 
PRO N   CA   sing N N 239 
PRO N   CD   sing N N 240 
PRO N   H    sing N N 241 
PRO CA  C    sing N N 242 
PRO CA  CB   sing N N 243 
PRO CA  HA   sing N N 244 
PRO C   O    doub N N 245 
PRO C   OXT  sing N N 246 
PRO CB  CG   sing N N 247 
PRO CB  HB2  sing N N 248 
PRO CB  HB3  sing N N 249 
PRO CG  CD   sing N N 250 
PRO CG  HG2  sing N N 251 
PRO CG  HG3  sing N N 252 
PRO CD  HD2  sing N N 253 
PRO CD  HD3  sing N N 254 
PRO OXT HXT  sing N N 255 
SER N   CA   sing N N 256 
SER N   H    sing N N 257 
SER N   H2   sing N N 258 
SER CA  C    sing N N 259 
SER CA  CB   sing N N 260 
SER CA  HA   sing N N 261 
SER C   O    doub N N 262 
SER C   OXT  sing N N 263 
SER CB  OG   sing N N 264 
SER CB  HB2  sing N N 265 
SER CB  HB3  sing N N 266 
SER OG  HG   sing N N 267 
SER OXT HXT  sing N N 268 
THR N   CA   sing N N 269 
THR N   H    sing N N 270 
THR N   H2   sing N N 271 
THR CA  C    sing N N 272 
THR CA  CB   sing N N 273 
THR CA  HA   sing N N 274 
THR C   O    doub N N 275 
THR C   OXT  sing N N 276 
THR CB  OG1  sing N N 277 
THR CB  CG2  sing N N 278 
THR CB  HB   sing N N 279 
THR OG1 HG1  sing N N 280 
THR CG2 HG21 sing N N 281 
THR CG2 HG22 sing N N 282 
THR CG2 HG23 sing N N 283 
THR OXT HXT  sing N N 284 
TYR N   CA   sing N N 285 
TYR N   H    sing N N 286 
TYR N   H2   sing N N 287 
TYR CA  C    sing N N 288 
TYR CA  CB   sing N N 289 
TYR CA  HA   sing N N 290 
TYR C   O    doub N N 291 
TYR C   OXT  sing N N 292 
TYR CB  CG   sing N N 293 
TYR CB  HB2  sing N N 294 
TYR CB  HB3  sing N N 295 
TYR CG  CD1  doub Y N 296 
TYR CG  CD2  sing Y N 297 
TYR CD1 CE1  sing Y N 298 
TYR CD1 HD1  sing N N 299 
TYR CD2 CE2  doub Y N 300 
TYR CD2 HD2  sing N N 301 
TYR CE1 CZ   doub Y N 302 
TYR CE1 HE1  sing N N 303 
TYR CE2 CZ   sing Y N 304 
TYR CE2 HE2  sing N N 305 
TYR CZ  OH   sing N N 306 
TYR OH  HH   sing N N 307 
TYR OXT HXT  sing N N 308 
VAL N   CA   sing N N 309 
VAL N   H    sing N N 310 
VAL N   H2   sing N N 311 
VAL CA  C    sing N N 312 
VAL CA  CB   sing N N 313 
VAL CA  HA   sing N N 314 
VAL C   O    doub N N 315 
VAL C   OXT  sing N N 316 
VAL CB  CG1  sing N N 317 
VAL CB  CG2  sing N N 318 
VAL CB  HB   sing N N 319 
VAL CG1 HG11 sing N N 320 
VAL CG1 HG12 sing N N 321 
VAL CG1 HG13 sing N N 322 
VAL CG2 HG21 sing N N 323 
VAL CG2 HG22 sing N N 324 
VAL CG2 HG23 sing N N 325 
VAL OXT HXT  sing N N 326 
# 
_pdbx_entity_nonpoly.entity_id   2 
_pdbx_entity_nonpoly.name        water 
_pdbx_entity_nonpoly.comp_id     HOH 
# 
_pdbx_initial_refinement_model.id               1 
_pdbx_initial_refinement_model.entity_id_list   ? 
_pdbx_initial_refinement_model.type             'experimental model' 
_pdbx_initial_refinement_model.source_name      PDB 
_pdbx_initial_refinement_model.accession_code   4L9F 
_pdbx_initial_refinement_model.details          'PDB entry 4L9F' 
# 
